data_7QFZ
#
_entry.id   7QFZ
#
_cell.length_a   131.125
_cell.length_b   131.125
_cell.length_c   358.359
_cell.angle_alpha   90.000
_cell.angle_beta   90.000
_cell.angle_gamma   90.000
#
_symmetry.space_group_name_H-M   'P 41 2 2'
#
loop_
_entity.id
_entity.type
_entity.pdbx_description
1 polymer 'WYL domain-containing protein'
2 non-polymer 'SULFATE ION'
3 water water
#
_entity_poly.entity_id   1
_entity_poly.type   'polypeptide(L)'
_entity_poly.pdbx_seq_one_letter_code
;MQDNTGLEELSQAQRERLAHIDFTLLFKGEAGRSYLTERFSVAPSVATQDFARYKALAPNNVMYDEKRRVHLKTSTFQPL
FDYDIVRTLATISQGFGDGFLGKVRPPMACEAPFHLNKPKLEVVAAISEAIHKRAVINIEYTSLSSGHGSRQIVPHTLID
NGLRWHVRAFDRKHREFRDFVLTRISEVELLEDKVNDEVETLQWDKQWNRIVELELIPHPKLAHPEAVLIDYAMENNRLR
VEIRAAFAGYLLRLWNIDCSKNSKSNGREFHLALKNPEALYGVDNAALAPGYSES
;
_entity_poly.pdbx_strand_id   A,B,C,D,E,F,G,H
#
# COMPACT_ATOMS: atom_id res chain seq x y z
N LEU A 7 -56.86 12.22 4.73
CA LEU A 7 -55.65 11.92 5.49
C LEU A 7 -54.41 12.56 4.85
N GLU A 8 -54.37 12.58 3.52
CA GLU A 8 -53.23 13.14 2.80
C GLU A 8 -53.31 14.65 2.64
N GLU A 9 -54.50 15.23 2.85
CA GLU A 9 -54.69 16.67 2.83
C GLU A 9 -54.02 17.37 4.02
N LEU A 10 -53.56 16.62 5.01
CA LEU A 10 -53.13 17.19 6.27
C LEU A 10 -51.68 17.63 6.21
N SER A 11 -51.29 18.44 7.19
CA SER A 11 -49.91 18.82 7.30
C SER A 11 -49.07 17.62 7.74
N GLN A 12 -47.77 17.67 7.44
CA GLN A 12 -46.89 16.61 7.90
C GLN A 12 -46.97 16.50 9.42
N ALA A 13 -46.96 17.65 10.11
CA ALA A 13 -47.05 17.64 11.57
C ALA A 13 -48.33 16.96 12.04
N GLN A 14 -49.41 17.13 11.30
CA GLN A 14 -50.68 16.56 11.72
C GLN A 14 -50.69 15.06 11.52
N ARG A 15 -50.09 14.57 10.43
CA ARG A 15 -49.96 13.13 10.25
C ARG A 15 -49.07 12.51 11.31
N GLU A 16 -47.97 13.18 11.67
CA GLU A 16 -47.08 12.63 12.69
C GLU A 16 -47.80 12.50 14.03
N ARG A 17 -48.63 13.48 14.37
CA ARG A 17 -49.35 13.39 15.63
C ARG A 17 -50.48 12.36 15.56
N LEU A 18 -51.12 12.20 14.40
CA LEU A 18 -52.07 11.11 14.26
C LEU A 18 -51.38 9.76 14.41
N ALA A 19 -50.21 9.60 13.79
CA ALA A 19 -49.51 8.32 13.88
C ALA A 19 -49.07 8.03 15.31
N HIS A 20 -48.74 9.07 16.08
CA HIS A 20 -48.43 8.88 17.48
C HIS A 20 -49.64 8.43 18.28
N ILE A 21 -50.84 8.88 17.91
CA ILE A 21 -52.07 8.38 18.53
C ILE A 21 -52.26 6.91 18.19
N ASP A 22 -52.14 6.60 16.90
CA ASP A 22 -52.24 5.22 16.43
C ASP A 22 -51.26 4.35 17.21
N PHE A 23 -50.00 4.80 17.31
CA PHE A 23 -48.96 4.00 17.98
C PHE A 23 -49.29 3.80 19.45
N THR A 24 -49.72 4.88 20.13
CA THR A 24 -49.96 4.80 21.57
C THR A 24 -51.14 3.88 21.86
N LEU A 25 -52.18 3.95 21.04
CA LEU A 25 -53.30 3.03 21.19
C LEU A 25 -52.88 1.59 20.95
N LEU A 26 -52.00 1.37 19.97
CA LEU A 26 -51.59 0.01 19.62
C LEU A 26 -50.70 -0.58 20.70
N PHE A 27 -49.77 0.21 21.23
CA PHE A 27 -48.76 -0.33 22.13
C PHE A 27 -49.07 -0.15 23.61
N LYS A 28 -49.95 0.78 23.95
CA LYS A 28 -50.47 0.89 25.29
C LYS A 28 -51.97 0.67 25.19
N GLY A 29 -52.63 0.54 26.30
CA GLY A 29 -54.00 0.30 25.84
C GLY A 29 -54.80 1.51 25.37
N GLU A 30 -54.18 2.68 25.28
CA GLU A 30 -54.92 3.92 25.47
C GLU A 30 -54.09 5.09 25.00
N ALA A 31 -54.76 6.24 24.85
CA ALA A 31 -54.08 7.46 24.47
C ALA A 31 -54.89 8.66 24.97
N GLY A 32 -54.20 9.63 25.54
CA GLY A 32 -54.83 10.85 25.99
C GLY A 32 -54.10 12.08 25.46
N ARG A 33 -54.71 13.24 25.74
CA ARG A 33 -54.13 14.50 25.28
C ARG A 33 -52.72 14.71 25.85
N SER A 34 -52.45 14.18 27.05
CA SER A 34 -51.13 14.38 27.64
C SER A 34 -50.03 13.70 26.83
N TYR A 35 -50.32 12.56 26.19
CA TYR A 35 -49.30 11.94 25.34
C TYR A 35 -48.88 12.89 24.22
N LEU A 36 -49.84 13.61 23.63
CA LEU A 36 -49.51 14.48 22.51
C LEU A 36 -48.80 15.75 22.96
N THR A 37 -49.24 16.36 24.06
CA THR A 37 -48.55 17.55 24.55
C THR A 37 -47.16 17.23 25.07
N GLU A 38 -46.97 16.07 25.67
CA GLU A 38 -45.62 15.69 26.09
C GLU A 38 -44.72 15.47 24.87
N ARG A 39 -45.21 14.69 23.91
CA ARG A 39 -44.36 14.31 22.78
C ARG A 39 -44.11 15.49 21.85
N PHE A 40 -45.12 16.33 21.60
CA PHE A 40 -45.03 17.35 20.57
C PHE A 40 -45.08 18.78 21.10
N SER A 41 -45.34 18.98 22.39
CA SER A 41 -45.45 20.33 22.96
C SER A 41 -46.49 21.16 22.22
N VAL A 42 -47.55 20.51 21.75
CA VAL A 42 -48.68 21.24 21.22
C VAL A 42 -49.61 21.62 22.37
N ALA A 43 -50.46 22.60 22.11
CA ALA A 43 -51.43 23.02 23.10
C ALA A 43 -52.47 21.93 23.34
N PRO A 44 -53.01 21.84 24.55
CA PRO A 44 -54.10 20.88 24.80
C PRO A 44 -55.22 20.96 23.78
N SER A 45 -55.54 22.16 23.32
CA SER A 45 -56.57 22.30 22.30
C SER A 45 -56.13 21.70 20.98
N VAL A 46 -54.82 21.70 20.69
CA VAL A 46 -54.36 21.06 19.46
C VAL A 46 -54.54 19.55 19.57
N ALA A 47 -54.19 18.98 20.72
CA ALA A 47 -54.35 17.54 20.94
C ALA A 47 -55.80 17.12 20.79
N THR A 48 -56.74 17.94 21.28
CA THR A 48 -58.15 17.62 21.16
C THR A 48 -58.56 17.50 19.70
N GLN A 49 -58.06 18.41 18.86
CA GLN A 49 -58.35 18.34 17.43
C GLN A 49 -57.72 17.10 16.80
N ASP A 50 -56.53 16.73 17.27
CA ASP A 50 -55.87 15.53 16.76
C ASP A 50 -56.76 14.30 16.99
N PHE A 51 -57.28 14.15 18.20
CA PHE A 51 -58.13 13.00 18.50
C PHE A 51 -59.39 13.01 17.66
N ALA A 52 -59.96 14.20 17.43
CA ALA A 52 -61.13 14.32 16.56
C ALA A 52 -60.81 13.87 15.15
N ARG A 53 -59.65 14.30 14.61
CA ARG A 53 -59.24 13.80 13.29
C ARG A 53 -59.04 12.30 13.33
N TYR A 54 -58.49 11.77 14.43
CA TYR A 54 -58.30 10.33 14.50
C TYR A 54 -59.63 9.59 14.54
N LYS A 55 -60.56 10.05 15.40
CA LYS A 55 -61.87 9.41 15.48
C LYS A 55 -62.58 9.44 14.13
N ALA A 56 -62.46 10.56 13.41
CA ALA A 56 -63.05 10.65 12.08
C ALA A 56 -62.40 9.66 11.11
N LEU A 57 -61.08 9.46 11.21
CA LEU A 57 -60.41 8.58 10.25
C LEU A 57 -60.55 7.11 10.63
N ALA A 58 -60.67 6.77 11.91
CA ALA A 58 -60.76 5.39 12.35
C ALA A 58 -61.72 5.27 13.54
N PRO A 59 -63.03 5.44 13.30
CA PRO A 59 -63.96 5.48 14.44
C PRO A 59 -64.05 4.17 15.20
N ASN A 60 -63.84 3.04 14.54
CA ASN A 60 -63.93 1.75 15.19
C ASN A 60 -62.63 1.33 15.87
N ASN A 61 -61.60 2.20 15.89
CA ASN A 61 -60.37 1.92 16.60
C ASN A 61 -60.40 2.37 18.05
N VAL A 62 -61.27 3.32 18.41
CA VAL A 62 -61.16 3.99 19.69
C VAL A 62 -62.55 4.10 20.29
N MET A 63 -62.61 3.96 21.61
CA MET A 63 -63.78 4.26 22.40
C MET A 63 -63.31 5.15 23.52
N TYR A 64 -64.10 6.14 23.86
CA TYR A 64 -63.67 7.13 24.83
C TYR A 64 -64.08 6.72 26.23
N ASP A 65 -63.24 7.03 27.19
CA ASP A 65 -63.52 6.76 28.59
C ASP A 65 -63.68 8.08 29.30
N GLU A 66 -64.88 8.30 29.81
CA GLU A 66 -65.25 9.59 30.38
C GLU A 66 -64.58 9.83 31.72
N LYS A 67 -64.48 8.79 32.54
CA LYS A 67 -63.85 8.98 33.84
C LYS A 67 -62.42 9.48 33.72
N ARG A 68 -61.55 8.72 33.06
CA ARG A 68 -60.13 9.06 33.07
C ARG A 68 -59.75 10.01 31.94
N ARG A 69 -60.67 10.29 31.01
CA ARG A 69 -60.43 11.18 29.88
C ARG A 69 -59.29 10.67 28.99
N VAL A 70 -59.29 9.37 28.73
CA VAL A 70 -58.38 8.75 27.79
C VAL A 70 -59.20 8.04 26.74
N HIS A 71 -58.66 7.95 25.55
CA HIS A 71 -59.25 7.16 24.48
C HIS A 71 -58.71 5.73 24.59
N LEU A 72 -59.62 4.76 24.48
CA LEU A 72 -59.29 3.36 24.68
C LEU A 72 -59.24 2.62 23.36
N LYS A 73 -58.29 1.69 23.24
CA LYS A 73 -58.22 0.79 22.10
C LYS A 73 -59.38 -0.19 22.11
N THR A 74 -60.08 -0.32 20.98
CA THR A 74 -61.19 -1.26 20.90
C THR A 74 -60.72 -2.68 20.55
N SER A 75 -61.65 -3.63 20.67
CA SER A 75 -61.37 -5.00 20.28
C SER A 75 -61.24 -5.19 18.76
N THR A 76 -61.69 -4.22 17.98
CA THR A 76 -61.61 -4.32 16.52
C THR A 76 -60.54 -3.42 15.92
N PHE A 77 -59.58 -2.98 16.74
CA PHE A 77 -58.56 -2.03 16.30
C PHE A 77 -57.80 -2.52 15.08
N GLN A 78 -57.65 -1.66 14.08
CA GLN A 78 -56.74 -1.93 12.98
C GLN A 78 -55.88 -0.69 12.80
N PRO A 79 -54.56 -0.83 12.74
CA PRO A 79 -53.67 0.33 12.69
C PRO A 79 -54.03 1.21 11.50
N LEU A 80 -54.05 2.53 11.76
CA LEU A 80 -54.36 3.49 10.72
C LEU A 80 -53.22 3.66 9.74
N PHE A 81 -51.98 3.37 10.14
CA PHE A 81 -50.80 3.57 9.31
C PHE A 81 -50.03 2.27 9.14
N ASP A 82 -49.19 2.22 8.11
CA ASP A 82 -48.19 1.18 8.00
C ASP A 82 -46.97 1.60 8.79
N TYR A 83 -46.31 0.64 9.42
CA TYR A 83 -45.16 0.92 10.28
C TYR A 83 -43.88 0.37 9.65
N ASP A 84 -42.81 1.14 9.75
CA ASP A 84 -41.48 0.57 9.52
C ASP A 84 -41.14 -0.25 10.76
N ILE A 85 -41.14 -1.58 10.64
CA ILE A 85 -41.04 -2.41 11.84
C ILE A 85 -39.65 -2.28 12.45
N VAL A 86 -38.60 -2.19 11.62
CA VAL A 86 -37.26 -2.02 12.17
C VAL A 86 -37.17 -0.71 12.94
N ARG A 87 -37.64 0.39 12.33
CA ARG A 87 -37.52 1.69 12.98
C ARG A 87 -38.45 1.79 14.19
N THR A 88 -39.64 1.21 14.08
CA THR A 88 -40.57 1.22 15.20
C THR A 88 -39.99 0.47 16.40
N LEU A 89 -39.37 -0.69 16.16
CA LEU A 89 -38.72 -1.40 17.26
C LEU A 89 -37.52 -0.62 17.82
N ALA A 90 -36.82 0.15 16.98
CA ALA A 90 -35.76 0.99 17.52
C ALA A 90 -36.33 2.07 18.43
N THR A 91 -37.44 2.69 18.02
CA THR A 91 -38.06 3.75 18.81
C THR A 91 -38.48 3.25 20.20
N ILE A 92 -39.14 2.08 20.29
CA ILE A 92 -39.64 1.62 21.59
C ILE A 92 -38.52 1.12 22.48
N SER A 93 -37.35 0.81 21.90
CA SER A 93 -36.20 0.40 22.70
C SER A 93 -35.16 1.52 22.84
N GLN A 94 -35.41 2.69 22.27
CA GLN A 94 -34.44 3.78 22.36
C GLN A 94 -35.04 5.09 22.87
N GLY A 95 -36.20 5.48 22.33
CA GLY A 95 -36.77 6.78 22.62
C GLY A 95 -37.31 7.44 21.37
N PHE A 96 -37.97 8.61 21.51
CA PHE A 96 -38.83 9.15 20.45
C PHE A 96 -38.20 10.12 19.47
N GLY A 97 -37.09 10.75 19.71
CA GLY A 97 -36.62 11.67 18.70
C GLY A 97 -35.81 11.00 17.58
N ASP A 98 -35.14 11.85 16.78
CA ASP A 98 -34.07 11.37 15.91
C ASP A 98 -32.75 11.24 16.65
N GLY A 99 -32.66 11.71 17.89
CA GLY A 99 -31.46 11.60 18.66
C GLY A 99 -30.60 12.85 18.69
N PHE A 100 -30.96 13.89 17.94
CA PHE A 100 -30.09 15.04 17.79
C PHE A 100 -30.24 16.07 18.91
N LEU A 101 -31.22 15.92 19.80
CA LEU A 101 -31.51 16.90 20.85
C LEU A 101 -31.21 16.37 22.25
N GLY A 102 -30.28 15.44 22.39
CA GLY A 102 -29.86 14.95 23.68
C GLY A 102 -30.38 13.54 23.96
N LYS A 103 -29.93 13.02 25.10
CA LYS A 103 -30.25 11.66 25.51
C LYS A 103 -31.77 11.45 25.50
N VAL A 104 -32.19 10.30 25.00
CA VAL A 104 -33.60 9.94 25.05
C VAL A 104 -33.70 8.62 25.78
N ARG A 105 -34.91 8.32 26.22
CA ARG A 105 -35.13 7.10 26.99
C ARG A 105 -36.32 6.35 26.43
N PRO A 106 -36.30 5.03 26.53
CA PRO A 106 -37.39 4.21 25.99
C PRO A 106 -38.72 4.60 26.60
N PRO A 107 -39.78 4.66 25.80
CA PRO A 107 -41.09 5.04 26.32
C PRO A 107 -41.86 3.90 26.98
N MET A 108 -41.19 2.82 27.39
CA MET A 108 -41.90 1.67 27.93
C MET A 108 -40.87 0.73 28.55
N ALA A 109 -41.35 -0.34 29.18
CA ALA A 109 -40.47 -1.34 29.78
C ALA A 109 -39.84 -2.18 28.67
N CYS A 110 -38.81 -1.62 28.06
CA CYS A 110 -38.14 -2.29 26.97
C CYS A 110 -36.65 -2.06 27.07
N GLU A 111 -35.86 -3.14 27.01
CA GLU A 111 -34.42 -3.02 27.15
C GLU A 111 -33.75 -3.58 25.91
N ALA A 112 -32.58 -3.03 25.60
CA ALA A 112 -31.73 -3.49 24.52
C ALA A 112 -30.31 -3.56 25.07
N PRO A 113 -29.98 -4.64 25.77
CA PRO A 113 -28.72 -4.70 26.53
C PRO A 113 -27.51 -5.11 25.72
N PHE A 114 -27.60 -5.22 24.39
CA PHE A 114 -26.48 -5.79 23.65
C PHE A 114 -25.45 -4.76 23.22
N HIS A 115 -25.70 -3.47 23.46
CA HIS A 115 -24.76 -2.44 23.03
C HIS A 115 -23.58 -2.39 23.98
N LEU A 116 -22.38 -2.45 23.44
CA LEU A 116 -21.22 -2.04 24.20
C LEU A 116 -20.91 -0.62 23.71
N ASN A 117 -19.70 -0.13 23.93
CA ASN A 117 -19.45 1.22 23.46
C ASN A 117 -19.63 1.47 21.96
N LYS A 118 -19.95 2.71 21.63
CA LYS A 118 -20.23 3.19 20.28
C LYS A 118 -19.08 4.04 19.81
N PRO A 119 -18.91 4.18 18.50
CA PRO A 119 -17.90 5.10 17.98
C PRO A 119 -18.16 6.53 18.44
N LYS A 120 -17.10 7.33 18.49
CA LYS A 120 -17.23 8.75 18.80
C LYS A 120 -17.98 9.48 17.70
N LEU A 121 -18.88 10.38 18.12
CA LEU A 121 -19.67 11.18 17.20
C LEU A 121 -18.80 11.82 16.12
N GLU A 122 -17.66 12.41 16.51
CA GLU A 122 -16.82 13.12 15.55
C GLU A 122 -16.17 12.18 14.54
N VAL A 123 -15.82 10.96 14.97
CA VAL A 123 -15.21 10.01 14.06
C VAL A 123 -16.24 9.54 13.02
N VAL A 124 -17.45 9.18 13.45
CA VAL A 124 -18.50 8.78 12.49
C VAL A 124 -18.87 9.92 11.58
N ALA A 125 -18.99 11.13 12.13
CA ALA A 125 -19.37 12.29 11.31
C ALA A 125 -18.31 12.59 10.26
N ALA A 126 -17.03 12.51 10.63
CA ALA A 126 -15.96 12.82 9.68
C ALA A 126 -15.90 11.81 8.54
N ILE A 127 -16.06 10.51 8.87
CA ILE A 127 -16.10 9.49 7.83
C ILE A 127 -17.33 9.66 6.97
N SER A 128 -18.47 9.94 7.59
CA SER A 128 -19.69 10.23 6.84
C SER A 128 -19.50 11.41 5.90
N GLU A 129 -18.85 12.47 6.39
CA GLU A 129 -18.58 13.62 5.55
C GLU A 129 -17.71 13.25 4.35
N ALA A 130 -16.66 12.46 4.59
CA ALA A 130 -15.76 12.06 3.52
C ALA A 130 -16.48 11.19 2.48
N ILE A 131 -17.36 10.29 2.92
CA ILE A 131 -18.13 9.50 1.97
C ILE A 131 -18.99 10.41 1.10
N HIS A 132 -19.70 11.35 1.74
CA HIS A 132 -20.58 12.25 1.01
C HIS A 132 -19.80 13.09 0.00
N LYS A 133 -18.62 13.58 0.38
CA LYS A 133 -17.80 14.42 -0.48
C LYS A 133 -16.94 13.62 -1.44
N ARG A 134 -16.99 12.29 -1.39
CA ARG A 134 -16.15 11.44 -2.25
C ARG A 134 -14.67 11.76 -2.07
N ALA A 135 -14.25 11.96 -0.84
CA ALA A 135 -12.90 12.42 -0.53
C ALA A 135 -12.04 11.27 -0.05
N VAL A 136 -10.73 11.50 -0.06
CA VAL A 136 -9.72 10.69 0.59
C VAL A 136 -9.57 11.20 2.01
N ILE A 137 -9.35 10.30 2.96
CA ILE A 137 -9.05 10.75 4.31
C ILE A 137 -7.80 10.04 4.78
N ASN A 138 -7.03 10.76 5.59
CA ASN A 138 -5.97 10.17 6.38
C ASN A 138 -6.54 9.83 7.74
N ILE A 139 -6.22 8.62 8.23
CA ILE A 139 -6.68 8.17 9.52
C ILE A 139 -5.50 7.61 10.27
N GLU A 140 -5.63 7.61 11.59
CA GLU A 140 -4.84 6.75 12.45
C GLU A 140 -5.69 5.55 12.83
N TYR A 141 -5.07 4.38 12.84
CA TYR A 141 -5.81 3.15 13.03
C TYR A 141 -4.95 2.18 13.80
N THR A 142 -5.54 1.53 14.79
CA THR A 142 -4.85 0.50 15.54
C THR A 142 -5.48 -0.82 15.14
N SER A 143 -4.77 -1.61 14.35
CA SER A 143 -5.30 -2.86 13.83
C SER A 143 -4.84 -4.00 14.71
N LEU A 144 -5.60 -5.09 14.66
CA LEU A 144 -5.19 -6.30 15.36
C LEU A 144 -4.00 -6.96 14.70
N SER A 145 -3.84 -6.76 13.39
CA SER A 145 -2.81 -7.52 12.72
C SER A 145 -1.45 -6.87 12.88
N SER A 146 -1.39 -5.54 12.93
CA SER A 146 -0.10 -4.85 13.00
C SER A 146 0.00 -3.71 14.00
N GLY A 147 -0.98 -3.48 14.86
CA GLY A 147 -0.92 -2.40 15.83
C GLY A 147 -1.23 -1.04 15.23
N HIS A 148 -0.72 0.00 15.91
CA HIS A 148 -1.02 1.38 15.56
C HIS A 148 -0.31 1.85 14.29
N GLY A 149 -0.98 2.72 13.53
CA GLY A 149 -0.36 3.26 12.33
C GLY A 149 -1.25 4.32 11.71
N SER A 150 -0.75 4.89 10.60
CA SER A 150 -1.46 5.89 9.80
C SER A 150 -1.61 5.36 8.39
N ARG A 151 -2.60 5.88 7.68
CA ARG A 151 -2.81 5.46 6.30
C ARG A 151 -3.86 6.32 5.66
N GLN A 152 -3.87 6.34 4.34
CA GLN A 152 -4.91 6.98 3.56
C GLN A 152 -5.92 5.92 3.12
N ILE A 153 -7.21 6.26 3.19
CA ILE A 153 -8.27 5.34 2.76
C ILE A 153 -9.30 6.11 1.96
N VAL A 154 -10.02 5.39 1.11
CA VAL A 154 -11.10 5.98 0.32
C VAL A 154 -12.42 5.33 0.74
N PRO A 155 -13.14 5.92 1.67
CA PRO A 155 -14.32 5.27 2.23
C PRO A 155 -15.50 5.38 1.29
N HIS A 156 -16.35 4.34 1.27
CA HIS A 156 -17.57 4.46 0.48
C HIS A 156 -18.87 4.11 1.22
N THR A 157 -18.84 3.35 2.31
CA THR A 157 -20.05 2.97 3.03
C THR A 157 -19.76 2.79 4.52
N LEU A 158 -20.70 3.24 5.34
CA LEU A 158 -20.69 2.97 6.79
C LEU A 158 -21.55 1.75 7.08
N ILE A 159 -21.08 0.92 8.02
CA ILE A 159 -21.74 -0.34 8.32
C ILE A 159 -21.94 -0.46 9.83
N ASP A 160 -23.19 -0.68 10.24
CA ASP A 160 -23.47 -1.23 11.59
C ASP A 160 -23.50 -2.73 11.41
N ASN A 161 -22.42 -3.42 11.76
CA ASN A 161 -22.47 -4.87 11.64
C ASN A 161 -23.00 -5.36 12.98
N GLY A 162 -23.15 -6.64 13.20
CA GLY A 162 -23.83 -7.01 14.43
C GLY A 162 -23.29 -6.31 15.68
N LEU A 163 -21.97 -6.21 15.79
CA LEU A 163 -21.24 -5.92 17.02
C LEU A 163 -20.67 -4.52 17.11
N ARG A 164 -19.99 -4.08 16.04
CA ARG A 164 -19.30 -2.81 16.00
C ARG A 164 -19.77 -2.04 14.78
N TRP A 165 -19.27 -0.82 14.64
CA TRP A 165 -19.42 -0.05 13.42
C TRP A 165 -18.11 -0.10 12.64
N HIS A 166 -18.19 -0.25 11.31
CA HIS A 166 -16.99 -0.15 10.50
C HIS A 166 -17.28 0.64 9.22
N VAL A 167 -16.20 1.02 8.54
CA VAL A 167 -16.31 1.69 7.24
C VAL A 167 -15.71 0.77 6.18
N ARG A 168 -16.43 0.62 5.08
CA ARG A 168 -15.89 -0.12 3.95
C ARG A 168 -15.09 0.84 3.10
N ALA A 169 -13.85 0.50 2.81
CA ALA A 169 -13.02 1.52 2.17
C ALA A 169 -11.92 0.84 1.37
N PHE A 170 -11.39 1.58 0.38
CA PHE A 170 -10.14 1.17 -0.27
C PHE A 170 -8.96 1.64 0.57
N ASP A 171 -8.13 0.70 0.99
CA ASP A 171 -6.97 1.03 1.82
C ASP A 171 -5.74 1.31 0.95
N ARG A 172 -5.24 2.55 0.98
CA ARG A 172 -4.06 2.83 0.15
C ARG A 172 -2.78 2.24 0.71
N LYS A 173 -2.74 1.87 1.98
CA LYS A 173 -1.53 1.26 2.51
C LYS A 173 -1.22 -0.05 1.80
N HIS A 174 -2.20 -0.95 1.73
CA HIS A 174 -2.01 -2.23 1.05
C HIS A 174 -2.80 -2.33 -0.25
N ARG A 175 -3.42 -1.25 -0.70
CA ARG A 175 -4.10 -1.20 -2.00
C ARG A 175 -5.14 -2.33 -2.13
N GLU A 176 -6.09 -2.34 -1.20
CA GLU A 176 -7.14 -3.32 -1.22
C GLU A 176 -8.35 -2.73 -0.53
N PHE A 177 -9.54 -3.18 -0.93
CA PHE A 177 -10.75 -2.82 -0.21
C PHE A 177 -10.83 -3.61 1.07
N ARG A 178 -11.37 -2.98 2.12
CA ARG A 178 -11.13 -3.46 3.48
C ARG A 178 -12.13 -2.79 4.43
N ASP A 179 -12.35 -3.43 5.59
CA ASP A 179 -13.16 -2.86 6.67
C ASP A 179 -12.25 -2.21 7.68
N PHE A 180 -12.69 -1.07 8.21
CA PHE A 180 -12.00 -0.41 9.33
C PHE A 180 -12.99 -0.18 10.45
N VAL A 181 -12.74 -0.78 11.62
CA VAL A 181 -13.61 -0.62 12.78
C VAL A 181 -13.52 0.82 13.29
N LEU A 182 -14.67 1.48 13.41
CA LEU A 182 -14.67 2.91 13.72
C LEU A 182 -14.12 3.20 15.10
N THR A 183 -14.34 2.32 16.07
CA THR A 183 -13.81 2.63 17.39
C THR A 183 -12.30 2.45 17.47
N ARG A 184 -11.66 1.98 16.41
CA ARG A 184 -10.21 1.93 16.38
C ARG A 184 -9.63 3.00 15.48
N ILE A 185 -10.47 3.89 14.95
CA ILE A 185 -10.01 5.06 14.21
C ILE A 185 -9.86 6.20 15.19
N SER A 186 -8.67 6.81 15.24
CA SER A 186 -8.35 7.79 16.29
C SER A 186 -8.47 9.22 15.81
N GLU A 187 -8.08 9.48 14.58
CA GLU A 187 -8.10 10.81 13.99
C GLU A 187 -8.60 10.65 12.57
N VAL A 188 -9.33 11.64 12.07
CA VAL A 188 -9.76 11.65 10.67
C VAL A 188 -9.45 13.03 10.10
N GLU A 189 -8.74 13.05 8.97
CA GLU A 189 -8.39 14.30 8.30
C GLU A 189 -8.82 14.21 6.84
N LEU A 190 -9.75 15.07 6.46
CA LEU A 190 -10.17 15.17 5.07
C LEU A 190 -9.02 15.74 4.24
N LEU A 191 -8.70 15.07 3.13
CA LEU A 191 -7.61 15.44 2.25
C LEU A 191 -8.17 15.91 0.92
N GLU A 192 -7.34 16.61 0.14
CA GLU A 192 -7.71 17.01 -1.20
C GLU A 192 -7.17 16.08 -2.28
N ASP A 193 -6.40 15.06 -1.92
CA ASP A 193 -5.86 14.13 -2.92
C ASP A 193 -6.97 13.57 -3.80
N LYS A 194 -6.61 13.26 -5.04
CA LYS A 194 -7.55 12.77 -6.04
C LYS A 194 -7.92 11.31 -5.79
N VAL A 195 -9.20 10.99 -5.98
CA VAL A 195 -9.63 9.60 -5.96
C VAL A 195 -9.39 9.02 -7.35
N ASN A 196 -8.79 7.84 -7.42
CA ASN A 196 -8.65 7.14 -8.69
C ASN A 196 -9.93 6.37 -8.95
N ASP A 197 -10.82 6.93 -9.75
CA ASP A 197 -12.09 6.26 -9.98
C ASP A 197 -11.97 5.02 -10.84
N GLU A 198 -10.78 4.54 -11.18
CA GLU A 198 -10.62 3.27 -11.86
C GLU A 198 -10.13 2.17 -10.94
N VAL A 199 -9.83 2.47 -9.68
CA VAL A 199 -9.27 1.47 -8.79
C VAL A 199 -9.97 1.45 -7.43
N GLU A 200 -10.30 2.64 -6.93
CA GLU A 200 -10.56 2.88 -5.52
C GLU A 200 -12.02 3.09 -5.18
N THR A 201 -12.89 3.22 -6.17
CA THR A 201 -14.28 3.53 -5.92
C THR A 201 -15.10 2.24 -5.77
N LEU A 202 -16.36 2.42 -5.36
CA LEU A 202 -17.22 1.31 -4.95
C LEU A 202 -17.34 0.25 -6.04
N GLN A 203 -17.42 0.66 -7.30
CA GLN A 203 -17.65 -0.30 -8.38
C GLN A 203 -16.54 -1.35 -8.48
N TRP A 204 -15.36 -1.07 -7.97
CA TRP A 204 -14.28 -2.05 -8.06
C TRP A 204 -14.21 -2.98 -6.86
N ASP A 205 -15.05 -2.78 -5.86
CA ASP A 205 -14.97 -3.58 -4.63
C ASP A 205 -15.68 -4.91 -4.86
N LYS A 206 -14.93 -5.94 -5.27
CA LYS A 206 -15.58 -7.18 -5.70
C LYS A 206 -16.33 -7.85 -4.55
N GLN A 207 -15.70 -7.96 -3.37
CA GLN A 207 -16.34 -8.63 -2.24
C GLN A 207 -17.58 -7.88 -1.78
N TRP A 208 -17.61 -6.57 -1.97
CA TRP A 208 -18.78 -5.77 -1.65
C TRP A 208 -19.89 -6.02 -2.65
N ASN A 209 -19.54 -6.11 -3.94
CA ASN A 209 -20.53 -6.19 -4.98
C ASN A 209 -21.03 -7.60 -5.21
N ARG A 210 -20.29 -8.61 -4.76
CA ARG A 210 -20.74 -9.98 -4.87
C ARG A 210 -21.78 -10.28 -3.79
N ILE A 211 -22.99 -10.67 -4.22
CA ILE A 211 -24.08 -11.08 -3.33
C ILE A 211 -24.08 -12.60 -3.23
N VAL A 212 -24.04 -13.16 -2.01
CA VAL A 212 -24.15 -14.60 -1.80
C VAL A 212 -25.56 -14.94 -1.31
N GLU A 213 -26.12 -16.01 -1.89
CA GLU A 213 -27.50 -16.42 -1.68
C GLU A 213 -27.47 -17.63 -0.74
N LEU A 214 -27.77 -17.37 0.50
CA LEU A 214 -27.68 -18.36 1.56
C LEU A 214 -29.03 -19.04 1.75
N GLU A 215 -29.00 -20.33 2.00
CA GLU A 215 -30.20 -21.08 2.34
C GLU A 215 -30.06 -21.54 3.78
N LEU A 216 -30.88 -20.97 4.66
CA LEU A 216 -30.88 -21.34 6.07
C LEU A 216 -32.04 -22.31 6.32
N ILE A 217 -31.75 -23.36 7.08
CA ILE A 217 -32.74 -24.40 7.42
C ILE A 217 -32.67 -24.64 8.93
N PRO A 218 -33.74 -25.20 9.51
CA PRO A 218 -33.66 -25.61 10.93
C PRO A 218 -32.54 -26.62 11.12
N HIS A 219 -31.82 -26.49 12.22
CA HIS A 219 -30.68 -27.36 12.43
C HIS A 219 -31.15 -28.81 12.51
N PRO A 220 -30.45 -29.74 11.86
CA PRO A 220 -30.92 -31.14 11.83
C PRO A 220 -30.98 -31.79 13.20
N LYS A 221 -30.23 -31.28 14.19
CA LYS A 221 -30.28 -31.92 15.50
C LYS A 221 -31.54 -31.59 16.29
N LEU A 222 -32.39 -30.67 15.83
CA LEU A 222 -33.50 -30.22 16.66
C LEU A 222 -34.64 -31.23 16.69
N ALA A 223 -35.19 -31.45 17.88
CA ALA A 223 -36.40 -32.26 18.02
C ALA A 223 -37.63 -31.53 17.51
N HIS A 224 -37.65 -30.20 17.57
CA HIS A 224 -38.82 -29.44 17.12
C HIS A 224 -38.41 -28.35 16.13
N PRO A 225 -37.98 -28.74 14.92
CA PRO A 225 -37.62 -27.72 13.91
C PRO A 225 -38.78 -26.80 13.55
N GLU A 226 -40.02 -27.23 13.80
CA GLU A 226 -41.17 -26.37 13.50
C GLU A 226 -41.13 -25.09 14.31
N ALA A 227 -40.45 -25.10 15.46
CA ALA A 227 -40.27 -23.86 16.21
C ALA A 227 -39.38 -22.89 15.44
N VAL A 228 -38.36 -23.40 14.75
CA VAL A 228 -37.47 -22.53 13.97
C VAL A 228 -38.15 -22.06 12.67
N LEU A 229 -38.98 -22.91 12.06
CA LEU A 229 -39.74 -22.52 10.89
C LEU A 229 -40.60 -21.29 11.17
N ILE A 230 -41.27 -21.27 12.33
CA ILE A 230 -42.09 -20.10 12.68
C ILE A 230 -41.21 -18.92 13.04
N ASP A 231 -40.17 -19.18 13.85
CA ASP A 231 -39.28 -18.13 14.36
C ASP A 231 -38.73 -17.27 13.23
N TYR A 232 -38.25 -17.91 12.15
CA TYR A 232 -37.62 -17.16 11.08
C TYR A 232 -38.53 -16.97 9.86
N ALA A 233 -39.84 -17.18 10.02
CA ALA A 233 -40.80 -16.97 8.93
C ALA A 233 -40.34 -17.71 7.67
N MET A 234 -40.03 -18.99 7.84
CA MET A 234 -39.48 -19.77 6.74
C MET A 234 -40.58 -20.25 5.82
N GLU A 235 -40.21 -20.61 4.61
CA GLU A 235 -41.13 -21.16 3.63
C GLU A 235 -40.41 -22.27 2.91
N ASN A 236 -41.11 -23.37 2.64
CA ASN A 236 -40.52 -24.55 2.02
C ASN A 236 -39.32 -25.03 2.81
N ASN A 237 -39.45 -25.02 4.15
CA ASN A 237 -38.42 -25.49 5.08
C ASN A 237 -37.15 -24.65 5.03
N ARG A 238 -37.19 -23.40 4.53
CA ARG A 238 -35.94 -22.68 4.44
C ARG A 238 -36.15 -21.17 4.53
N LEU A 239 -35.07 -20.47 4.84
CA LEU A 239 -35.03 -19.01 4.74
C LEU A 239 -33.92 -18.65 3.78
N ARG A 240 -34.27 -17.94 2.71
CA ARG A 240 -33.29 -17.43 1.76
C ARG A 240 -32.86 -16.03 2.18
N VAL A 241 -31.56 -15.84 2.35
CA VAL A 241 -31.00 -14.56 2.73
C VAL A 241 -29.89 -14.21 1.75
N GLU A 242 -29.91 -13.00 1.24
CA GLU A 242 -28.90 -12.49 0.32
C GLU A 242 -28.10 -11.45 1.06
N ILE A 243 -26.80 -11.64 1.17
CA ILE A 243 -25.93 -10.70 1.86
C ILE A 243 -24.69 -10.49 1.03
N ARG A 244 -24.07 -9.31 1.19
CA ARG A 244 -22.80 -9.07 0.55
C ARG A 244 -21.76 -10.06 1.06
N ALA A 245 -20.93 -10.58 0.15
CA ALA A 245 -19.86 -11.47 0.55
C ALA A 245 -18.99 -10.82 1.62
N ALA A 246 -18.76 -9.51 1.53
CA ALA A 246 -17.95 -8.81 2.53
C ALA A 246 -18.57 -8.86 3.93
N PHE A 247 -19.85 -9.22 4.06
CA PHE A 247 -20.52 -9.36 5.37
C PHE A 247 -20.62 -10.78 5.86
N ALA A 248 -20.38 -11.78 5.00
CA ALA A 248 -20.87 -13.13 5.26
C ALA A 248 -20.29 -13.70 6.57
N GLY A 249 -18.98 -13.61 6.74
CA GLY A 249 -18.34 -14.08 7.94
C GLY A 249 -18.91 -13.49 9.22
N TYR A 250 -18.88 -12.15 9.35
CA TYR A 250 -19.50 -11.42 10.46
C TYR A 250 -20.88 -11.97 10.80
N LEU A 251 -21.76 -11.97 9.79
CA LEU A 251 -23.18 -12.18 10.03
C LEU A 251 -23.50 -13.64 10.35
N LEU A 252 -22.83 -14.57 9.66
CA LEU A 252 -23.06 -15.97 9.96
C LEU A 252 -22.62 -16.30 11.38
N ARG A 253 -21.55 -15.67 11.87
CA ARG A 253 -21.17 -15.89 13.26
C ARG A 253 -22.15 -15.20 14.20
N LEU A 254 -22.49 -13.95 13.90
CA LEU A 254 -23.44 -13.21 14.71
C LEU A 254 -24.77 -13.95 14.84
N TRP A 255 -25.29 -14.48 13.72
CA TRP A 255 -26.55 -15.21 13.70
C TRP A 255 -26.42 -16.63 14.27
N ASN A 256 -25.21 -17.06 14.64
CA ASN A 256 -25.00 -18.38 15.24
C ASN A 256 -25.52 -19.50 14.31
N ILE A 257 -25.07 -19.48 13.05
CA ILE A 257 -25.50 -20.45 12.04
C ILE A 257 -24.43 -21.53 11.88
N ASP A 258 -24.84 -22.80 11.97
CA ASP A 258 -23.91 -23.91 11.76
C ASP A 258 -23.61 -24.05 10.28
N CYS A 259 -22.37 -23.73 9.88
CA CYS A 259 -21.99 -23.76 8.47
C CYS A 259 -21.06 -24.92 8.14
N SER A 260 -21.00 -25.93 9.00
CA SER A 260 -20.18 -27.10 8.70
C SER A 260 -20.91 -27.99 7.71
N LYS A 261 -20.14 -28.78 6.96
CA LYS A 261 -20.72 -29.56 5.86
C LYS A 261 -21.80 -30.52 6.35
N ASN A 262 -21.53 -31.27 7.40
CA ASN A 262 -22.47 -32.27 7.89
C ASN A 262 -23.38 -31.81 9.04
N SER A 263 -23.18 -30.61 9.58
CA SER A 263 -23.98 -30.10 10.72
C SER A 263 -23.69 -30.91 11.98
N LYS A 264 -22.44 -31.32 12.16
CA LYS A 264 -22.05 -32.12 13.35
C LYS A 264 -20.90 -31.40 14.06
N SER A 265 -20.24 -30.46 13.38
CA SER A 265 -19.18 -29.65 14.02
C SER A 265 -19.86 -28.50 14.76
N ASN A 266 -19.91 -28.59 16.08
CA ASN A 266 -20.69 -27.57 16.81
C ASN A 266 -20.14 -26.77 17.98
N GLY A 267 -19.98 -27.44 19.14
CA GLY A 267 -19.60 -26.73 20.36
C GLY A 267 -20.61 -25.71 20.85
N ARG A 268 -21.68 -25.51 20.08
CA ARG A 268 -22.70 -24.50 20.45
C ARG A 268 -24.10 -25.10 20.47
N GLU A 269 -25.11 -24.26 20.39
CA GLU A 269 -26.52 -24.67 20.49
C GLU A 269 -27.26 -24.01 19.32
N PHE A 270 -26.90 -24.46 18.13
CA PHE A 270 -27.44 -23.92 16.89
C PHE A 270 -28.96 -24.14 16.75
N HIS A 271 -29.66 -23.10 16.29
CA HIS A 271 -31.02 -23.27 15.78
C HIS A 271 -31.06 -23.39 14.27
N LEU A 272 -30.06 -22.85 13.58
CA LEU A 272 -30.07 -22.76 12.13
C LEU A 272 -28.83 -23.44 11.58
N ALA A 273 -28.98 -24.06 10.40
CA ALA A 273 -27.84 -24.57 9.66
C ALA A 273 -27.81 -23.93 8.28
N LEU A 274 -26.60 -23.76 7.75
CA LEU A 274 -26.42 -23.28 6.38
C LEU A 274 -26.50 -24.50 5.46
N LYS A 275 -27.56 -24.57 4.67
CA LYS A 275 -27.76 -25.73 3.80
C LYS A 275 -26.70 -25.82 2.72
N ASN A 276 -26.21 -24.69 2.20
CA ASN A 276 -25.34 -24.65 1.03
C ASN A 276 -24.04 -23.91 1.34
N PRO A 277 -23.17 -24.48 2.16
CA PRO A 277 -21.87 -23.84 2.40
C PRO A 277 -21.04 -23.64 1.13
N GLU A 278 -21.37 -24.33 0.02
CA GLU A 278 -20.73 -24.06 -1.26
C GLU A 278 -20.84 -22.58 -1.63
N ALA A 279 -21.87 -21.89 -1.13
CA ALA A 279 -22.07 -20.49 -1.49
C ALA A 279 -21.02 -19.57 -0.89
N LEU A 280 -20.20 -20.06 0.03
CA LEU A 280 -19.18 -19.25 0.68
C LEU A 280 -17.82 -19.37 -0.01
N TYR A 281 -17.72 -20.18 -1.06
CA TYR A 281 -16.43 -20.35 -1.73
C TYR A 281 -15.91 -19.01 -2.20
N GLY A 282 -14.64 -18.74 -1.90
CA GLY A 282 -14.03 -17.50 -2.34
C GLY A 282 -14.43 -16.27 -1.58
N VAL A 283 -15.21 -16.42 -0.50
CA VAL A 283 -15.64 -15.27 0.29
C VAL A 283 -14.56 -14.97 1.30
N ASP A 284 -13.97 -13.79 1.20
CA ASP A 284 -12.94 -13.39 2.14
C ASP A 284 -13.54 -13.38 3.53
N ASN A 285 -12.91 -14.11 4.44
CA ASN A 285 -13.30 -14.19 5.84
C ASN A 285 -14.50 -15.11 6.07
N ALA A 286 -14.77 -16.03 5.15
CA ALA A 286 -15.78 -17.06 5.44
C ALA A 286 -15.39 -17.93 6.64
N ALA A 287 -14.09 -17.99 6.97
CA ALA A 287 -13.65 -18.84 8.08
C ALA A 287 -14.21 -18.38 9.43
N LEU A 288 -14.68 -17.14 9.53
CA LEU A 288 -15.41 -16.69 10.70
C LEU A 288 -16.75 -17.41 10.88
N ALA A 289 -17.32 -17.96 9.82
CA ALA A 289 -18.63 -18.60 9.94
C ALA A 289 -18.49 -19.89 10.75
N PRO A 290 -19.34 -20.13 11.75
CA PRO A 290 -19.15 -21.29 12.65
C PRO A 290 -19.08 -22.61 11.90
N GLY A 291 -17.98 -23.33 12.09
CA GLY A 291 -17.82 -24.65 11.53
C GLY A 291 -17.52 -24.70 10.05
N TYR A 292 -17.31 -23.55 9.41
CA TYR A 292 -17.05 -23.58 7.97
C TYR A 292 -15.64 -24.09 7.68
N SER A 293 -15.54 -25.00 6.71
CA SER A 293 -14.28 -25.57 6.29
C SER A 293 -14.21 -25.68 4.76
N GLU B 8 -34.06 27.35 23.40
CA GLU B 8 -34.74 27.11 24.67
C GLU B 8 -36.00 27.97 24.80
N GLU B 9 -35.97 29.14 24.16
CA GLU B 9 -37.14 29.99 24.03
C GLU B 9 -37.95 29.66 22.78
N LEU B 10 -37.43 28.78 21.94
CA LEU B 10 -37.97 28.42 20.63
C LEU B 10 -39.05 27.36 20.80
N SER B 11 -39.87 27.20 19.76
CA SER B 11 -40.82 26.11 19.79
C SER B 11 -40.09 24.78 19.57
N GLN B 12 -40.73 23.69 20.00
CA GLN B 12 -40.12 22.38 19.81
C GLN B 12 -39.81 22.14 18.34
N ALA B 13 -40.76 22.50 17.46
CA ALA B 13 -40.54 22.32 16.02
C ALA B 13 -39.31 23.09 15.55
N GLN B 14 -39.05 24.26 16.16
CA GLN B 14 -37.90 25.06 15.73
C GLN B 14 -36.60 24.49 16.27
N ARG B 15 -36.59 24.00 17.50
CA ARG B 15 -35.39 23.35 18.01
C ARG B 15 -35.07 22.10 17.20
N GLU B 16 -36.09 21.37 16.78
CA GLU B 16 -35.87 20.18 15.95
C GLU B 16 -35.24 20.56 14.63
N ARG B 17 -35.69 21.66 14.04
CA ARG B 17 -35.14 22.09 12.72
C ARG B 17 -33.69 22.56 12.91
N LEU B 18 -33.40 23.15 14.07
CA LEU B 18 -32.01 23.63 14.35
C LEU B 18 -31.11 22.42 14.57
N ALA B 19 -31.62 21.37 15.23
CA ALA B 19 -30.84 20.16 15.43
C ALA B 19 -30.58 19.44 14.11
N HIS B 20 -31.56 19.47 13.20
CA HIS B 20 -31.34 18.87 11.89
C HIS B 20 -30.29 19.63 11.08
N ILE B 21 -30.22 20.96 11.23
CA ILE B 21 -29.15 21.73 10.62
C ILE B 21 -27.81 21.33 11.21
N ASP B 22 -27.74 21.27 12.54
CA ASP B 22 -26.52 20.84 13.20
C ASP B 22 -26.07 19.48 12.69
N PHE B 23 -27.01 18.53 12.61
CA PHE B 23 -26.69 17.18 12.15
C PHE B 23 -26.17 17.18 10.72
N THR B 24 -26.83 17.91 9.83
CA THR B 24 -26.43 17.89 8.42
C THR B 24 -25.06 18.52 8.21
N LEU B 25 -24.78 19.61 8.93
CA LEU B 25 -23.44 20.21 8.86
C LEU B 25 -22.39 19.25 9.40
N LEU B 26 -22.72 18.56 10.50
CA LEU B 26 -21.75 17.66 11.11
C LEU B 26 -21.47 16.46 10.22
N PHE B 27 -22.51 15.89 9.62
CA PHE B 27 -22.38 14.62 8.92
C PHE B 27 -22.20 14.73 7.42
N LYS B 28 -22.60 15.85 6.83
CA LYS B 28 -22.24 16.19 5.47
C LYS B 28 -21.42 17.45 5.54
N GLY B 29 -20.83 17.86 4.44
CA GLY B 29 -20.06 19.07 4.72
C GLY B 29 -20.85 20.36 4.80
N GLU B 30 -22.17 20.28 4.70
CA GLU B 30 -22.96 21.39 4.16
C GLU B 30 -24.43 21.14 4.48
N ALA B 31 -25.22 22.20 4.36
CA ALA B 31 -26.65 22.09 4.56
C ALA B 31 -27.34 23.23 3.83
N GLY B 32 -28.43 22.92 3.12
CA GLY B 32 -29.19 23.93 2.42
C GLY B 32 -30.67 23.85 2.77
N ARG B 33 -31.40 24.83 2.27
CA ARG B 33 -32.84 24.92 2.55
C ARG B 33 -33.57 23.67 2.08
N SER B 34 -33.10 23.00 1.03
CA SER B 34 -33.81 21.81 0.56
C SER B 34 -33.80 20.70 1.60
N TYR B 35 -32.74 20.59 2.41
CA TYR B 35 -32.75 19.58 3.47
C TYR B 35 -33.90 19.81 4.43
N LEU B 36 -34.20 21.06 4.76
CA LEU B 36 -35.24 21.35 5.75
C LEU B 36 -36.63 21.16 5.19
N THR B 37 -36.88 21.58 3.95
CA THR B 37 -38.20 21.38 3.36
C THR B 37 -38.48 19.91 3.07
N GLU B 38 -37.46 19.13 2.71
CA GLU B 38 -37.68 17.70 2.52
C GLU B 38 -37.97 17.03 3.87
N ARG B 39 -37.14 17.30 4.87
CA ARG B 39 -37.29 16.62 6.14
C ARG B 39 -38.54 17.07 6.89
N PHE B 40 -38.84 18.37 6.85
CA PHE B 40 -39.89 18.93 7.69
C PHE B 40 -41.10 19.45 6.94
N SER B 41 -41.05 19.52 5.61
CA SER B 41 -42.15 20.03 4.79
C SER B 41 -42.60 21.42 5.22
N VAL B 42 -41.66 22.24 5.68
CA VAL B 42 -41.97 23.64 5.95
C VAL B 42 -41.90 24.42 4.64
N ALA B 43 -42.54 25.59 4.63
CA ALA B 43 -42.49 26.43 3.46
C ALA B 43 -41.05 26.86 3.21
N PRO B 44 -40.67 27.06 1.93
CA PRO B 44 -39.30 27.47 1.62
C PRO B 44 -38.82 28.68 2.41
N SER B 45 -39.72 29.65 2.65
CA SER B 45 -39.37 30.81 3.43
C SER B 45 -39.07 30.49 4.89
N VAL B 46 -39.62 29.38 5.42
CA VAL B 46 -39.36 29.00 6.81
C VAL B 46 -37.91 28.57 6.99
N ALA B 47 -37.32 27.86 6.02
CA ALA B 47 -35.95 27.39 6.15
C ALA B 47 -34.95 28.52 6.35
N THR B 48 -35.12 29.64 5.64
CA THR B 48 -34.22 30.77 5.85
C THR B 48 -34.29 31.26 7.28
N GLN B 49 -35.50 31.28 7.86
CA GLN B 49 -35.65 31.65 9.26
C GLN B 49 -34.86 30.73 10.16
N ASP B 50 -34.86 29.43 9.83
CA ASP B 50 -34.11 28.43 10.60
C ASP B 50 -32.61 28.68 10.53
N PHE B 51 -32.07 28.85 9.32
CA PHE B 51 -30.63 29.05 9.17
C PHE B 51 -30.19 30.35 9.84
N ALA B 52 -31.01 31.38 9.74
CA ALA B 52 -30.70 32.62 10.44
C ALA B 52 -30.68 32.39 11.95
N ARG B 53 -31.67 31.64 12.47
CA ARG B 53 -31.65 31.29 13.89
C ARG B 53 -30.41 30.48 14.23
N TYR B 54 -30.01 29.55 13.35
CA TYR B 54 -28.80 28.77 13.59
C TYR B 54 -27.56 29.64 13.53
N LYS B 55 -27.46 30.51 12.52
CA LYS B 55 -26.31 31.40 12.42
C LYS B 55 -26.15 32.27 13.65
N ALA B 56 -27.26 32.79 14.17
CA ALA B 56 -27.21 33.62 15.37
C ALA B 56 -26.69 32.83 16.57
N LEU B 57 -27.09 31.57 16.69
CA LEU B 57 -26.74 30.81 17.87
C LEU B 57 -25.35 30.22 17.79
N ALA B 58 -24.85 29.94 16.59
CA ALA B 58 -23.52 29.35 16.39
C ALA B 58 -22.87 29.95 15.15
N PRO B 59 -22.40 31.19 15.24
CA PRO B 59 -21.82 31.84 14.04
C PRO B 59 -20.51 31.22 13.57
N ASN B 60 -19.73 30.62 14.47
CA ASN B 60 -18.43 30.04 14.13
C ASN B 60 -18.53 28.60 13.62
N ASN B 61 -19.74 28.14 13.33
CA ASN B 61 -19.96 26.76 12.85
C ASN B 61 -20.32 26.81 11.37
N VAL B 62 -20.88 27.92 10.89
CA VAL B 62 -21.38 27.97 9.49
C VAL B 62 -20.63 29.00 8.65
N MET B 63 -20.80 28.94 7.32
CA MET B 63 -20.14 29.88 6.39
C MET B 63 -20.87 29.76 5.05
N TYR B 64 -21.79 30.68 4.74
CA TYR B 64 -22.60 30.56 3.50
C TYR B 64 -21.75 30.75 2.25
N ASP B 65 -22.03 29.97 1.19
CA ASP B 65 -21.34 30.13 -0.12
C ASP B 65 -22.40 30.59 -1.10
N GLU B 66 -22.30 31.81 -1.61
CA GLU B 66 -23.34 32.38 -2.50
C GLU B 66 -23.43 31.59 -3.80
N LYS B 67 -22.30 31.19 -4.36
CA LYS B 67 -22.30 30.49 -5.66
C LYS B 67 -22.92 29.11 -5.44
N ARG B 68 -22.57 28.44 -4.34
CA ARG B 68 -23.06 27.06 -4.14
C ARG B 68 -24.45 27.09 -3.53
N ARG B 69 -24.89 28.26 -3.06
CA ARG B 69 -26.25 28.42 -2.46
C ARG B 69 -26.37 27.45 -1.27
N VAL B 70 -25.30 27.30 -0.48
CA VAL B 70 -25.33 26.29 0.61
C VAL B 70 -24.51 26.80 1.80
N HIS B 71 -24.93 26.47 3.02
CA HIS B 71 -24.18 26.86 4.23
C HIS B 71 -23.09 25.80 4.45
N LEU B 72 -21.87 26.20 4.78
CA LEU B 72 -20.78 25.21 4.86
C LEU B 72 -20.26 25.07 6.29
N LYS B 73 -19.89 23.84 6.65
CA LYS B 73 -19.30 23.61 7.99
C LYS B 73 -17.90 24.22 7.99
N THR B 74 -17.58 24.98 9.03
CA THR B 74 -16.26 25.58 9.15
C THR B 74 -15.28 24.56 9.71
N SER B 75 -14.00 24.95 9.72
CA SER B 75 -12.98 24.15 10.39
C SER B 75 -13.07 24.23 11.91
N THR B 76 -13.83 25.17 12.45
CA THR B 76 -13.95 25.34 13.90
C THR B 76 -15.28 24.85 14.44
N PHE B 77 -16.03 24.08 13.65
CA PHE B 77 -17.34 23.59 14.02
C PHE B 77 -17.30 22.78 15.31
N GLN B 78 -18.22 23.10 16.22
CA GLN B 78 -18.50 22.28 17.39
C GLN B 78 -20.01 22.14 17.48
N PRO B 79 -20.52 20.91 17.66
CA PRO B 79 -21.97 20.70 17.55
C PRO B 79 -22.75 21.57 18.52
N LEU B 80 -23.84 22.13 18.01
CA LEU B 80 -24.68 22.99 18.84
C LEU B 80 -25.45 22.20 19.89
N PHE B 81 -25.68 20.91 19.64
CA PHE B 81 -26.47 20.08 20.53
C PHE B 81 -25.65 18.90 21.00
N ASP B 82 -26.12 18.26 22.06
CA ASP B 82 -25.64 16.94 22.43
C ASP B 82 -26.44 15.89 21.68
N TYR B 83 -25.76 14.81 21.29
CA TYR B 83 -26.41 13.75 20.55
C TYR B 83 -26.52 12.52 21.44
N ASP B 84 -27.68 11.88 21.40
CA ASP B 84 -27.80 10.51 21.89
C ASP B 84 -27.11 9.63 20.85
N ILE B 85 -25.97 9.02 21.21
CA ILE B 85 -25.16 8.37 20.19
C ILE B 85 -25.85 7.10 19.67
N VAL B 86 -26.54 6.35 20.53
CA VAL B 86 -27.23 5.14 20.07
C VAL B 86 -28.34 5.52 19.10
N ARG B 87 -29.19 6.48 19.48
CA ARG B 87 -30.30 6.85 18.62
C ARG B 87 -29.83 7.53 17.34
N THR B 88 -28.76 8.34 17.41
CA THR B 88 -28.24 9.01 16.22
C THR B 88 -27.71 7.99 15.22
N LEU B 89 -26.94 7.00 15.71
CA LEU B 89 -26.45 5.93 14.85
C LEU B 89 -27.60 5.12 14.26
N ALA B 90 -28.70 4.97 15.02
CA ALA B 90 -29.88 4.32 14.47
C ALA B 90 -30.48 5.14 13.34
N THR B 91 -30.59 6.45 13.55
CA THR B 91 -31.21 7.30 12.54
C THR B 91 -30.42 7.26 11.23
N ILE B 92 -29.09 7.35 11.30
CA ILE B 92 -28.31 7.34 10.07
C ILE B 92 -28.28 5.96 9.42
N SER B 93 -28.55 4.89 10.17
CA SER B 93 -28.60 3.54 9.60
C SER B 93 -30.02 3.08 9.34
N GLN B 94 -31.04 3.89 9.64
CA GLN B 94 -32.42 3.46 9.46
C GLN B 94 -33.25 4.49 8.69
N GLY B 95 -33.16 5.77 9.07
CA GLY B 95 -34.03 6.79 8.50
C GLY B 95 -34.56 7.76 9.54
N PHE B 96 -35.27 8.82 9.11
CA PHE B 96 -35.54 9.96 9.99
C PHE B 96 -36.84 9.88 10.80
N GLY B 97 -37.87 9.17 10.39
CA GLY B 97 -39.04 9.24 11.27
C GLY B 97 -38.87 8.57 12.65
N ASP B 98 -39.99 8.46 13.35
CA ASP B 98 -40.09 7.49 14.46
C ASP B 98 -40.46 6.11 13.94
N GLY B 99 -40.83 6.00 12.67
CA GLY B 99 -41.20 4.75 12.06
C GLY B 99 -42.68 4.53 11.93
N PHE B 100 -43.52 5.43 12.47
CA PHE B 100 -44.95 5.19 12.53
C PHE B 100 -45.70 5.58 11.26
N LEU B 101 -45.01 6.19 10.28
CA LEU B 101 -45.64 6.63 9.04
C LEU B 101 -45.14 5.87 7.81
N GLY B 102 -44.73 4.63 7.97
CA GLY B 102 -44.35 3.82 6.84
C GLY B 102 -42.84 3.64 6.74
N LYS B 103 -42.44 2.85 5.75
CA LYS B 103 -41.05 2.54 5.53
C LYS B 103 -40.22 3.81 5.42
N VAL B 104 -39.07 3.82 6.08
CA VAL B 104 -38.10 4.90 5.96
C VAL B 104 -36.80 4.29 5.47
N ARG B 105 -35.91 5.16 4.98
CA ARG B 105 -34.67 4.76 4.35
C ARG B 105 -33.51 5.59 4.89
N PRO B 106 -32.33 5.00 4.97
CA PRO B 106 -31.17 5.71 5.52
C PRO B 106 -30.86 6.97 4.73
N PRO B 107 -30.47 8.04 5.43
CA PRO B 107 -30.19 9.32 4.76
C PRO B 107 -28.78 9.42 4.18
N MET B 108 -28.08 8.30 4.02
CA MET B 108 -26.68 8.35 3.60
C MET B 108 -26.25 6.92 3.28
N ALA B 109 -25.02 6.77 2.80
CA ALA B 109 -24.44 5.47 2.45
C ALA B 109 -24.09 4.72 3.72
N CYS B 110 -25.12 4.12 4.33
CA CYS B 110 -24.96 3.41 5.60
C CYS B 110 -25.88 2.19 5.57
N GLU B 111 -25.32 1.03 5.90
CA GLU B 111 -26.05 -0.22 5.88
C GLU B 111 -25.99 -0.87 7.26
N ALA B 112 -27.06 -1.59 7.60
CA ALA B 112 -27.18 -2.35 8.85
C ALA B 112 -27.70 -3.72 8.46
N PRO B 113 -26.83 -4.60 7.98
CA PRO B 113 -27.28 -5.85 7.35
C PRO B 113 -27.57 -7.02 8.29
N PHE B 114 -27.58 -6.80 9.60
CA PHE B 114 -27.67 -7.92 10.55
C PHE B 114 -29.10 -8.31 10.93
N HIS B 115 -30.12 -7.59 10.45
CA HIS B 115 -31.49 -7.91 10.83
C HIS B 115 -32.01 -9.08 10.01
N LEU B 116 -32.53 -10.10 10.67
CA LEU B 116 -33.37 -11.08 9.96
C LEU B 116 -34.80 -10.63 10.25
N ASN B 117 -35.78 -11.52 10.16
CA ASN B 117 -37.14 -11.08 10.41
C ASN B 117 -37.41 -10.55 11.83
N LYS B 118 -38.41 -9.68 11.94
CA LYS B 118 -38.84 -9.06 13.18
C LYS B 118 -40.18 -9.62 13.62
N PRO B 119 -40.52 -9.52 14.91
CA PRO B 119 -41.87 -9.93 15.32
C PRO B 119 -42.92 -9.14 14.55
N LYS B 120 -44.12 -9.73 14.48
CA LYS B 120 -45.27 -9.08 13.88
C LYS B 120 -45.65 -7.87 14.73
N LEU B 121 -45.98 -6.77 14.05
CA LEU B 121 -46.37 -5.54 14.73
C LEU B 121 -47.44 -5.78 15.79
N GLU B 122 -48.47 -6.57 15.44
CA GLU B 122 -49.56 -6.80 16.37
C GLU B 122 -49.11 -7.62 17.57
N VAL B 123 -48.17 -8.55 17.38
CA VAL B 123 -47.71 -9.37 18.49
C VAL B 123 -46.90 -8.52 19.48
N VAL B 124 -45.93 -7.73 18.99
CA VAL B 124 -45.14 -6.88 19.91
C VAL B 124 -46.05 -5.91 20.63
N ALA B 125 -47.01 -5.33 19.89
CA ALA B 125 -47.92 -4.35 20.49
C ALA B 125 -48.78 -4.99 21.57
N ALA B 126 -49.28 -6.20 21.32
CA ALA B 126 -50.15 -6.84 22.31
C ALA B 126 -49.38 -7.14 23.59
N ILE B 127 -48.14 -7.60 23.46
CA ILE B 127 -47.33 -7.87 24.65
C ILE B 127 -46.98 -6.57 25.37
N SER B 128 -46.58 -5.54 24.62
CA SER B 128 -46.32 -4.24 25.22
C SER B 128 -47.55 -3.68 25.93
N GLU B 129 -48.73 -3.83 25.31
CA GLU B 129 -49.95 -3.40 25.96
C GLU B 129 -50.19 -4.15 27.27
N ALA B 130 -49.99 -5.47 27.28
CA ALA B 130 -50.20 -6.23 28.50
C ALA B 130 -49.21 -5.84 29.59
N ILE B 131 -47.95 -5.60 29.21
CA ILE B 131 -46.97 -5.14 30.18
C ILE B 131 -47.43 -3.82 30.79
N HIS B 132 -47.86 -2.88 29.92
CA HIS B 132 -48.32 -1.58 30.39
C HIS B 132 -49.49 -1.71 31.36
N LYS B 133 -50.46 -2.59 31.06
CA LYS B 133 -51.63 -2.75 31.90
C LYS B 133 -51.40 -3.71 33.05
N ARG B 134 -50.21 -4.29 33.16
CA ARG B 134 -49.91 -5.24 34.22
C ARG B 134 -50.90 -6.41 34.18
N ALA B 135 -51.15 -6.93 32.98
CA ALA B 135 -52.16 -7.96 32.76
C ALA B 135 -51.52 -9.33 32.53
N VAL B 136 -52.37 -10.34 32.64
CA VAL B 136 -52.10 -11.70 32.20
C VAL B 136 -52.51 -11.81 30.74
N ILE B 137 -51.76 -12.59 29.95
CA ILE B 137 -52.16 -12.87 28.57
C ILE B 137 -52.14 -14.38 28.31
N ASN B 138 -53.04 -14.82 27.46
CA ASN B 138 -52.95 -16.15 26.91
C ASN B 138 -52.19 -16.06 25.60
N ILE B 139 -51.22 -16.93 25.40
CA ILE B 139 -50.46 -16.93 24.17
C ILE B 139 -50.43 -18.33 23.59
N GLU B 140 -50.24 -18.39 22.29
CA GLU B 140 -49.80 -19.60 21.63
C GLU B 140 -48.31 -19.45 21.38
N TYR B 141 -47.57 -20.52 21.67
CA TYR B 141 -46.11 -20.48 21.67
C TYR B 141 -45.63 -21.83 21.17
N THR B 142 -44.63 -21.79 20.32
CA THR B 142 -43.99 -23.01 19.81
C THR B 142 -42.60 -23.05 20.39
N SER B 143 -42.36 -23.96 21.33
CA SER B 143 -41.07 -23.99 22.00
C SER B 143 -40.15 -24.99 21.32
N LEU B 144 -38.84 -24.82 21.55
CA LEU B 144 -37.88 -25.79 21.05
C LEU B 144 -37.98 -27.11 21.81
N SER B 145 -38.39 -27.06 23.07
CA SER B 145 -38.42 -28.30 23.83
C SER B 145 -39.70 -29.08 23.63
N SER B 146 -40.83 -28.41 23.36
CA SER B 146 -42.09 -29.14 23.27
C SER B 146 -42.97 -28.82 22.07
N GLY B 147 -42.56 -27.96 21.16
CA GLY B 147 -43.42 -27.65 20.03
C GLY B 147 -44.58 -26.75 20.43
N HIS B 148 -45.63 -26.80 19.62
CA HIS B 148 -46.75 -25.88 19.75
C HIS B 148 -47.59 -26.16 20.97
N GLY B 149 -48.10 -25.10 21.58
CA GLY B 149 -49.00 -25.20 22.72
C GLY B 149 -49.48 -23.81 23.10
N SER B 150 -50.33 -23.76 24.11
CA SER B 150 -50.79 -22.48 24.62
C SER B 150 -50.52 -22.42 26.13
N ARG B 151 -50.49 -21.20 26.67
CA ARG B 151 -50.23 -20.99 28.10
C ARG B 151 -50.55 -19.55 28.47
N GLN B 152 -50.72 -19.32 29.76
CA GLN B 152 -50.87 -17.97 30.31
C GLN B 152 -49.53 -17.49 30.83
N ILE B 153 -49.18 -16.24 30.53
CA ILE B 153 -47.94 -15.67 31.00
C ILE B 153 -48.22 -14.28 31.52
N VAL B 154 -47.35 -13.82 32.42
CA VAL B 154 -47.43 -12.50 33.01
C VAL B 154 -46.19 -11.74 32.60
N PRO B 155 -46.28 -10.93 31.54
CA PRO B 155 -45.09 -10.27 31.00
C PRO B 155 -44.69 -9.06 31.82
N HIS B 156 -43.37 -8.80 31.91
CA HIS B 156 -42.96 -7.56 32.53
C HIS B 156 -41.93 -6.74 31.76
N THR B 157 -41.14 -7.33 30.85
CA THR B 157 -40.18 -6.52 30.11
C THR B 157 -40.02 -7.10 28.71
N LEU B 158 -39.95 -6.21 27.73
CA LEU B 158 -39.59 -6.57 26.36
C LEU B 158 -38.10 -6.39 26.15
N ILE B 159 -37.49 -7.31 25.40
CA ILE B 159 -36.04 -7.33 25.24
C ILE B 159 -35.67 -7.46 23.76
N ASP B 160 -34.88 -6.52 23.27
CA ASP B 160 -34.17 -6.74 22.02
C ASP B 160 -32.83 -7.36 22.40
N ASN B 161 -32.72 -8.68 22.34
CA ASN B 161 -31.44 -9.28 22.65
C ASN B 161 -30.58 -9.05 21.40
N GLY B 162 -29.42 -9.62 21.28
CA GLY B 162 -28.73 -9.37 20.02
C GLY B 162 -29.49 -9.81 18.77
N LEU B 163 -30.12 -10.96 18.83
CA LEU B 163 -30.53 -11.78 17.69
C LEU B 163 -32.04 -11.78 17.43
N ARG B 164 -32.83 -11.96 18.47
CA ARG B 164 -34.28 -11.98 18.40
C ARG B 164 -34.82 -11.00 19.42
N TRP B 165 -36.13 -10.85 19.41
CA TRP B 165 -36.85 -10.14 20.45
C TRP B 165 -37.47 -11.16 21.39
N HIS B 166 -37.43 -10.90 22.68
CA HIS B 166 -38.16 -11.77 23.58
C HIS B 166 -38.84 -10.95 24.66
N VAL B 167 -39.78 -11.60 25.37
CA VAL B 167 -40.45 -11.01 26.51
C VAL B 167 -40.07 -11.80 27.76
N ARG B 168 -39.71 -11.10 28.83
CA ARG B 168 -39.45 -11.73 30.11
C ARG B 168 -40.78 -11.80 30.87
N ALA B 169 -41.16 -12.99 31.32
CA ALA B 169 -42.50 -13.17 31.86
C ALA B 169 -42.52 -14.29 32.88
N PHE B 170 -43.52 -14.24 33.76
CA PHE B 170 -43.82 -15.41 34.59
C PHE B 170 -44.67 -16.37 33.78
N ASP B 171 -44.20 -17.59 33.60
CA ASP B 171 -44.91 -18.63 32.85
C ASP B 171 -45.82 -19.42 33.81
N ARG B 172 -47.12 -19.34 33.61
CA ARG B 172 -48.03 -20.08 34.48
C ARG B 172 -48.08 -21.55 34.17
N LYS B 173 -47.56 -21.98 33.02
CA LYS B 173 -47.56 -23.41 32.72
C LYS B 173 -46.64 -24.15 33.67
N HIS B 174 -45.39 -23.71 33.81
CA HIS B 174 -44.43 -24.37 34.71
C HIS B 174 -44.08 -23.52 35.92
N ARG B 175 -44.76 -22.38 36.10
CA ARG B 175 -44.60 -21.54 37.28
C ARG B 175 -43.15 -21.12 37.50
N GLU B 176 -42.60 -20.43 36.51
CA GLU B 176 -41.23 -19.92 36.58
C GLU B 176 -41.13 -18.68 35.70
N PHE B 177 -40.20 -17.80 36.05
CA PHE B 177 -39.88 -16.69 35.16
C PHE B 177 -39.05 -17.20 33.98
N ARG B 178 -39.24 -16.59 32.82
CA ARG B 178 -38.78 -17.24 31.61
C ARG B 178 -38.80 -16.24 30.46
N ASP B 179 -38.01 -16.53 29.42
CA ASP B 179 -38.03 -15.78 28.16
C ASP B 179 -38.96 -16.46 27.15
N PHE B 180 -39.71 -15.65 26.39
CA PHE B 180 -40.50 -16.12 25.24
C PHE B 180 -40.11 -15.32 24.01
N VAL B 181 -39.62 -16.02 22.98
CA VAL B 181 -39.22 -15.35 21.74
C VAL B 181 -40.45 -14.81 21.03
N LEU B 182 -40.45 -13.51 20.69
CA LEU B 182 -41.68 -12.93 20.13
C LEU B 182 -42.05 -13.54 18.78
N THR B 183 -41.08 -13.93 17.97
CA THR B 183 -41.41 -14.53 16.68
C THR B 183 -41.92 -15.96 16.79
N ARG B 184 -41.98 -16.55 17.98
CA ARG B 184 -42.67 -17.83 18.14
C ARG B 184 -44.01 -17.69 18.86
N ILE B 185 -44.42 -16.48 19.19
CA ILE B 185 -45.73 -16.22 19.77
C ILE B 185 -46.68 -15.92 18.62
N SER B 186 -47.77 -16.68 18.51
CA SER B 186 -48.62 -16.57 17.33
C SER B 186 -49.95 -15.89 17.57
N GLU B 187 -50.52 -16.03 18.77
CA GLU B 187 -51.74 -15.35 19.17
C GLU B 187 -51.45 -14.78 20.54
N VAL B 188 -52.02 -13.61 20.80
CA VAL B 188 -51.95 -12.95 22.10
C VAL B 188 -53.35 -12.51 22.46
N GLU B 189 -53.80 -12.85 23.67
CA GLU B 189 -55.11 -12.46 24.15
C GLU B 189 -54.99 -11.85 25.54
N LEU B 190 -55.34 -10.57 25.66
CA LEU B 190 -55.31 -9.89 26.94
C LEU B 190 -56.41 -10.45 27.85
N LEU B 191 -56.07 -10.80 29.08
CA LEU B 191 -57.05 -11.39 29.99
C LEU B 191 -57.41 -10.45 31.13
N GLU B 192 -58.53 -10.75 31.80
CA GLU B 192 -58.89 -10.02 33.00
C GLU B 192 -58.41 -10.70 34.27
N ASP B 193 -57.76 -11.85 34.11
CA ASP B 193 -57.28 -12.66 35.25
C ASP B 193 -56.38 -11.84 36.17
N LYS B 194 -56.50 -12.04 37.48
CA LYS B 194 -55.75 -11.30 38.48
C LYS B 194 -54.30 -11.76 38.54
N VAL B 195 -53.39 -10.81 38.70
CA VAL B 195 -51.98 -11.12 38.90
C VAL B 195 -51.73 -11.37 40.38
N ASN B 196 -51.00 -12.44 40.68
CA ASN B 196 -50.55 -12.72 42.04
C ASN B 196 -49.29 -11.92 42.29
N ASP B 197 -49.43 -10.73 42.91
CA ASP B 197 -48.22 -9.89 43.06
C ASP B 197 -47.28 -10.39 44.14
N GLU B 198 -47.50 -11.57 44.68
CA GLU B 198 -46.54 -12.18 45.58
C GLU B 198 -45.72 -13.26 44.90
N VAL B 199 -46.01 -13.59 43.63
CA VAL B 199 -45.33 -14.68 42.96
C VAL B 199 -44.89 -14.28 41.56
N GLU B 200 -45.73 -13.50 40.86
CA GLU B 200 -45.65 -13.40 39.40
C GLU B 200 -45.06 -12.10 38.87
N THR B 201 -44.84 -11.10 39.73
CA THR B 201 -44.34 -9.81 39.26
C THR B 201 -42.81 -9.74 39.31
N LEU B 202 -42.32 -8.64 38.76
CA LEU B 202 -40.89 -8.47 38.46
C LEU B 202 -39.99 -8.66 39.67
N GLN B 203 -40.41 -8.17 40.84
CA GLN B 203 -39.54 -8.19 42.02
C GLN B 203 -39.16 -9.59 42.44
N TRP B 204 -39.93 -10.62 42.05
CA TRP B 204 -39.65 -12.01 42.41
C TRP B 204 -38.77 -12.73 41.39
N ASP B 205 -38.44 -12.08 40.28
CA ASP B 205 -37.67 -12.66 39.17
C ASP B 205 -36.20 -12.56 39.51
N LYS B 206 -35.65 -13.63 40.09
CA LYS B 206 -34.31 -13.58 40.66
C LYS B 206 -33.24 -13.41 39.58
N GLN B 207 -33.32 -14.18 38.49
CA GLN B 207 -32.30 -14.05 37.44
C GLN B 207 -32.34 -12.68 36.80
N TRP B 208 -33.52 -12.05 36.77
CA TRP B 208 -33.64 -10.71 36.22
C TRP B 208 -33.00 -9.68 37.14
N ASN B 209 -33.22 -9.81 38.46
CA ASN B 209 -32.78 -8.79 39.41
C ASN B 209 -31.33 -8.98 39.80
N ARG B 210 -30.76 -10.17 39.60
CA ARG B 210 -29.35 -10.40 39.88
C ARG B 210 -28.48 -9.77 38.80
N ILE B 211 -27.62 -8.83 39.17
CA ILE B 211 -26.72 -8.16 38.25
C ILE B 211 -25.36 -8.83 38.33
N VAL B 212 -24.81 -9.29 37.20
CA VAL B 212 -23.50 -9.92 37.20
C VAL B 212 -22.47 -8.90 36.72
N GLU B 213 -21.35 -8.84 37.43
CA GLU B 213 -20.32 -7.84 37.17
C GLU B 213 -19.17 -8.54 36.46
N LEU B 214 -19.14 -8.36 35.15
CA LEU B 214 -18.16 -9.01 34.29
C LEU B 214 -16.95 -8.11 34.11
N GLU B 215 -15.76 -8.72 34.08
CA GLU B 215 -14.53 -8.02 33.75
C GLU B 215 -14.04 -8.59 32.43
N LEU B 216 -14.09 -7.77 31.39
CA LEU B 216 -13.62 -8.16 30.07
C LEU B 216 -12.21 -7.63 29.86
N ILE B 217 -11.35 -8.46 29.27
CA ILE B 217 -9.97 -8.07 29.01
C ILE B 217 -9.64 -8.44 27.57
N PRO B 218 -8.64 -7.79 26.98
CA PRO B 218 -8.17 -8.24 25.67
C PRO B 218 -7.73 -9.69 25.76
N HIS B 219 -8.08 -10.47 24.74
CA HIS B 219 -7.80 -11.89 24.80
C HIS B 219 -6.31 -12.13 24.91
N PRO B 220 -5.87 -13.03 25.79
CA PRO B 220 -4.43 -13.18 26.03
C PRO B 220 -3.63 -13.64 24.82
N LYS B 221 -4.24 -14.33 23.86
CA LYS B 221 -3.52 -14.80 22.68
C LYS B 221 -3.26 -13.70 21.66
N LEU B 222 -3.74 -12.49 21.86
CA LEU B 222 -3.61 -11.47 20.83
C LEU B 222 -2.20 -10.89 20.79
N ALA B 223 -1.67 -10.71 19.59
CA ALA B 223 -0.40 -9.99 19.46
C ALA B 223 -0.56 -8.50 19.71
N HIS B 224 -1.74 -7.95 19.45
CA HIS B 224 -1.96 -6.50 19.63
C HIS B 224 -3.19 -6.24 20.48
N PRO B 225 -3.11 -6.49 21.79
CA PRO B 225 -4.23 -6.15 22.67
C PRO B 225 -4.52 -4.67 22.70
N GLU B 226 -3.55 -3.81 22.34
CA GLU B 226 -3.83 -2.39 22.34
C GLU B 226 -4.92 -2.02 21.36
N ALA B 227 -5.16 -2.84 20.34
CA ALA B 227 -6.28 -2.59 19.45
C ALA B 227 -7.62 -2.80 20.15
N VAL B 228 -7.70 -3.80 21.05
CA VAL B 228 -8.93 -4.05 21.80
C VAL B 228 -9.14 -2.98 22.86
N LEU B 229 -8.05 -2.47 23.45
CA LEU B 229 -8.15 -1.40 24.45
C LEU B 229 -8.81 -0.16 23.88
N ILE B 230 -8.39 0.29 22.70
CA ILE B 230 -9.08 1.46 22.14
C ILE B 230 -10.48 1.08 21.66
N ASP B 231 -10.63 -0.10 21.04
CA ASP B 231 -11.90 -0.53 20.46
C ASP B 231 -13.04 -0.45 21.48
N TYR B 232 -12.83 -1.00 22.68
CA TYR B 232 -13.86 -1.08 23.71
C TYR B 232 -13.69 -0.02 24.79
N ALA B 233 -12.84 0.99 24.55
CA ALA B 233 -12.63 2.10 25.46
C ALA B 233 -12.31 1.61 26.86
N MET B 234 -11.32 0.73 26.95
CA MET B 234 -11.00 0.11 28.21
C MET B 234 -10.16 1.07 29.06
N GLU B 235 -10.08 0.75 30.36
CA GLU B 235 -9.25 1.49 31.31
C GLU B 235 -8.60 0.47 32.21
N ASN B 236 -7.31 0.68 32.48
CA ASN B 236 -6.54 -0.28 33.27
C ASN B 236 -6.69 -1.68 32.71
N ASN B 237 -6.68 -1.77 31.38
CA ASN B 237 -6.66 -3.03 30.64
C ASN B 237 -7.91 -3.88 30.83
N ARG B 238 -9.04 -3.27 31.19
CA ARG B 238 -10.25 -4.07 31.35
C ARG B 238 -11.46 -3.20 31.05
N LEU B 239 -12.57 -3.87 30.75
CA LEU B 239 -13.87 -3.23 30.62
C LEU B 239 -14.80 -3.87 31.63
N ARG B 240 -15.38 -3.07 32.50
CA ARG B 240 -16.37 -3.55 33.45
C ARG B 240 -17.74 -3.45 32.79
N VAL B 241 -18.46 -4.54 32.75
CA VAL B 241 -19.80 -4.56 32.17
C VAL B 241 -20.72 -5.20 33.20
N GLU B 242 -21.85 -4.56 33.46
CA GLU B 242 -22.87 -5.07 34.37
C GLU B 242 -24.09 -5.46 33.56
N ILE B 243 -24.50 -6.73 33.67
CA ILE B 243 -25.66 -7.20 32.92
C ILE B 243 -26.53 -8.07 33.81
N ARG B 244 -27.82 -8.11 33.49
CA ARG B 244 -28.73 -9.01 34.17
C ARG B 244 -28.28 -10.45 33.93
N ALA B 245 -28.34 -11.26 35.00
CA ALA B 245 -28.01 -12.67 34.89
C ALA B 245 -28.82 -13.34 33.79
N ALA B 246 -30.09 -12.95 33.67
CA ALA B 246 -31.01 -13.47 32.66
C ALA B 246 -30.55 -13.17 31.24
N PHE B 247 -29.59 -12.24 31.08
CA PHE B 247 -29.03 -11.91 29.76
C PHE B 247 -27.67 -12.57 29.50
N ALA B 248 -27.01 -13.09 30.54
CA ALA B 248 -25.58 -13.36 30.45
C ALA B 248 -25.22 -14.33 29.32
N GLY B 249 -25.93 -15.45 29.23
CA GLY B 249 -25.66 -16.40 28.18
C GLY B 249 -25.73 -15.81 26.78
N TYR B 250 -26.91 -15.26 26.43
CA TYR B 250 -27.12 -14.58 25.16
C TYR B 250 -25.97 -13.65 24.84
N LEU B 251 -25.71 -12.71 25.76
CA LEU B 251 -24.86 -11.59 25.41
C LEU B 251 -23.41 -12.03 25.30
N LEU B 252 -22.97 -12.94 26.16
CA LEU B 252 -21.60 -13.39 26.05
C LEU B 252 -21.38 -14.13 24.73
N ARG B 253 -22.40 -14.85 24.24
CA ARG B 253 -22.29 -15.48 22.94
C ARG B 253 -22.36 -14.45 21.83
N LEU B 254 -23.30 -13.53 21.90
CA LEU B 254 -23.45 -12.52 20.88
C LEU B 254 -22.15 -11.73 20.71
N TRP B 255 -21.54 -11.33 21.82
CA TRP B 255 -20.29 -10.58 21.85
C TRP B 255 -19.06 -11.45 21.58
N ASN B 256 -19.22 -12.77 21.43
CA ASN B 256 -18.10 -13.66 21.14
C ASN B 256 -16.99 -13.53 22.19
N ILE B 257 -17.37 -13.65 23.46
CA ILE B 257 -16.41 -13.48 24.57
C ILE B 257 -15.89 -14.85 24.96
N ASP B 258 -14.57 -15.01 25.06
CA ASP B 258 -14.04 -16.28 25.52
C ASP B 258 -14.25 -16.41 27.04
N CYS B 259 -15.11 -17.34 27.46
CA CYS B 259 -15.41 -17.48 28.88
C CYS B 259 -14.82 -18.75 29.49
N SER B 260 -13.83 -19.34 28.81
CA SER B 260 -13.16 -20.51 29.35
C SER B 260 -12.16 -20.11 30.43
N LYS B 261 -11.90 -21.07 31.33
CA LYS B 261 -11.03 -20.84 32.48
C LYS B 261 -9.63 -20.46 32.03
N ASN B 262 -8.97 -21.34 31.28
CA ASN B 262 -7.54 -21.08 30.94
C ASN B 262 -7.39 -20.73 29.47
N SER B 263 -8.29 -19.88 28.94
CA SER B 263 -8.27 -19.53 27.50
C SER B 263 -8.04 -20.86 26.77
N LYS B 264 -6.93 -20.97 26.02
CA LYS B 264 -6.63 -22.21 25.26
C LYS B 264 -7.81 -22.40 24.31
N SER B 265 -8.41 -21.30 23.85
CA SER B 265 -9.59 -21.37 22.98
C SER B 265 -9.37 -20.28 21.94
N ASN B 266 -9.06 -20.67 20.70
CA ASN B 266 -8.87 -19.67 19.61
C ASN B 266 -9.26 -20.34 18.30
N GLY B 267 -10.31 -21.16 18.32
CA GLY B 267 -10.81 -21.70 17.04
C GLY B 267 -11.93 -20.79 16.57
N ARG B 268 -12.07 -19.64 17.23
CA ARG B 268 -13.23 -18.75 16.91
C ARG B 268 -12.73 -17.32 16.76
N GLU B 269 -11.43 -17.08 16.94
CA GLU B 269 -10.86 -15.73 16.77
C GLU B 269 -11.52 -14.75 17.76
N PHE B 270 -11.29 -14.95 19.04
CA PHE B 270 -11.83 -14.05 20.07
C PHE B 270 -10.96 -12.80 20.18
N HIS B 271 -11.58 -11.65 20.48
CA HIS B 271 -10.82 -10.40 20.73
C HIS B 271 -10.88 -10.14 22.23
N LEU B 272 -11.83 -10.79 22.90
CA LEU B 272 -12.05 -10.49 24.33
C LEU B 272 -12.15 -11.76 25.15
N ALA B 273 -11.69 -11.71 26.40
CA ALA B 273 -11.81 -12.84 27.32
C ALA B 273 -12.52 -12.35 28.58
N LEU B 274 -13.26 -13.26 29.21
CA LEU B 274 -13.89 -13.00 30.50
C LEU B 274 -12.87 -13.33 31.58
N LYS B 275 -12.42 -12.31 32.28
CA LYS B 275 -11.40 -12.50 33.31
C LYS B 275 -11.95 -13.28 34.50
N ASN B 276 -13.23 -13.12 34.84
CA ASN B 276 -13.81 -13.72 36.04
C ASN B 276 -15.02 -14.59 35.71
N PRO B 277 -14.81 -15.76 35.10
CA PRO B 277 -15.94 -16.65 34.85
C PRO B 277 -16.64 -17.12 36.11
N GLU B 278 -16.00 -16.98 37.29
CA GLU B 278 -16.70 -17.26 38.54
C GLU B 278 -17.95 -16.40 38.70
N ALA B 279 -18.01 -15.27 38.01
CA ALA B 279 -19.20 -14.42 38.10
C ALA B 279 -20.44 -15.04 37.45
N LEU B 280 -20.31 -16.14 36.71
CA LEU B 280 -21.41 -16.79 36.02
C LEU B 280 -22.02 -17.94 36.80
N TYR B 281 -21.45 -18.31 37.94
CA TYR B 281 -21.99 -19.40 38.74
C TYR B 281 -23.45 -19.12 39.11
N GLY B 282 -24.32 -20.12 38.90
CA GLY B 282 -25.73 -20.00 39.21
C GLY B 282 -26.54 -19.19 38.22
N VAL B 283 -25.93 -18.72 37.14
CA VAL B 283 -26.63 -17.97 36.11
C VAL B 283 -27.24 -18.97 35.14
N ASP B 284 -28.55 -18.93 35.01
CA ASP B 284 -29.21 -19.84 34.08
C ASP B 284 -28.79 -19.50 32.67
N ASN B 285 -28.50 -20.54 31.89
CA ASN B 285 -28.03 -20.42 30.51
C ASN B 285 -26.66 -19.78 30.41
N ALA B 286 -25.87 -19.86 31.48
CA ALA B 286 -24.45 -19.54 31.33
C ALA B 286 -23.79 -20.45 30.33
N ALA B 287 -24.33 -21.66 30.14
CA ALA B 287 -23.72 -22.63 29.24
C ALA B 287 -23.64 -22.10 27.81
N LEU B 288 -24.52 -21.15 27.44
CA LEU B 288 -24.44 -20.48 26.15
C LEU B 288 -23.22 -19.57 26.01
N ALA B 289 -22.50 -19.32 27.08
CA ALA B 289 -21.33 -18.47 26.95
C ALA B 289 -20.18 -19.26 26.35
N PRO B 290 -19.54 -18.75 25.28
CA PRO B 290 -18.44 -19.51 24.64
C PRO B 290 -17.40 -20.01 25.61
N GLY B 291 -17.19 -21.33 25.61
CA GLY B 291 -16.15 -21.91 26.43
C GLY B 291 -16.43 -21.98 27.91
N TYR B 292 -17.65 -21.65 28.35
CA TYR B 292 -17.91 -21.65 29.78
C TYR B 292 -18.06 -23.07 30.30
N SER B 293 -17.30 -23.39 31.34
CA SER B 293 -17.39 -24.68 32.03
C SER B 293 -17.41 -24.45 33.53
N GLU B 294 -18.49 -24.85 34.19
CA GLU B 294 -18.53 -24.83 35.66
C GLU B 294 -18.27 -26.23 36.18
N SER B 295 -19.22 -27.14 35.96
CA SER B 295 -19.09 -28.56 36.28
C SER B 295 -19.14 -29.42 35.02
N LEU C 7 -20.05 17.27 -50.12
CA LEU C 7 -19.51 16.12 -49.40
C LEU C 7 -18.22 15.60 -50.05
N GLU C 8 -18.19 15.60 -51.39
CA GLU C 8 -17.00 15.16 -52.10
C GLU C 8 -15.92 16.26 -52.14
N GLU C 9 -16.32 17.53 -52.15
CA GLU C 9 -15.36 18.63 -52.17
C GLU C 9 -14.66 18.84 -50.83
N LEU C 10 -15.18 18.26 -49.75
CA LEU C 10 -14.56 18.43 -48.45
C LEU C 10 -13.27 17.62 -48.35
N SER C 11 -12.43 18.00 -47.39
CA SER C 11 -11.24 17.21 -47.13
C SER C 11 -11.61 15.93 -46.39
N GLN C 12 -10.73 14.93 -46.47
CA GLN C 12 -10.98 13.69 -45.75
C GLN C 12 -11.16 13.95 -44.26
N ALA C 13 -10.32 14.81 -43.68
CA ALA C 13 -10.46 15.11 -42.25
C ALA C 13 -11.83 15.69 -41.94
N GLN C 14 -12.39 16.49 -42.86
CA GLN C 14 -13.71 17.08 -42.61
C GLN C 14 -14.82 16.06 -42.75
N ARG C 15 -14.71 15.12 -43.69
CA ARG C 15 -15.68 14.03 -43.75
C ARG C 15 -15.61 13.15 -42.50
N GLU C 16 -14.40 12.91 -41.99
CA GLU C 16 -14.29 12.07 -40.81
C GLU C 16 -15.00 12.70 -39.61
N ARG C 17 -14.92 14.02 -39.48
CA ARG C 17 -15.63 14.64 -38.36
C ARG C 17 -17.13 14.68 -38.59
N LEU C 18 -17.56 14.82 -39.84
CA LEU C 18 -18.98 14.70 -40.15
C LEU C 18 -19.48 13.30 -39.81
N ALA C 19 -18.71 12.27 -40.18
CA ALA C 19 -19.13 10.91 -39.88
C ALA C 19 -19.19 10.68 -38.38
N HIS C 20 -18.30 11.32 -37.62
CA HIS C 20 -18.37 11.17 -36.18
C HIS C 20 -19.62 11.81 -35.62
N ILE C 21 -20.08 12.92 -36.22
CA ILE C 21 -21.34 13.53 -35.80
C ILE C 21 -22.49 12.60 -36.12
N ASP C 22 -22.51 12.07 -37.35
CA ASP C 22 -23.52 11.10 -37.75
C ASP C 22 -23.56 9.93 -36.77
N PHE C 23 -22.38 9.36 -36.45
CA PHE C 23 -22.31 8.23 -35.54
C PHE C 23 -22.85 8.60 -34.16
N THR C 24 -22.44 9.75 -33.62
CA THR C 24 -22.83 10.09 -32.26
C THR C 24 -24.33 10.34 -32.16
N LEU C 25 -24.92 11.00 -33.16
CA LEU C 25 -26.37 11.19 -33.16
C LEU C 25 -27.10 9.86 -33.26
N LEU C 26 -26.58 8.94 -34.07
CA LEU C 26 -27.23 7.65 -34.27
C LEU C 26 -27.17 6.79 -33.01
N PHE C 27 -26.02 6.77 -32.33
CA PHE C 27 -25.79 5.84 -31.22
C PHE C 27 -26.02 6.46 -29.84
N LYS C 28 -26.04 7.79 -29.74
CA LYS C 28 -26.48 8.48 -28.54
C LYS C 28 -27.66 9.38 -28.94
N GLY C 29 -28.35 9.93 -27.97
CA GLY C 29 -29.42 10.70 -28.62
C GLY C 29 -29.03 12.06 -29.20
N GLU C 30 -27.76 12.42 -29.16
CA GLU C 30 -27.32 13.81 -29.13
C GLU C 30 -25.83 13.88 -29.42
N ALA C 31 -25.38 15.08 -29.74
CA ALA C 31 -23.96 15.34 -29.99
C ALA C 31 -23.67 16.83 -29.76
N GLY C 32 -22.54 17.12 -29.09
CA GLY C 32 -22.13 18.50 -28.88
C GLY C 32 -20.69 18.72 -29.32
N ARG C 33 -20.27 19.98 -29.25
CA ARG C 33 -18.92 20.35 -29.67
C ARG C 33 -17.86 19.60 -28.88
N SER C 34 -18.14 19.29 -27.61
CA SER C 34 -17.14 18.62 -26.80
C SER C 34 -16.83 17.23 -27.34
N TYR C 35 -17.80 16.57 -27.98
CA TYR C 35 -17.50 15.30 -28.64
C TYR C 35 -16.45 15.50 -29.72
N LEU C 36 -16.54 16.59 -30.48
CA LEU C 36 -15.60 16.74 -31.58
C LEU C 36 -14.22 17.21 -31.10
N THR C 37 -14.17 18.13 -30.15
CA THR C 37 -12.86 18.54 -29.65
C THR C 37 -12.16 17.44 -28.87
N GLU C 38 -12.89 16.61 -28.13
CA GLU C 38 -12.24 15.49 -27.44
C GLU C 38 -11.75 14.45 -28.43
N ARG C 39 -12.61 14.08 -29.38
CA ARG C 39 -12.26 13.03 -30.33
C ARG C 39 -11.16 13.46 -31.29
N PHE C 40 -11.19 14.71 -31.75
CA PHE C 40 -10.28 15.14 -32.82
C PHE C 40 -9.28 16.19 -32.41
N SER C 41 -9.41 16.77 -31.22
CA SER C 41 -8.53 17.85 -30.77
C SER C 41 -8.54 19.04 -31.73
N VAL C 42 -9.71 19.32 -32.33
CA VAL C 42 -9.91 20.54 -33.10
C VAL C 42 -10.37 21.65 -32.18
N ALA C 43 -10.26 22.88 -32.65
CA ALA C 43 -10.74 24.03 -31.90
C ALA C 43 -12.26 24.03 -31.80
N PRO C 44 -12.82 24.55 -30.70
CA PRO C 44 -14.28 24.68 -30.63
C PRO C 44 -14.89 25.38 -31.83
N SER C 45 -14.21 26.39 -32.36
CA SER C 45 -14.73 27.04 -33.55
C SER C 45 -14.73 26.10 -34.75
N VAL C 46 -13.79 25.16 -34.80
CA VAL C 46 -13.81 24.20 -35.90
C VAL C 46 -15.00 23.28 -35.76
N ALA C 47 -15.26 22.80 -34.53
CA ALA C 47 -16.39 21.91 -34.30
C ALA C 47 -17.70 22.57 -34.70
N THR C 48 -17.81 23.88 -34.43
CA THR C 48 -19.01 24.63 -34.82
C THR C 48 -19.22 24.59 -36.33
N GLN C 49 -18.15 24.78 -37.09
CA GLN C 49 -18.24 24.65 -38.55
C GLN C 49 -18.61 23.24 -38.96
N ASP C 50 -18.12 22.24 -38.22
CA ASP C 50 -18.50 20.87 -38.53
C ASP C 50 -20.00 20.69 -38.39
N PHE C 51 -20.57 21.12 -37.26
CA PHE C 51 -22.00 20.93 -37.06
C PHE C 51 -22.81 21.68 -38.12
N ALA C 52 -22.34 22.86 -38.54
CA ALA C 52 -22.99 23.59 -39.62
C ALA C 52 -22.92 22.81 -40.93
N ARG C 53 -21.74 22.26 -41.27
CA ARG C 53 -21.65 21.45 -42.48
C ARG C 53 -22.59 20.26 -42.40
N TYR C 54 -22.70 19.65 -41.22
CA TYR C 54 -23.60 18.51 -41.07
C TYR C 54 -25.05 18.95 -41.29
N LYS C 55 -25.45 20.05 -40.67
CA LYS C 55 -26.83 20.55 -40.82
C LYS C 55 -27.16 20.81 -42.28
N ALA C 56 -26.22 21.39 -43.04
CA ALA C 56 -26.48 21.66 -44.45
C ALA C 56 -26.72 20.38 -45.24
N LEU C 57 -26.00 19.30 -44.90
CA LEU C 57 -26.11 18.08 -45.67
C LEU C 57 -27.28 17.21 -45.23
N ALA C 58 -27.68 17.29 -43.96
CA ALA C 58 -28.76 16.47 -43.42
C ALA C 58 -29.58 17.34 -42.48
N PRO C 59 -30.35 18.28 -43.01
CA PRO C 59 -31.06 19.24 -42.15
C PRO C 59 -32.15 18.58 -41.32
N ASN C 60 -32.76 17.52 -41.82
CA ASN C 60 -33.83 16.82 -41.13
C ASN C 60 -33.33 15.73 -40.19
N ASN C 61 -32.02 15.62 -40.01
CA ASN C 61 -31.45 14.69 -39.05
C ASN C 61 -31.31 15.28 -37.66
N VAL C 62 -31.19 16.59 -37.55
CA VAL C 62 -30.66 17.18 -36.33
C VAL C 62 -31.40 18.47 -36.01
N MET C 63 -31.57 18.74 -34.70
CA MET C 63 -32.15 20.01 -34.22
C MET C 63 -31.29 20.48 -33.05
N TYR C 64 -31.18 21.79 -32.81
CA TYR C 64 -30.30 22.32 -31.74
C TYR C 64 -31.07 22.71 -30.49
N ASP C 65 -30.62 22.24 -29.33
CA ASP C 65 -31.24 22.64 -28.04
C ASP C 65 -30.33 23.72 -27.46
N GLU C 66 -30.68 24.98 -27.68
CA GLU C 66 -29.87 26.14 -27.19
C GLU C 66 -29.69 26.04 -25.67
N LYS C 67 -30.66 25.45 -24.98
CA LYS C 67 -30.59 25.31 -23.51
C LYS C 67 -29.46 24.35 -23.14
N ARG C 68 -29.49 23.12 -23.66
CA ARG C 68 -28.48 22.11 -23.25
C ARG C 68 -27.21 22.28 -24.08
N ARG C 69 -27.22 23.22 -25.02
CA ARG C 69 -26.05 23.42 -25.91
C ARG C 69 -25.68 22.09 -26.54
N VAL C 70 -26.67 21.37 -27.06
CA VAL C 70 -26.42 20.03 -27.66
C VAL C 70 -27.32 19.85 -28.89
N HIS C 71 -26.77 19.32 -29.97
CA HIS C 71 -27.58 19.01 -31.16
C HIS C 71 -28.26 17.67 -30.90
N LEU C 72 -29.53 17.52 -31.26
CA LEU C 72 -30.28 16.29 -30.91
C LEU C 72 -30.75 15.54 -32.15
N LYS C 73 -30.77 14.20 -32.07
CA LYS C 73 -31.27 13.39 -33.17
C LYS C 73 -32.79 13.54 -33.32
N THR C 74 -33.26 13.75 -34.54
CA THR C 74 -34.69 13.89 -34.78
C THR C 74 -35.32 12.52 -34.98
N SER C 75 -36.65 12.50 -35.02
CA SER C 75 -37.36 11.22 -35.30
C SER C 75 -37.20 10.88 -36.77
N THR C 76 -36.96 11.90 -37.61
CA THR C 76 -36.81 11.69 -39.07
C THR C 76 -35.35 11.38 -39.44
N PHE C 77 -34.52 11.09 -38.43
CA PHE C 77 -33.11 10.78 -38.70
C PHE C 77 -32.84 9.66 -39.69
N GLN C 78 -32.00 9.94 -40.69
CA GLN C 78 -31.45 8.91 -41.54
C GLN C 78 -29.94 9.09 -41.66
N PRO C 79 -29.16 8.04 -41.45
CA PRO C 79 -27.71 8.21 -41.36
C PRO C 79 -27.17 8.86 -42.62
N LEU C 80 -26.29 9.86 -42.44
CA LEU C 80 -25.74 10.50 -43.62
C LEU C 80 -24.75 9.60 -44.35
N PHE C 81 -24.20 8.59 -43.69
CA PHE C 81 -23.17 7.74 -44.27
C PHE C 81 -23.58 6.28 -44.20
N ASP C 82 -22.91 5.47 -45.01
CA ASP C 82 -22.92 4.02 -44.87
C ASP C 82 -21.88 3.61 -43.84
N TYR C 83 -22.20 2.58 -43.07
CA TYR C 83 -21.32 2.09 -42.01
C TYR C 83 -20.83 0.70 -42.36
N ASP C 84 -19.55 0.46 -42.16
CA ASP C 84 -19.02 -0.90 -42.15
C ASP C 84 -19.47 -1.57 -40.85
N ILE C 85 -20.36 -2.55 -40.92
CA ILE C 85 -20.99 -3.00 -39.68
C ILE C 85 -19.98 -3.74 -38.80
N VAL C 86 -19.09 -4.55 -39.39
CA VAL C 86 -18.08 -5.21 -38.56
C VAL C 86 -17.17 -4.19 -37.88
N ARG C 87 -16.66 -3.23 -38.66
CA ARG C 87 -15.73 -2.27 -38.08
C ARG C 87 -16.44 -1.32 -37.10
N THR C 88 -17.68 -0.94 -37.40
CA THR C 88 -18.43 -0.08 -36.48
C THR C 88 -18.65 -0.77 -35.14
N LEU C 89 -19.06 -2.05 -35.16
CA LEU C 89 -19.22 -2.80 -33.92
C LEU C 89 -17.89 -2.96 -33.18
N ALA C 90 -16.80 -3.08 -33.92
CA ALA C 90 -15.49 -3.11 -33.27
C ALA C 90 -15.21 -1.80 -32.57
N THR C 91 -15.49 -0.69 -33.25
CA THR C 91 -15.20 0.62 -32.68
C THR C 91 -15.99 0.86 -31.39
N ILE C 92 -17.28 0.51 -31.36
CA ILE C 92 -18.05 0.81 -30.14
C ILE C 92 -17.65 -0.10 -29.00
N SER C 93 -17.03 -1.26 -29.27
CA SER C 93 -16.54 -2.14 -28.23
C SER C 93 -15.04 -2.05 -27.98
N GLN C 94 -14.31 -1.19 -28.70
CA GLN C 94 -12.87 -1.12 -28.48
C GLN C 94 -12.42 0.31 -28.22
N GLY C 95 -12.90 1.24 -29.04
CA GLY C 95 -12.48 2.62 -28.96
C GLY C 95 -12.20 3.20 -30.34
N PHE C 96 -11.96 4.49 -30.36
CA PHE C 96 -11.85 5.24 -31.58
C PHE C 96 -10.40 5.20 -32.04
N GLY C 97 -10.19 5.34 -33.34
CA GLY C 97 -8.88 5.32 -33.95
C GLY C 97 -8.40 3.92 -34.31
N ASP C 98 -7.19 3.88 -34.87
CA ASP C 98 -6.69 2.64 -35.43
C ASP C 98 -5.93 1.80 -34.42
N GLY C 99 -5.63 2.37 -33.26
CA GLY C 99 -4.92 1.68 -32.20
C GLY C 99 -3.44 1.98 -32.09
N PHE C 100 -2.89 2.81 -33.00
CA PHE C 100 -1.46 3.05 -33.11
C PHE C 100 -0.92 4.14 -32.18
N LEU C 101 -1.77 4.81 -31.40
CA LEU C 101 -1.32 5.88 -30.51
C LEU C 101 -1.52 5.56 -29.03
N GLY C 102 -1.59 4.30 -28.65
CA GLY C 102 -1.76 3.92 -27.26
C GLY C 102 -3.14 3.36 -26.99
N LYS C 103 -3.34 2.97 -25.73
CA LYS C 103 -4.57 2.33 -25.27
C LYS C 103 -5.78 3.19 -25.59
N VAL C 104 -6.85 2.54 -26.06
CA VAL C 104 -8.13 3.20 -26.28
C VAL C 104 -9.18 2.46 -25.47
N ARG C 105 -10.32 3.13 -25.28
CA ARG C 105 -11.40 2.55 -24.47
C ARG C 105 -12.74 2.74 -25.17
N PRO C 106 -13.69 1.83 -24.95
CA PRO C 106 -15.01 1.94 -25.60
C PRO C 106 -15.68 3.26 -25.30
N PRO C 107 -16.33 3.86 -26.28
CA PRO C 107 -17.00 5.15 -26.06
C PRO C 107 -18.39 5.03 -25.45
N MET C 108 -18.74 3.91 -24.82
CA MET C 108 -20.10 3.71 -24.33
C MET C 108 -20.06 2.48 -23.44
N ALA C 109 -21.20 2.16 -22.82
CA ALA C 109 -21.33 0.97 -21.97
C ALA C 109 -21.42 -0.25 -22.88
N CYS C 110 -20.25 -0.67 -23.35
CA CYS C 110 -20.14 -1.79 -24.26
C CYS C 110 -18.91 -2.60 -23.88
N GLU C 111 -19.09 -3.91 -23.70
CA GLU C 111 -18.02 -4.80 -23.27
C GLU C 111 -17.84 -5.91 -24.30
N ALA C 112 -16.60 -6.39 -24.40
CA ALA C 112 -16.23 -7.51 -25.27
C ALA C 112 -15.36 -8.42 -24.42
N PRO C 113 -15.97 -9.26 -23.58
CA PRO C 113 -15.22 -9.99 -22.55
C PRO C 113 -14.54 -11.27 -23.03
N PHE C 114 -14.53 -11.59 -24.32
CA PHE C 114 -14.06 -12.90 -24.77
C PHE C 114 -12.57 -12.95 -25.07
N HIS C 115 -11.87 -11.83 -24.97
CA HIS C 115 -10.45 -11.80 -25.29
C HIS C 115 -9.65 -12.37 -24.13
N LEU C 116 -8.78 -13.33 -24.44
CA LEU C 116 -7.72 -13.68 -23.51
C LEU C 116 -6.47 -13.17 -24.24
N ASN C 117 -5.27 -13.49 -23.78
CA ASN C 117 -4.10 -12.70 -24.17
C ASN C 117 -3.91 -12.75 -25.68
N LYS C 118 -3.22 -11.74 -26.19
CA LYS C 118 -2.95 -11.53 -27.59
C LYS C 118 -1.49 -11.81 -27.90
N PRO C 119 -1.17 -12.11 -29.15
CA PRO C 119 0.24 -12.26 -29.52
C PRO C 119 0.96 -10.96 -29.22
N LYS C 120 2.28 -11.08 -29.02
CA LYS C 120 3.11 -9.87 -28.87
C LYS C 120 3.14 -9.08 -30.16
N LEU C 121 3.12 -7.75 -30.00
CA LEU C 121 3.18 -6.85 -31.16
C LEU C 121 4.32 -7.20 -32.09
N GLU C 122 5.51 -7.43 -31.54
CA GLU C 122 6.69 -7.64 -32.39
C GLU C 122 6.60 -8.94 -33.17
N VAL C 123 5.97 -9.95 -32.58
CA VAL C 123 5.84 -11.24 -33.26
C VAL C 123 4.87 -11.11 -34.44
N VAL C 124 3.66 -10.56 -34.20
CA VAL C 124 2.69 -10.40 -35.30
C VAL C 124 3.29 -9.56 -36.39
N ALA C 125 3.99 -8.48 -36.01
CA ALA C 125 4.58 -7.59 -37.01
C ALA C 125 5.65 -8.31 -37.83
N ALA C 126 6.50 -9.09 -37.18
CA ALA C 126 7.56 -9.77 -37.91
C ALA C 126 6.99 -10.77 -38.91
N ILE C 127 5.93 -11.48 -38.51
CA ILE C 127 5.30 -12.43 -39.43
C ILE C 127 4.62 -11.69 -40.57
N SER C 128 3.92 -10.60 -40.26
CA SER C 128 3.34 -9.77 -41.30
C SER C 128 4.40 -9.21 -42.25
N GLU C 129 5.53 -8.75 -41.71
CA GLU C 129 6.61 -8.25 -42.57
C GLU C 129 7.09 -9.33 -43.51
N ALA C 130 7.28 -10.55 -42.97
CA ALA C 130 7.70 -11.67 -43.79
C ALA C 130 6.65 -12.03 -44.86
N ILE C 131 5.37 -12.03 -44.50
CA ILE C 131 4.34 -12.28 -45.53
C ILE C 131 4.42 -11.23 -46.63
N HIS C 132 4.52 -9.97 -46.24
CA HIS C 132 4.59 -8.88 -47.21
C HIS C 132 5.79 -9.04 -48.15
N LYS C 133 6.96 -9.41 -47.60
CA LYS C 133 8.18 -9.55 -48.38
C LYS C 133 8.30 -10.92 -49.04
N ARG C 134 7.34 -11.83 -48.80
CA ARG C 134 7.39 -13.18 -49.39
C ARG C 134 8.67 -13.91 -48.99
N ALA C 135 9.01 -13.83 -47.71
CA ALA C 135 10.27 -14.35 -47.22
C ALA C 135 10.06 -15.64 -46.44
N VAL C 136 11.17 -16.36 -46.27
CA VAL C 136 11.30 -17.46 -45.31
C VAL C 136 11.68 -16.83 -43.97
N ILE C 137 11.12 -17.35 -42.89
CA ILE C 137 11.49 -16.95 -41.56
C ILE C 137 11.85 -18.20 -40.76
N ASN C 138 12.83 -18.06 -39.89
CA ASN C 138 13.11 -19.04 -38.87
C ASN C 138 12.37 -18.61 -37.62
N ILE C 139 11.68 -19.56 -36.98
CA ILE C 139 10.93 -19.28 -35.77
C ILE C 139 11.30 -20.30 -34.72
N GLU C 140 11.11 -19.88 -33.47
CA GLU C 140 11.00 -20.80 -32.35
C GLU C 140 9.53 -21.00 -32.04
N TYR C 141 9.15 -22.25 -31.80
CA TYR C 141 7.76 -22.64 -31.64
C TYR C 141 7.68 -23.76 -30.62
N THR C 142 6.72 -23.64 -29.73
CA THR C 142 6.44 -24.67 -28.73
C THR C 142 5.12 -25.32 -29.11
N SER C 143 5.20 -26.54 -29.62
CA SER C 143 3.98 -27.17 -30.10
C SER C 143 3.38 -28.01 -28.99
N LEU C 144 2.08 -28.26 -29.11
CA LEU C 144 1.46 -29.19 -28.19
C LEU C 144 1.94 -30.61 -28.46
N SER C 145 2.33 -30.90 -29.70
CA SER C 145 2.65 -32.26 -30.07
C SER C 145 4.09 -32.66 -29.77
N SER C 146 5.05 -31.73 -29.85
CA SER C 146 6.45 -32.08 -29.61
C SER C 146 7.23 -31.11 -28.74
N GLY C 147 6.61 -30.05 -28.22
CA GLY C 147 7.28 -29.11 -27.35
C GLY C 147 8.13 -28.10 -28.11
N HIS C 148 9.11 -27.54 -27.41
CA HIS C 148 9.88 -26.44 -27.98
C HIS C 148 10.82 -26.91 -29.10
N GLY C 149 11.01 -26.04 -30.09
CA GLY C 149 11.96 -26.31 -31.17
C GLY C 149 12.04 -25.10 -32.08
N SER C 150 12.90 -25.23 -33.11
CA SER C 150 13.12 -24.25 -34.15
C SER C 150 12.78 -24.86 -35.50
N ARG C 151 12.44 -24.00 -36.47
CA ARG C 151 12.09 -24.48 -37.80
C ARG C 151 11.98 -23.26 -38.72
N GLN C 152 12.11 -23.51 -40.01
CA GLN C 152 11.87 -22.50 -41.04
C GLN C 152 10.44 -22.67 -41.54
N ILE C 153 9.75 -21.56 -41.77
CA ILE C 153 8.40 -21.59 -42.32
C ILE C 153 8.28 -20.50 -43.37
N VAL C 154 7.35 -20.73 -44.30
CA VAL C 154 7.04 -19.78 -45.35
C VAL C 154 5.61 -19.32 -45.15
N PRO C 155 5.42 -18.19 -44.47
CA PRO C 155 4.05 -17.77 -44.13
C PRO C 155 3.36 -17.12 -45.32
N HIS C 156 2.05 -17.30 -45.38
CA HIS C 156 1.33 -16.57 -46.43
C HIS C 156 0.11 -15.80 -45.94
N THR C 157 -0.48 -16.12 -44.79
CA THR C 157 -1.67 -15.40 -44.32
C THR C 157 -1.72 -15.37 -42.80
N LEU C 158 -2.12 -14.23 -42.24
CA LEU C 158 -2.40 -14.12 -40.80
C LEU C 158 -3.87 -14.36 -40.56
N ILE C 159 -4.20 -15.08 -39.48
CA ILE C 159 -5.59 -15.46 -39.21
C ILE C 159 -5.97 -15.11 -37.76
N ASP C 160 -7.03 -14.33 -37.58
CA ASP C 160 -7.73 -14.27 -36.29
C ASP C 160 -8.81 -15.34 -36.36
N ASN C 161 -8.59 -16.48 -35.72
CA ASN C 161 -9.63 -17.51 -35.77
C ASN C 161 -10.75 -17.30 -34.76
N GLY C 162 -10.73 -16.22 -33.99
CA GLY C 162 -11.81 -16.02 -33.04
C GLY C 162 -11.35 -16.25 -31.62
N LEU C 163 -10.50 -17.25 -31.43
CA LEU C 163 -10.00 -17.67 -30.13
C LEU C 163 -8.53 -17.33 -29.96
N ARG C 164 -7.71 -17.68 -30.94
CA ARG C 164 -6.29 -17.34 -30.99
C ARG C 164 -6.00 -16.70 -32.35
N TRP C 165 -4.79 -16.18 -32.48
CA TRP C 165 -4.22 -15.78 -33.76
C TRP C 165 -3.29 -16.87 -34.25
N HIS C 166 -3.35 -17.15 -35.54
CA HIS C 166 -2.38 -18.08 -36.11
C HIS C 166 -1.95 -17.57 -37.47
N VAL C 167 -0.84 -18.13 -37.96
CA VAL C 167 -0.34 -17.86 -39.30
C VAL C 167 -0.43 -19.14 -40.12
N ARG C 168 -0.94 -19.03 -41.34
CA ARG C 168 -0.93 -20.16 -42.26
C ARG C 168 0.39 -20.15 -43.03
N ALA C 169 1.11 -21.28 -43.01
CA ALA C 169 2.46 -21.29 -43.58
C ALA C 169 2.88 -22.68 -44.04
N PHE C 170 3.86 -22.69 -44.94
CA PHE C 170 4.52 -23.95 -45.27
C PHE C 170 5.59 -24.21 -44.23
N ASP C 171 5.49 -25.35 -43.55
CA ASP C 171 6.42 -25.75 -42.52
C ASP C 171 7.53 -26.56 -43.18
N ARG C 172 8.77 -26.06 -43.17
CA ARG C 172 9.84 -26.84 -43.80
C ARG C 172 10.27 -28.02 -42.94
N LYS C 173 9.94 -28.01 -41.64
CA LYS C 173 10.32 -29.15 -40.79
C LYS C 173 9.64 -30.42 -41.28
N HIS C 174 8.33 -30.40 -41.46
CA HIS C 174 7.62 -31.59 -41.94
C HIS C 174 7.12 -31.43 -43.37
N ARG C 175 7.49 -30.34 -44.04
CA ARG C 175 7.17 -30.13 -45.45
C ARG C 175 5.68 -30.26 -45.68
N GLU C 176 4.93 -29.40 -44.99
CA GLU C 176 3.48 -29.38 -45.11
C GLU C 176 2.98 -28.00 -44.77
N PHE C 177 1.83 -27.64 -45.35
CA PHE C 177 1.10 -26.45 -44.93
C PHE C 177 0.36 -26.72 -43.64
N ARG C 178 0.33 -25.71 -42.76
CA ARG C 178 -0.20 -25.87 -41.41
C ARG C 178 -0.30 -24.50 -40.73
N ASP C 179 -0.99 -24.50 -39.59
CA ASP C 179 -1.17 -23.34 -38.74
C ASP C 179 -0.12 -23.30 -37.64
N PHE C 180 0.34 -22.10 -37.31
CA PHE C 180 1.19 -21.86 -36.15
C PHE C 180 0.53 -20.82 -35.26
N VAL C 181 0.25 -21.17 -34.01
CA VAL C 181 -0.37 -20.24 -33.07
C VAL C 181 0.62 -19.11 -32.75
N LEU C 182 0.20 -17.86 -32.95
CA LEU C 182 1.14 -16.75 -32.84
C LEU C 182 1.66 -16.61 -31.41
N THR C 183 0.83 -16.90 -30.39
CA THR C 183 1.31 -16.78 -29.03
C THR C 183 2.25 -17.90 -28.62
N ARG C 184 2.47 -18.90 -29.46
CA ARG C 184 3.47 -19.91 -29.19
C ARG C 184 4.74 -19.74 -30.00
N ILE C 185 4.80 -18.67 -30.78
CA ILE C 185 6.00 -18.31 -31.54
C ILE C 185 6.76 -17.31 -30.69
N SER C 186 8.02 -17.63 -30.38
CA SER C 186 8.78 -16.78 -29.45
C SER C 186 9.84 -15.94 -30.13
N GLU C 187 10.40 -16.40 -31.25
CA GLU C 187 11.37 -15.63 -31.99
C GLU C 187 11.00 -15.75 -33.45
N VAL C 188 11.23 -14.68 -34.21
CA VAL C 188 11.02 -14.65 -35.65
C VAL C 188 12.26 -14.01 -36.25
N GLU C 189 12.86 -14.67 -37.26
CA GLU C 189 14.03 -14.13 -37.93
C GLU C 189 13.81 -14.20 -39.43
N LEU C 190 13.81 -13.04 -40.07
CA LEU C 190 13.68 -12.95 -41.53
C LEU C 190 14.95 -13.48 -42.18
N LEU C 191 14.80 -14.41 -43.12
CA LEU C 191 15.93 -15.05 -43.78
C LEU C 191 16.04 -14.60 -45.23
N GLU C 192 17.20 -14.88 -45.82
CA GLU C 192 17.42 -14.62 -47.23
C GLU C 192 17.17 -15.84 -48.12
N ASP C 193 16.93 -17.01 -47.55
CA ASP C 193 16.71 -18.20 -48.35
C ASP C 193 15.58 -17.99 -49.36
N LYS C 194 15.72 -18.63 -50.50
CA LYS C 194 14.74 -18.49 -51.58
C LYS C 194 13.52 -19.33 -51.26
N VAL C 195 12.35 -18.83 -51.64
CA VAL C 195 11.11 -19.61 -51.55
C VAL C 195 10.99 -20.49 -52.78
N ASN C 196 10.62 -21.74 -52.57
CA ASN C 196 10.33 -22.64 -53.69
C ASN C 196 8.89 -22.40 -54.16
N ASP C 197 8.73 -21.68 -55.26
CA ASP C 197 7.38 -21.31 -55.77
C ASP C 197 6.63 -22.47 -56.43
N GLU C 198 7.14 -23.69 -56.34
CA GLU C 198 6.44 -24.87 -56.92
C GLU C 198 5.91 -25.77 -55.80
N VAL C 199 6.21 -25.44 -54.54
CA VAL C 199 5.74 -26.27 -53.39
C VAL C 199 5.17 -25.25 -52.40
N GLU C 200 5.97 -24.31 -51.92
CA GLU C 200 5.75 -23.59 -50.63
C GLU C 200 4.81 -22.41 -50.73
N THR C 201 4.35 -22.07 -51.92
CA THR C 201 3.52 -20.86 -52.09
C THR C 201 2.05 -21.17 -51.83
N LEU C 202 1.24 -20.12 -51.60
CA LEU C 202 -0.18 -20.27 -51.28
C LEU C 202 -0.93 -21.12 -52.30
N GLN C 203 -0.58 -21.01 -53.59
CA GLN C 203 -1.36 -21.76 -54.58
C GLN C 203 -1.31 -23.27 -54.35
N TRP C 204 -0.29 -23.78 -53.67
CA TRP C 204 -0.20 -25.22 -53.45
C TRP C 204 -0.86 -25.69 -52.16
N ASP C 205 -1.40 -24.77 -51.36
CA ASP C 205 -2.01 -25.11 -50.06
C ASP C 205 -3.44 -25.60 -50.32
N LYS C 206 -3.57 -26.93 -50.46
CA LYS C 206 -4.85 -27.51 -50.86
C LYS C 206 -5.96 -27.28 -49.83
N GLN C 207 -5.65 -27.46 -48.53
CA GLN C 207 -6.67 -27.23 -47.51
C GLN C 207 -7.07 -25.76 -47.44
N TRP C 208 -6.15 -24.85 -47.78
CA TRP C 208 -6.48 -23.43 -47.79
C TRP C 208 -7.39 -23.07 -48.95
N ASN C 209 -7.12 -23.63 -50.12
CA ASN C 209 -7.79 -23.24 -51.34
C ASN C 209 -9.12 -23.96 -51.54
N ARG C 210 -9.34 -25.07 -50.84
CA ARG C 210 -10.60 -25.80 -50.91
C ARG C 210 -11.66 -25.06 -50.09
N ILE C 211 -12.75 -24.66 -50.75
CA ILE C 211 -13.88 -24.03 -50.07
C ILE C 211 -14.91 -25.10 -49.77
N VAL C 212 -15.31 -25.23 -48.51
CA VAL C 212 -16.39 -26.16 -48.17
C VAL C 212 -17.68 -25.35 -48.02
N GLU C 213 -18.75 -25.87 -48.58
CA GLU C 213 -20.02 -25.19 -48.65
C GLU C 213 -20.94 -25.86 -47.63
N LEU C 214 -21.11 -25.22 -46.49
CA LEU C 214 -21.85 -25.77 -45.37
C LEU C 214 -23.31 -25.32 -45.41
N GLU C 215 -24.20 -26.21 -45.07
CA GLU C 215 -25.62 -25.88 -44.99
C GLU C 215 -26.04 -25.99 -43.53
N LEU C 216 -26.32 -24.85 -42.90
CA LEU C 216 -26.69 -24.83 -41.48
C LEU C 216 -28.19 -24.68 -41.33
N ILE C 217 -28.77 -25.42 -40.38
CA ILE C 217 -30.21 -25.39 -40.13
C ILE C 217 -30.46 -25.27 -38.63
N PRO C 218 -31.64 -24.79 -38.23
CA PRO C 218 -31.99 -24.82 -36.81
C PRO C 218 -31.90 -26.23 -36.28
N HIS C 219 -31.37 -26.36 -35.06
CA HIS C 219 -31.19 -27.70 -34.55
C HIS C 219 -32.55 -28.38 -34.45
N PRO C 220 -32.67 -29.63 -34.87
CA PRO C 220 -33.98 -30.25 -34.89
C PRO C 220 -34.60 -30.41 -33.50
N LYS C 221 -33.83 -30.36 -32.41
CA LYS C 221 -34.44 -30.50 -31.10
C LYS C 221 -35.18 -29.26 -30.64
N LEU C 222 -35.08 -28.14 -31.35
CA LEU C 222 -35.63 -26.90 -30.82
C LEU C 222 -37.15 -26.86 -30.98
N ALA C 223 -37.83 -26.41 -29.92
CA ALA C 223 -39.27 -26.20 -29.98
C ALA C 223 -39.64 -24.99 -30.82
N HIS C 224 -38.78 -23.97 -30.85
CA HIS C 224 -39.05 -22.74 -31.58
C HIS C 224 -37.90 -22.43 -32.53
N PRO C 225 -37.73 -23.23 -33.59
CA PRO C 225 -36.65 -22.92 -34.56
C PRO C 225 -36.76 -21.56 -35.21
N GLU C 226 -37.94 -20.93 -35.20
CA GLU C 226 -38.08 -19.62 -35.82
C GLU C 226 -37.18 -18.59 -35.16
N ALA C 227 -36.83 -18.81 -33.90
CA ALA C 227 -35.91 -17.89 -33.24
C ALA C 227 -34.53 -17.95 -33.89
N VAL C 228 -34.09 -19.15 -34.28
CA VAL C 228 -32.80 -19.30 -34.94
C VAL C 228 -32.84 -18.78 -36.38
N LEU C 229 -33.99 -18.95 -37.07
CA LEU C 229 -34.12 -18.44 -38.43
C LEU C 229 -33.92 -16.93 -38.48
N ILE C 230 -34.52 -16.20 -37.55
CA ILE C 230 -34.33 -14.75 -37.50
C ILE C 230 -32.91 -14.42 -37.05
N ASP C 231 -32.42 -15.15 -36.04
CA ASP C 231 -31.11 -14.87 -35.45
C ASP C 231 -30.02 -14.86 -36.52
N TYR C 232 -29.98 -15.89 -37.37
CA TYR C 232 -28.92 -16.08 -38.35
C TYR C 232 -29.35 -15.68 -39.75
N ALA C 233 -30.42 -14.91 -39.88
CA ALA C 233 -30.90 -14.43 -41.19
C ALA C 233 -31.01 -15.59 -42.18
N MET C 234 -31.69 -16.65 -41.76
CA MET C 234 -31.76 -17.81 -42.61
C MET C 234 -32.85 -17.61 -43.65
N GLU C 235 -32.77 -18.39 -44.72
CA GLU C 235 -33.78 -18.39 -45.78
C GLU C 235 -34.00 -19.83 -46.20
N ASN C 236 -35.26 -20.19 -46.46
CA ASN C 236 -35.58 -21.55 -46.83
C ASN C 236 -35.07 -22.54 -45.79
N ASN C 237 -35.20 -22.15 -44.50
CA ASN C 237 -34.82 -22.94 -43.34
C ASN C 237 -33.30 -23.21 -43.29
N ARG C 238 -32.50 -22.37 -43.92
CA ARG C 238 -31.08 -22.67 -44.08
C ARG C 238 -30.23 -21.41 -44.05
N LEU C 239 -28.98 -21.59 -43.64
CA LEU C 239 -27.91 -20.63 -43.83
C LEU C 239 -26.80 -21.37 -44.56
N ARG C 240 -26.44 -20.89 -45.74
CA ARG C 240 -25.30 -21.41 -46.48
C ARG C 240 -24.06 -20.60 -46.11
N VAL C 241 -23.03 -21.30 -45.68
CA VAL C 241 -21.76 -20.71 -45.25
C VAL C 241 -20.64 -21.35 -46.03
N GLU C 242 -19.76 -20.53 -46.58
CA GLU C 242 -18.60 -20.97 -47.36
C GLU C 242 -17.34 -20.65 -46.57
N ILE C 243 -16.54 -21.64 -46.27
CA ILE C 243 -15.35 -21.39 -45.48
C ILE C 243 -14.20 -22.21 -46.06
N ARG C 244 -12.99 -21.71 -45.87
CA ARG C 244 -11.82 -22.53 -46.19
C ARG C 244 -11.85 -23.80 -45.36
N ALA C 245 -11.50 -24.93 -46.01
CA ALA C 245 -11.36 -26.21 -45.32
C ALA C 245 -10.39 -26.12 -44.15
N ALA C 246 -9.30 -25.35 -44.31
CA ALA C 246 -8.33 -25.17 -43.25
C ALA C 246 -8.94 -24.53 -42.01
N PHE C 247 -10.13 -23.90 -42.13
CA PHE C 247 -10.83 -23.28 -40.99
C PHE C 247 -11.93 -24.14 -40.38
N ALA C 248 -12.38 -25.20 -41.08
CA ALA C 248 -13.70 -25.78 -40.79
C ALA C 248 -13.81 -26.28 -39.35
N GLY C 249 -12.83 -27.04 -38.88
CA GLY C 249 -12.80 -27.53 -37.52
C GLY C 249 -12.91 -26.43 -36.46
N TYR C 250 -11.98 -25.47 -36.46
CA TYR C 250 -12.03 -24.30 -35.59
C TYR C 250 -13.43 -23.73 -35.52
N LEU C 251 -13.98 -23.40 -36.69
CA LEU C 251 -15.14 -22.53 -36.75
C LEU C 251 -16.41 -23.29 -36.37
N LEU C 252 -16.55 -24.53 -36.80
CA LEU C 252 -17.71 -25.31 -36.43
C LEU C 252 -17.76 -25.52 -34.91
N ARG C 253 -16.60 -25.67 -34.26
CA ARG C 253 -16.60 -25.77 -32.80
C ARG C 253 -16.90 -24.41 -32.17
N LEU C 254 -16.25 -23.36 -32.67
CA LEU C 254 -16.46 -22.02 -32.14
C LEU C 254 -17.93 -21.61 -32.20
N TRP C 255 -18.56 -21.87 -33.34
CA TRP C 255 -19.97 -21.57 -33.54
C TRP C 255 -20.90 -22.55 -32.84
N ASN C 256 -20.37 -23.59 -32.17
CA ASN C 256 -21.18 -24.56 -31.43
C ASN C 256 -22.23 -25.24 -32.32
N ILE C 257 -21.79 -25.78 -33.44
CA ILE C 257 -22.68 -26.41 -34.42
C ILE C 257 -22.63 -27.91 -34.25
N ASP C 258 -23.80 -28.53 -34.15
CA ASP C 258 -23.93 -29.98 -34.06
C ASP C 258 -23.69 -30.58 -35.45
N CYS C 259 -22.57 -31.29 -35.59
CA CYS C 259 -22.16 -31.86 -36.87
C CYS C 259 -22.30 -33.38 -36.89
N SER C 260 -23.07 -33.94 -35.95
CA SER C 260 -23.32 -35.38 -35.95
C SER C 260 -24.38 -35.74 -37.00
N LYS C 261 -24.33 -36.99 -37.45
CA LYS C 261 -25.21 -37.44 -38.53
C LYS C 261 -26.68 -37.28 -38.15
N ASN C 262 -27.06 -37.78 -36.98
CA ASN C 262 -28.46 -37.80 -36.60
C ASN C 262 -28.87 -36.63 -35.73
N SER C 263 -27.99 -35.66 -35.50
CA SER C 263 -28.26 -34.54 -34.59
C SER C 263 -28.71 -35.03 -33.21
N LYS C 264 -28.19 -36.17 -32.77
CA LYS C 264 -28.57 -36.70 -31.46
C LYS C 264 -27.54 -36.43 -30.37
N SER C 265 -26.27 -36.21 -30.74
CA SER C 265 -25.25 -35.89 -29.74
C SER C 265 -25.62 -34.57 -29.07
N ASN C 266 -25.59 -34.52 -27.73
CA ASN C 266 -25.86 -33.22 -27.07
C ASN C 266 -24.83 -32.91 -25.98
N GLY C 267 -23.62 -32.49 -26.35
CA GLY C 267 -22.65 -32.05 -25.34
C GLY C 267 -23.17 -30.78 -24.70
N ARG C 268 -23.52 -29.79 -25.51
CA ARG C 268 -24.14 -28.58 -24.95
C ARG C 268 -25.51 -28.43 -25.58
N GLU C 269 -26.11 -27.26 -25.46
CA GLU C 269 -27.41 -26.97 -26.10
C GLU C 269 -27.14 -26.42 -27.51
N PHE C 270 -27.25 -27.25 -28.54
CA PHE C 270 -26.94 -26.71 -29.89
C PHE C 270 -28.18 -26.03 -30.46
N HIS C 271 -27.99 -24.89 -31.14
CA HIS C 271 -29.12 -24.18 -31.78
C HIS C 271 -28.98 -24.34 -33.30
N LEU C 272 -27.80 -24.76 -33.77
CA LEU C 272 -27.62 -24.99 -35.19
C LEU C 272 -27.15 -26.40 -35.38
N ALA C 273 -27.54 -26.98 -36.50
CA ALA C 273 -27.02 -28.26 -36.93
C ALA C 273 -26.45 -28.12 -38.33
N LEU C 274 -25.42 -28.92 -38.61
CA LEU C 274 -24.87 -29.00 -39.95
C LEU C 274 -25.69 -30.04 -40.72
N LYS C 275 -26.43 -29.57 -41.72
CA LYS C 275 -27.26 -30.48 -42.49
C LYS C 275 -26.42 -31.46 -43.31
N ASN C 276 -25.25 -31.05 -43.80
CA ASN C 276 -24.48 -31.87 -44.73
C ASN C 276 -23.07 -32.15 -44.21
N PRO C 277 -22.93 -32.97 -43.15
CA PRO C 277 -21.57 -33.32 -42.67
C PRO C 277 -20.71 -34.03 -43.71
N GLU C 278 -21.33 -34.57 -44.77
CA GLU C 278 -20.59 -35.12 -45.90
C GLU C 278 -19.64 -34.08 -46.50
N ALA C 279 -19.94 -32.79 -46.30
CA ALA C 279 -19.08 -31.73 -46.83
C ALA C 279 -17.75 -31.64 -46.10
N LEU C 280 -17.60 -32.33 -44.97
CA LEU C 280 -16.36 -32.29 -44.24
C LEU C 280 -15.41 -33.44 -44.59
N TYR C 281 -15.79 -34.34 -45.52
CA TYR C 281 -14.92 -35.46 -45.85
C TYR C 281 -13.56 -34.94 -46.33
N GLY C 282 -12.48 -35.48 -45.78
CA GLY C 282 -11.14 -35.11 -46.19
C GLY C 282 -10.67 -33.76 -45.69
N VAL C 283 -11.43 -33.12 -44.81
CA VAL C 283 -11.05 -31.83 -44.25
C VAL C 283 -10.18 -32.10 -43.02
N ASP C 284 -8.94 -31.62 -43.05
CA ASP C 284 -8.05 -31.84 -41.92
C ASP C 284 -8.62 -31.11 -40.71
N ASN C 285 -8.59 -31.75 -39.54
CA ASN C 285 -9.14 -31.20 -38.31
C ASN C 285 -10.67 -31.14 -38.30
N ALA C 286 -11.35 -31.84 -39.22
CA ALA C 286 -12.81 -31.87 -39.13
C ALA C 286 -13.28 -32.44 -37.80
N ALA C 287 -12.48 -33.30 -37.17
CA ALA C 287 -12.91 -33.95 -35.94
C ALA C 287 -13.04 -32.98 -34.76
N LEU C 288 -12.54 -31.76 -34.88
CA LEU C 288 -12.86 -30.71 -33.93
C LEU C 288 -14.30 -30.27 -34.01
N ALA C 289 -15.02 -30.60 -35.08
CA ALA C 289 -16.40 -30.14 -35.21
C ALA C 289 -17.29 -30.96 -34.28
N PRO C 290 -18.14 -30.33 -33.49
CA PRO C 290 -18.90 -31.08 -32.46
C PRO C 290 -19.71 -32.23 -33.03
N GLY C 291 -19.45 -33.42 -32.50
CA GLY C 291 -20.21 -34.58 -32.88
C GLY C 291 -19.84 -35.16 -34.22
N TYR C 292 -18.79 -34.67 -34.86
CA TYR C 292 -18.52 -35.13 -36.22
C TYR C 292 -17.90 -36.52 -36.18
N SER C 293 -18.41 -37.41 -37.04
CA SER C 293 -17.87 -38.74 -37.20
C SER C 293 -17.81 -39.07 -38.68
N GLU C 294 -16.61 -39.34 -39.20
CA GLU C 294 -16.48 -39.65 -40.62
C GLU C 294 -17.22 -40.94 -40.96
N SER C 295 -16.88 -42.02 -40.27
CA SER C 295 -17.52 -43.33 -40.50
C SER C 295 -18.90 -43.41 -39.85
N GLY D 6 9.42 15.64 -28.58
CA GLY D 6 8.87 16.57 -29.54
C GLY D 6 7.42 16.29 -29.93
N LEU D 7 6.92 15.11 -29.56
CA LEU D 7 5.57 14.71 -29.93
C LEU D 7 4.50 15.59 -29.30
N GLU D 8 4.81 16.23 -28.16
CA GLU D 8 3.81 16.97 -27.39
C GLU D 8 3.14 18.06 -28.23
N GLU D 9 3.92 18.83 -28.98
CA GLU D 9 3.42 20.05 -29.60
C GLU D 9 2.84 19.85 -31.00
N LEU D 10 2.87 18.64 -31.56
CA LEU D 10 2.27 18.46 -32.88
C LEU D 10 0.76 18.29 -32.72
N SER D 11 0.05 18.51 -33.83
CA SER D 11 -1.39 18.30 -33.83
C SER D 11 -1.71 16.80 -33.80
N GLN D 12 -2.94 16.49 -33.35
CA GLN D 12 -3.36 15.10 -33.33
C GLN D 12 -3.27 14.48 -34.71
N ALA D 13 -3.71 15.21 -35.74
CA ALA D 13 -3.63 14.69 -37.10
C ALA D 13 -2.19 14.36 -37.47
N GLN D 14 -1.24 15.15 -36.97
CA GLN D 14 0.14 14.89 -37.32
C GLN D 14 0.67 13.68 -36.59
N ARG D 15 0.29 13.53 -35.34
CA ARG D 15 0.68 12.34 -34.58
C ARG D 15 0.07 11.09 -35.22
N GLU D 16 -1.16 11.19 -35.71
CA GLU D 16 -1.79 10.04 -36.35
C GLU D 16 -1.00 9.61 -37.58
N ARG D 17 -0.50 10.57 -38.36
CA ARG D 17 0.25 10.19 -39.55
C ARG D 17 1.64 9.67 -39.20
N LEU D 18 2.24 10.17 -38.12
CA LEU D 18 3.48 9.56 -37.61
C LEU D 18 3.23 8.13 -37.13
N ALA D 19 2.12 7.91 -36.44
CA ALA D 19 1.83 6.54 -35.97
C ALA D 19 1.61 5.59 -37.15
N HIS D 20 1.04 6.08 -38.24
CA HIS D 20 0.86 5.24 -39.43
C HIS D 20 2.20 4.92 -40.10
N ILE D 21 3.16 5.85 -40.09
CA ILE D 21 4.50 5.52 -40.59
C ILE D 21 5.11 4.43 -39.72
N ASP D 22 5.04 4.62 -38.40
CA ASP D 22 5.54 3.63 -37.45
C ASP D 22 4.93 2.26 -37.76
N PHE D 23 3.61 2.21 -37.89
CA PHE D 23 2.90 0.95 -38.13
C PHE D 23 3.36 0.32 -39.43
N THR D 24 3.47 1.12 -40.48
CA THR D 24 3.84 0.59 -41.80
C THR D 24 5.26 0.08 -41.79
N LEU D 25 6.18 0.79 -41.13
CA LEU D 25 7.54 0.30 -41.01
C LEU D 25 7.55 -0.98 -40.20
N LEU D 26 6.72 -1.05 -39.16
CA LEU D 26 6.69 -2.20 -38.28
C LEU D 26 6.10 -3.43 -38.97
N PHE D 27 5.03 -3.27 -39.72
CA PHE D 27 4.31 -4.43 -40.24
C PHE D 27 4.65 -4.77 -41.67
N LYS D 28 5.20 -3.83 -42.41
CA LYS D 28 5.76 -4.09 -43.72
C LYS D 28 7.25 -3.76 -43.63
N GLY D 29 8.02 -4.14 -44.60
CA GLY D 29 9.38 -3.75 -44.21
C GLY D 29 9.79 -2.31 -44.41
N GLU D 30 8.86 -1.44 -44.79
CA GLU D 30 9.19 -0.24 -45.56
C GLU D 30 8.01 0.71 -45.50
N ALA D 31 8.23 1.96 -45.91
CA ALA D 31 7.15 2.95 -45.96
C ALA D 31 7.53 4.05 -46.95
N GLY D 32 6.57 4.50 -47.75
CA GLY D 32 6.77 5.60 -48.66
C GLY D 32 5.63 6.60 -48.55
N ARG D 33 5.78 7.72 -49.28
CA ARG D 33 4.76 8.77 -49.24
C ARG D 33 3.39 8.27 -49.68
N SER D 34 3.36 7.30 -50.62
CA SER D 34 2.08 6.82 -51.15
C SER D 34 1.22 6.16 -50.08
N TYR D 35 1.84 5.57 -49.05
CA TYR D 35 1.04 5.08 -47.94
C TYR D 35 0.29 6.23 -47.26
N LEU D 36 0.95 7.39 -47.12
CA LEU D 36 0.32 8.48 -46.41
C LEU D 36 -0.73 9.17 -47.27
N THR D 37 -0.46 9.34 -48.57
CA THR D 37 -1.45 9.99 -49.42
C THR D 37 -2.70 9.12 -49.58
N GLU D 38 -2.54 7.80 -49.70
CA GLU D 38 -3.70 6.92 -49.80
C GLU D 38 -4.46 6.87 -48.49
N ARG D 39 -3.73 6.65 -47.38
CA ARG D 39 -4.41 6.48 -46.11
C ARG D 39 -5.09 7.77 -45.66
N PHE D 40 -4.45 8.93 -45.90
CA PHE D 40 -4.92 10.18 -45.32
C PHE D 40 -5.38 11.25 -46.32
N SER D 41 -5.22 11.03 -47.62
CA SER D 41 -5.56 12.02 -48.66
C SER D 41 -4.81 13.32 -48.44
N VAL D 42 -3.58 13.24 -47.95
CA VAL D 42 -2.73 14.43 -47.83
C VAL D 42 -2.04 14.68 -49.16
N ALA D 43 -1.62 15.92 -49.35
CA ALA D 43 -0.79 16.27 -50.51
C ALA D 43 0.57 15.60 -50.35
N PRO D 44 1.25 15.28 -51.45
CA PRO D 44 2.60 14.72 -51.35
C PRO D 44 3.57 15.55 -50.52
N SER D 45 3.48 16.87 -50.58
CA SER D 45 4.38 17.73 -49.80
C SER D 45 4.12 17.60 -48.30
N VAL D 46 2.88 17.29 -47.91
CA VAL D 46 2.62 17.05 -46.49
C VAL D 46 3.29 15.74 -46.07
N ALA D 47 3.20 14.72 -46.92
CA ALA D 47 3.84 13.44 -46.63
C ALA D 47 5.35 13.57 -46.46
N THR D 48 6.02 14.39 -47.29
CA THR D 48 7.46 14.58 -47.05
C THR D 48 7.71 15.21 -45.68
N GLN D 49 6.86 16.16 -45.27
CA GLN D 49 7.02 16.73 -43.94
C GLN D 49 6.85 15.64 -42.85
N ASP D 50 5.89 14.74 -43.06
CA ASP D 50 5.66 13.66 -42.09
C ASP D 50 6.88 12.77 -41.93
N PHE D 51 7.47 12.32 -43.04
CA PHE D 51 8.62 11.44 -42.96
C PHE D 51 9.81 12.15 -42.33
N ALA D 52 9.99 13.45 -42.64
CA ALA D 52 11.05 14.21 -42.00
C ALA D 52 10.84 14.27 -40.50
N ARG D 53 9.60 14.54 -40.08
CA ARG D 53 9.29 14.57 -38.64
C ARG D 53 9.52 13.20 -38.00
N TYR D 54 9.19 12.12 -38.72
CA TYR D 54 9.38 10.79 -38.15
C TYR D 54 10.85 10.50 -37.91
N LYS D 55 11.70 10.80 -38.91
CA LYS D 55 13.14 10.58 -38.78
C LYS D 55 13.71 11.37 -37.60
N ALA D 56 13.25 12.62 -37.43
CA ALA D 56 13.72 13.44 -36.31
C ALA D 56 13.37 12.81 -34.97
N LEU D 57 12.17 12.20 -34.87
CA LEU D 57 11.74 11.66 -33.59
C LEU D 57 12.31 10.26 -33.34
N ALA D 58 12.61 9.51 -34.40
CA ALA D 58 13.15 8.14 -34.27
C ALA D 58 14.19 7.94 -35.36
N PRO D 59 15.37 8.54 -35.22
CA PRO D 59 16.37 8.46 -36.29
C PRO D 59 16.91 7.06 -36.51
N ASN D 60 16.95 6.21 -35.48
CA ASN D 60 17.46 4.86 -35.64
C ASN D 60 16.40 3.85 -36.08
N ASN D 61 15.17 4.28 -36.36
CA ASN D 61 14.13 3.36 -36.82
C ASN D 61 14.14 3.15 -38.32
N VAL D 62 14.68 4.09 -39.10
CA VAL D 62 14.43 4.11 -40.52
C VAL D 62 15.66 4.62 -41.25
N MET D 63 15.92 4.10 -42.44
CA MET D 63 16.90 4.69 -43.35
C MET D 63 16.28 4.81 -44.74
N TYR D 64 16.56 5.89 -45.46
CA TYR D 64 16.00 6.07 -46.82
C TYR D 64 16.84 5.35 -47.89
N ASP D 65 16.17 4.64 -48.80
CA ASP D 65 16.86 3.97 -49.93
C ASP D 65 16.50 4.74 -51.20
N GLU D 66 17.49 5.34 -51.86
CA GLU D 66 17.22 6.19 -53.05
C GLU D 66 16.77 5.35 -54.24
N LYS D 67 17.39 4.18 -54.41
CA LYS D 67 17.06 3.34 -55.60
C LYS D 67 15.57 3.06 -55.64
N ARG D 68 14.98 2.57 -54.54
CA ARG D 68 13.56 2.18 -54.61
C ARG D 68 12.66 3.30 -54.10
N ARG D 69 13.25 4.41 -53.68
CA ARG D 69 12.49 5.56 -53.14
C ARG D 69 11.57 5.10 -52.02
N VAL D 70 12.08 4.26 -51.13
CA VAL D 70 11.30 3.79 -49.96
C VAL D 70 12.11 4.01 -48.70
N HIS D 71 11.43 4.25 -47.59
CA HIS D 71 12.11 4.35 -46.29
C HIS D 71 12.09 2.93 -45.72
N LEU D 72 13.24 2.42 -45.31
CA LEU D 72 13.35 1.04 -44.84
C LEU D 72 13.41 0.99 -43.33
N LYS D 73 12.75 -0.01 -42.76
CA LYS D 73 12.90 -0.38 -41.36
C LYS D 73 14.32 -0.88 -41.13
N THR D 74 14.98 -0.39 -40.09
CA THR D 74 16.33 -0.81 -39.73
C THR D 74 16.29 -2.03 -38.81
N SER D 75 17.49 -2.58 -38.53
CA SER D 75 17.60 -3.71 -37.59
C SER D 75 17.37 -3.32 -36.13
N THR D 76 17.51 -2.05 -35.79
CA THR D 76 17.34 -1.60 -34.42
C THR D 76 15.99 -0.92 -34.16
N PHE D 77 15.01 -1.13 -35.04
CA PHE D 77 13.70 -0.48 -34.92
C PHE D 77 13.12 -0.75 -33.55
N GLN D 78 12.64 0.31 -32.91
CA GLN D 78 11.84 0.21 -31.72
C GLN D 78 10.65 1.12 -31.94
N PRO D 79 9.42 0.63 -31.73
CA PRO D 79 8.24 1.42 -32.12
C PRO D 79 8.22 2.78 -31.42
N LEU D 80 7.89 3.81 -32.19
CA LEU D 80 7.82 5.13 -31.62
C LEU D 80 6.63 5.28 -30.68
N PHE D 81 5.60 4.46 -30.85
CA PHE D 81 4.40 4.58 -30.04
C PHE D 81 4.10 3.26 -29.34
N ASP D 82 3.28 3.36 -28.30
CA ASP D 82 2.65 2.21 -27.70
C ASP D 82 1.41 1.88 -28.51
N TYR D 83 1.12 0.60 -28.67
CA TYR D 83 -0.01 0.17 -29.48
C TYR D 83 -1.05 -0.45 -28.56
N ASP D 84 -2.31 -0.13 -28.81
CA ASP D 84 -3.40 -0.93 -28.22
C ASP D 84 -3.47 -2.25 -28.98
N ILE D 85 -3.11 -3.36 -28.33
CA ILE D 85 -2.93 -4.57 -29.14
C ILE D 85 -4.26 -5.10 -29.68
N VAL D 86 -5.33 -5.04 -28.88
CA VAL D 86 -6.63 -5.48 -29.36
C VAL D 86 -7.08 -4.64 -30.55
N ARG D 87 -6.97 -3.31 -30.43
CA ARG D 87 -7.44 -2.46 -31.51
C ARG D 87 -6.54 -2.53 -32.74
N THR D 88 -5.23 -2.71 -32.53
CA THR D 88 -4.31 -2.85 -33.66
C THR D 88 -4.60 -4.11 -34.45
N LEU D 89 -4.82 -5.22 -33.74
CA LEU D 89 -5.15 -6.47 -34.39
C LEU D 89 -6.49 -6.38 -35.11
N ALA D 90 -7.43 -5.60 -34.56
CA ALA D 90 -8.67 -5.36 -35.28
C ALA D 90 -8.39 -4.60 -36.58
N THR D 91 -7.56 -3.57 -36.50
CA THR D 91 -7.27 -2.79 -37.69
C THR D 91 -6.65 -3.66 -38.79
N ILE D 92 -5.68 -4.52 -38.46
CA ILE D 92 -5.06 -5.28 -39.55
C ILE D 92 -5.98 -6.35 -40.11
N SER D 93 -7.00 -6.79 -39.35
CA SER D 93 -7.97 -7.76 -39.86
C SER D 93 -9.29 -7.14 -40.32
N GLN D 94 -9.45 -5.82 -40.24
CA GLN D 94 -10.72 -5.20 -40.64
C GLN D 94 -10.49 -4.08 -41.63
N GLY D 95 -9.54 -3.20 -41.33
CA GLY D 95 -9.27 -2.05 -42.16
C GLY D 95 -9.12 -0.79 -41.34
N PHE D 96 -8.73 0.28 -42.02
CA PHE D 96 -8.32 1.50 -41.39
C PHE D 96 -9.56 2.36 -41.16
N GLY D 97 -9.49 3.23 -40.15
CA GLY D 97 -10.58 4.11 -39.81
C GLY D 97 -11.57 3.48 -38.84
N ASP D 98 -12.59 4.26 -38.50
CA ASP D 98 -13.53 3.85 -37.47
C ASP D 98 -14.73 3.06 -38.00
N GLY D 99 -14.91 2.98 -39.30
CA GLY D 99 -16.03 2.26 -39.89
C GLY D 99 -17.19 3.12 -40.33
N PHE D 100 -17.15 4.43 -40.08
CA PHE D 100 -18.31 5.28 -40.30
C PHE D 100 -18.39 5.86 -41.72
N LEU D 101 -17.41 5.64 -42.58
CA LEU D 101 -17.40 6.21 -43.92
C LEU D 101 -17.50 5.13 -45.00
N GLY D 102 -18.10 4.00 -44.69
CA GLY D 102 -18.32 2.95 -45.68
C GLY D 102 -17.41 1.74 -45.44
N LYS D 103 -17.61 0.75 -46.31
CA LYS D 103 -16.91 -0.53 -46.21
C LYS D 103 -15.40 -0.34 -46.20
N VAL D 104 -14.72 -1.10 -45.33
CA VAL D 104 -13.26 -1.09 -45.32
C VAL D 104 -12.76 -2.51 -45.53
N ARG D 105 -11.48 -2.62 -45.89
CA ARG D 105 -10.86 -3.90 -46.17
C ARG D 105 -9.52 -4.01 -45.47
N PRO D 106 -9.13 -5.23 -45.07
CA PRO D 106 -7.86 -5.43 -44.37
C PRO D 106 -6.71 -4.93 -45.22
N PRO D 107 -5.68 -4.31 -44.59
CA PRO D 107 -4.56 -3.75 -45.35
C PRO D 107 -3.42 -4.72 -45.68
N MET D 108 -3.66 -6.02 -45.57
CA MET D 108 -2.63 -7.03 -45.73
C MET D 108 -3.35 -8.37 -45.84
N ALA D 109 -2.59 -9.44 -46.07
CA ALA D 109 -3.13 -10.79 -46.15
C ALA D 109 -3.47 -11.25 -44.74
N CYS D 110 -4.63 -10.81 -44.27
CA CYS D 110 -5.09 -11.14 -42.94
C CYS D 110 -6.60 -11.38 -43.01
N GLU D 111 -7.05 -12.52 -42.46
CA GLU D 111 -8.45 -12.92 -42.53
C GLU D 111 -8.99 -13.09 -41.12
N ALA D 112 -10.31 -12.83 -40.96
CA ALA D 112 -11.02 -13.01 -39.70
C ALA D 112 -12.33 -13.71 -40.04
N PRO D 113 -12.28 -15.03 -40.22
CA PRO D 113 -13.39 -15.78 -40.82
C PRO D 113 -14.49 -16.25 -39.87
N PHE D 114 -14.47 -15.84 -38.61
CA PHE D 114 -15.40 -16.38 -37.63
C PHE D 114 -16.71 -15.60 -37.51
N HIS D 115 -16.87 -14.49 -38.25
CA HIS D 115 -18.08 -13.67 -38.14
C HIS D 115 -19.21 -14.29 -38.96
N LEU D 116 -20.37 -14.50 -38.32
CA LEU D 116 -21.57 -14.78 -39.09
C LEU D 116 -22.35 -13.47 -39.08
N ASN D 117 -23.63 -13.48 -39.46
CA ASN D 117 -24.29 -12.19 -39.47
C ASN D 117 -24.23 -11.30 -38.22
N LYS D 118 -24.33 -9.99 -38.45
CA LYS D 118 -24.27 -8.99 -37.40
C LYS D 118 -25.63 -8.37 -37.15
N PRO D 119 -25.85 -7.77 -35.98
CA PRO D 119 -27.11 -7.05 -35.77
C PRO D 119 -27.26 -5.92 -36.77
N LYS D 120 -28.52 -5.54 -37.03
CA LYS D 120 -28.76 -4.37 -37.86
C LYS D 120 -28.30 -3.08 -37.16
N LEU D 121 -27.69 -2.21 -37.95
CA LEU D 121 -27.18 -0.93 -37.46
C LEU D 121 -28.22 -0.19 -36.63
N GLU D 122 -29.46 -0.12 -37.13
CA GLU D 122 -30.50 0.63 -36.46
C GLU D 122 -30.89 0.01 -35.14
N VAL D 123 -30.84 -1.32 -35.05
CA VAL D 123 -31.19 -2.00 -33.81
C VAL D 123 -30.12 -1.76 -32.75
N VAL D 124 -28.84 -1.92 -33.10
CA VAL D 124 -27.77 -1.68 -32.13
C VAL D 124 -27.78 -0.23 -31.69
N ALA D 125 -27.92 0.70 -32.63
CA ALA D 125 -27.90 2.11 -32.27
C ALA D 125 -29.07 2.47 -31.36
N ALA D 126 -30.26 1.93 -31.64
CA ALA D 126 -31.41 2.26 -30.80
C ALA D 126 -31.20 1.77 -29.37
N ILE D 127 -30.67 0.56 -29.23
CA ILE D 127 -30.39 0.06 -27.89
C ILE D 127 -29.28 0.88 -27.24
N SER D 128 -28.24 1.19 -28.00
CA SER D 128 -27.18 2.05 -27.49
C SER D 128 -27.73 3.41 -27.07
N GLU D 129 -28.60 3.99 -27.89
CA GLU D 129 -29.22 5.27 -27.57
C GLU D 129 -30.01 5.18 -26.28
N ALA D 130 -30.79 4.11 -26.13
CA ALA D 130 -31.58 3.94 -24.93
C ALA D 130 -30.71 3.73 -23.70
N ILE D 131 -29.60 3.00 -23.84
CA ILE D 131 -28.65 2.85 -22.72
C ILE D 131 -28.13 4.20 -22.28
N HIS D 132 -27.71 5.01 -23.26
CA HIS D 132 -27.19 6.33 -22.96
C HIS D 132 -28.21 7.18 -22.22
N LYS D 133 -29.48 7.15 -22.66
CA LYS D 133 -30.51 7.99 -22.06
C LYS D 133 -31.13 7.38 -20.82
N ARG D 134 -30.70 6.20 -20.39
CA ARG D 134 -31.26 5.54 -19.22
C ARG D 134 -32.77 5.35 -19.36
N ALA D 135 -33.19 4.95 -20.55
CA ALA D 135 -34.61 4.84 -20.89
C ALA D 135 -35.08 3.40 -20.90
N VAL D 136 -36.41 3.23 -20.82
CA VAL D 136 -37.09 1.98 -21.11
C VAL D 136 -37.36 1.90 -22.60
N ILE D 137 -37.26 0.72 -23.18
CA ILE D 137 -37.60 0.51 -24.58
C ILE D 137 -38.60 -0.61 -24.65
N ASN D 138 -39.51 -0.50 -25.61
CA ASN D 138 -40.35 -1.60 -25.99
C ASN D 138 -39.68 -2.31 -27.16
N ILE D 139 -39.63 -3.64 -27.12
CA ILE D 139 -39.01 -4.38 -28.21
C ILE D 139 -39.91 -5.53 -28.59
N GLU D 140 -39.75 -5.97 -29.83
CA GLU D 140 -40.18 -7.29 -30.25
C GLU D 140 -38.96 -8.21 -30.22
N TYR D 141 -39.17 -9.42 -29.74
CA TYR D 141 -38.15 -10.41 -29.48
C TYR D 141 -38.72 -11.78 -29.74
N THR D 142 -37.94 -12.63 -30.36
CA THR D 142 -38.28 -14.02 -30.60
C THR D 142 -37.37 -14.88 -29.74
N SER D 143 -37.92 -15.51 -28.69
CA SER D 143 -37.11 -16.30 -27.76
C SER D 143 -37.06 -17.77 -28.19
N LEU D 144 -36.06 -18.50 -27.68
CA LEU D 144 -36.05 -19.94 -27.93
C LEU D 144 -37.13 -20.65 -27.12
N SER D 145 -37.46 -20.15 -25.92
CA SER D 145 -38.36 -20.91 -25.06
C SER D 145 -39.82 -20.67 -25.42
N SER D 146 -40.13 -19.48 -25.91
CA SER D 146 -41.47 -19.09 -26.32
C SER D 146 -41.30 -18.56 -27.72
N GLY D 147 -42.37 -18.20 -28.40
CA GLY D 147 -41.97 -17.77 -29.73
C GLY D 147 -41.68 -16.30 -29.78
N HIS D 148 -42.25 -15.68 -30.80
CA HIS D 148 -42.24 -14.24 -30.98
C HIS D 148 -43.13 -13.57 -29.93
N GLY D 149 -42.76 -12.35 -29.54
CA GLY D 149 -43.57 -11.56 -28.64
C GLY D 149 -42.96 -10.19 -28.52
N SER D 150 -43.63 -9.35 -27.73
CA SER D 150 -43.11 -8.02 -27.45
C SER D 150 -43.05 -7.83 -25.94
N ARG D 151 -42.25 -6.87 -25.50
CA ARG D 151 -42.08 -6.63 -24.07
C ARG D 151 -41.31 -5.32 -23.86
N GLN D 152 -41.40 -4.79 -22.65
CA GLN D 152 -40.59 -3.64 -22.24
C GLN D 152 -39.34 -4.10 -21.51
N ILE D 153 -38.19 -3.48 -21.82
CA ILE D 153 -36.94 -3.82 -21.16
C ILE D 153 -36.17 -2.54 -20.84
N VAL D 154 -35.33 -2.63 -19.80
CA VAL D 154 -34.48 -1.53 -19.37
C VAL D 154 -33.02 -1.90 -19.60
N PRO D 155 -32.42 -1.51 -20.71
CA PRO D 155 -31.07 -1.98 -21.04
C PRO D 155 -30.00 -1.23 -20.26
N HIS D 156 -28.90 -1.93 -19.92
CA HIS D 156 -27.79 -1.18 -19.32
C HIS D 156 -26.41 -1.43 -19.95
N THR D 157 -26.18 -2.53 -20.67
CA THR D 157 -24.87 -2.75 -21.28
C THR D 157 -25.03 -3.56 -22.56
N LEU D 158 -24.29 -3.18 -23.61
CA LEU D 158 -24.14 -3.98 -24.82
C LEU D 158 -22.93 -4.90 -24.73
N ILE D 159 -23.07 -6.14 -25.21
CA ILE D 159 -22.03 -7.15 -25.08
C ILE D 159 -21.79 -7.84 -26.42
N ASP D 160 -20.53 -7.85 -26.84
CA ASP D 160 -20.06 -8.77 -27.88
C ASP D 160 -19.57 -10.02 -27.15
N ASN D 161 -20.39 -11.08 -27.10
CA ASN D 161 -19.86 -12.31 -26.51
C ASN D 161 -19.01 -12.97 -27.59
N GLY D 162 -18.62 -14.21 -27.42
CA GLY D 162 -17.86 -14.79 -28.53
C GLY D 162 -18.63 -14.78 -29.86
N LEU D 163 -19.92 -15.13 -29.80
CA LEU D 163 -20.68 -15.56 -30.96
C LEU D 163 -21.69 -14.54 -31.45
N ARG D 164 -22.48 -13.94 -30.55
CA ARG D 164 -23.49 -13.00 -30.96
C ARG D 164 -23.30 -11.70 -30.18
N TRP D 165 -24.12 -10.73 -30.49
CA TRP D 165 -24.24 -9.52 -29.72
C TRP D 165 -25.48 -9.62 -28.85
N HIS D 166 -25.36 -9.22 -27.59
CA HIS D 166 -26.56 -9.17 -26.78
C HIS D 166 -26.56 -7.89 -25.94
N VAL D 167 -27.72 -7.59 -25.37
CA VAL D 167 -27.88 -6.49 -24.44
C VAL D 167 -28.27 -7.09 -23.09
N ARG D 168 -27.60 -6.65 -22.04
CA ARG D 168 -27.99 -6.99 -20.67
C ARG D 168 -28.99 -5.94 -20.21
N ALA D 169 -30.14 -6.40 -19.72
CA ALA D 169 -31.24 -5.51 -19.43
C ALA D 169 -32.13 -6.15 -18.38
N PHE D 170 -32.92 -5.29 -17.72
CA PHE D 170 -34.01 -5.78 -16.88
C PHE D 170 -35.25 -6.01 -17.76
N ASP D 171 -35.74 -7.25 -17.75
CA ASP D 171 -36.90 -7.63 -18.55
C ASP D 171 -38.17 -7.40 -17.72
N ARG D 172 -39.05 -6.49 -18.18
CA ARG D 172 -40.28 -6.24 -17.43
C ARG D 172 -41.33 -7.34 -17.59
N LYS D 173 -41.20 -8.20 -18.61
CA LYS D 173 -42.16 -9.30 -18.75
C LYS D 173 -42.04 -10.29 -17.60
N HIS D 174 -40.84 -10.76 -17.31
CA HIS D 174 -40.67 -11.70 -16.21
C HIS D 174 -39.95 -11.08 -15.02
N ARG D 175 -39.68 -9.77 -15.06
CA ARG D 175 -39.12 -9.03 -13.92
C ARG D 175 -37.82 -9.67 -13.43
N GLU D 176 -36.85 -9.75 -14.32
CA GLU D 176 -35.55 -10.32 -14.01
C GLU D 176 -34.54 -9.72 -14.97
N PHE D 177 -33.30 -9.63 -14.53
CA PHE D 177 -32.21 -9.23 -15.43
C PHE D 177 -31.85 -10.40 -16.35
N ARG D 178 -31.46 -10.07 -17.58
CA ARG D 178 -31.48 -11.10 -18.62
C ARG D 178 -30.70 -10.60 -19.83
N ASP D 179 -30.29 -11.55 -20.69
CA ASP D 179 -29.67 -11.24 -21.98
C ASP D 179 -30.72 -11.29 -23.09
N PHE D 180 -30.64 -10.35 -24.02
CA PHE D 180 -31.45 -10.39 -25.23
C PHE D 180 -30.51 -10.34 -26.44
N VAL D 181 -30.54 -11.38 -27.26
CA VAL D 181 -29.69 -11.43 -28.45
C VAL D 181 -30.14 -10.39 -29.46
N LEU D 182 -29.22 -9.53 -29.88
CA LEU D 182 -29.58 -8.38 -30.74
C LEU D 182 -30.10 -8.80 -32.11
N THR D 183 -29.63 -9.92 -32.67
CA THR D 183 -30.12 -10.34 -33.97
C THR D 183 -31.54 -10.92 -33.91
N ARG D 184 -32.10 -11.09 -32.70
CA ARG D 184 -33.49 -11.48 -32.50
C ARG D 184 -34.40 -10.34 -32.04
N ILE D 185 -33.88 -9.12 -31.97
CA ILE D 185 -34.67 -7.94 -31.66
C ILE D 185 -35.06 -7.30 -32.97
N SER D 186 -36.36 -7.13 -33.20
CA SER D 186 -36.85 -6.68 -34.50
C SER D 186 -37.35 -5.25 -34.53
N GLU D 187 -37.92 -4.76 -33.42
CA GLU D 187 -38.35 -3.37 -33.36
C GLU D 187 -37.85 -2.87 -32.03
N VAL D 188 -37.44 -1.60 -31.98
CA VAL D 188 -37.03 -0.94 -30.73
C VAL D 188 -37.74 0.41 -30.69
N GLU D 189 -38.41 0.70 -29.58
CA GLU D 189 -39.13 1.96 -29.43
C GLU D 189 -38.72 2.58 -28.10
N LEU D 190 -38.14 3.77 -28.17
CA LEU D 190 -37.77 4.50 -26.97
C LEU D 190 -39.04 4.95 -26.25
N LEU D 191 -39.13 4.67 -24.95
CA LEU D 191 -40.33 5.01 -24.19
C LEU D 191 -40.02 6.08 -23.16
N GLU D 192 -41.08 6.72 -22.70
CA GLU D 192 -40.97 7.70 -21.64
C GLU D 192 -41.29 7.13 -20.26
N ASP D 193 -41.71 5.86 -20.17
CA ASP D 193 -41.99 5.28 -18.86
C ASP D 193 -40.78 5.48 -17.96
N LYS D 194 -41.01 5.70 -16.67
CA LYS D 194 -39.90 5.98 -15.78
C LYS D 194 -39.24 4.70 -15.35
N VAL D 195 -37.92 4.74 -15.19
CA VAL D 195 -37.18 3.60 -14.68
C VAL D 195 -37.27 3.59 -13.16
N ASN D 196 -37.54 2.41 -12.59
CA ASN D 196 -37.53 2.26 -11.11
C ASN D 196 -36.07 2.13 -10.67
N ASP D 197 -35.55 3.13 -9.98
CA ASP D 197 -34.11 3.14 -9.60
C ASP D 197 -33.83 2.11 -8.49
N GLU D 198 -34.85 1.39 -8.01
CA GLU D 198 -34.62 0.49 -6.90
C GLU D 198 -34.68 -0.98 -7.29
N VAL D 199 -35.07 -1.30 -8.53
CA VAL D 199 -35.15 -2.71 -8.90
C VAL D 199 -34.53 -2.95 -10.27
N GLU D 200 -34.62 -1.98 -11.17
CA GLU D 200 -34.42 -2.24 -12.60
C GLU D 200 -33.07 -1.77 -13.13
N THR D 201 -32.29 -1.02 -12.34
CA THR D 201 -31.03 -0.46 -12.79
C THR D 201 -29.87 -1.41 -12.53
N LEU D 202 -28.70 -1.05 -13.06
CA LEU D 202 -27.55 -1.95 -13.11
C LEU D 202 -27.14 -2.42 -11.71
N GLN D 203 -27.22 -1.53 -10.73
CA GLN D 203 -26.72 -1.87 -9.40
C GLN D 203 -27.43 -3.08 -8.80
N TRP D 204 -28.65 -3.41 -9.25
CA TRP D 204 -29.40 -4.56 -8.71
C TRP D 204 -29.14 -5.86 -9.47
N ASP D 205 -28.34 -5.82 -10.54
CA ASP D 205 -28.13 -7.02 -11.37
C ASP D 205 -27.05 -7.88 -10.71
N LYS D 206 -27.49 -8.86 -9.92
CA LYS D 206 -26.55 -9.62 -9.10
C LYS D 206 -25.57 -10.45 -9.93
N GLN D 207 -26.07 -11.17 -10.95
CA GLN D 207 -25.18 -12.00 -11.76
C GLN D 207 -24.20 -11.16 -12.56
N TRP D 208 -24.59 -9.93 -12.92
CA TRP D 208 -23.71 -9.00 -13.61
C TRP D 208 -22.60 -8.47 -12.71
N ASN D 209 -22.95 -8.13 -11.46
CA ASN D 209 -22.02 -7.48 -10.56
C ASN D 209 -21.14 -8.47 -9.82
N ARG D 210 -21.54 -9.74 -9.79
CA ARG D 210 -20.73 -10.78 -9.16
C ARG D 210 -19.56 -11.13 -10.08
N ILE D 211 -18.35 -10.96 -9.58
CA ILE D 211 -17.13 -11.27 -10.35
C ILE D 211 -16.65 -12.63 -9.92
N VAL D 212 -16.51 -13.52 -10.90
CA VAL D 212 -16.03 -14.88 -10.66
C VAL D 212 -14.53 -14.91 -10.99
N GLU D 213 -13.75 -15.48 -10.07
CA GLU D 213 -12.28 -15.48 -10.17
C GLU D 213 -11.88 -16.91 -10.53
N LEU D 214 -11.59 -17.11 -11.81
CA LEU D 214 -11.28 -18.40 -12.38
C LEU D 214 -9.77 -18.64 -12.38
N GLU D 215 -9.38 -19.87 -12.11
CA GLU D 215 -7.99 -20.28 -12.17
C GLU D 215 -7.87 -21.28 -13.32
N LEU D 216 -7.23 -20.87 -14.41
CA LEU D 216 -7.07 -21.73 -15.59
C LEU D 216 -5.68 -22.34 -15.57
N ILE D 217 -5.60 -23.64 -15.88
CA ILE D 217 -4.32 -24.33 -15.88
C ILE D 217 -4.20 -25.13 -17.16
N PRO D 218 -2.98 -25.45 -17.59
CA PRO D 218 -2.84 -26.38 -18.71
C PRO D 218 -3.52 -27.68 -18.37
N HIS D 219 -4.21 -28.25 -19.36
CA HIS D 219 -4.99 -29.45 -19.11
C HIS D 219 -4.07 -30.58 -18.66
N PRO D 220 -4.47 -31.34 -17.64
CA PRO D 220 -3.56 -32.34 -17.07
C PRO D 220 -3.23 -33.48 -18.01
N LYS D 221 -4.05 -33.77 -19.01
CA LYS D 221 -3.72 -34.87 -19.93
C LYS D 221 -2.68 -34.48 -21.00
N LEU D 222 -2.24 -33.23 -21.05
CA LEU D 222 -1.36 -32.81 -22.13
C LEU D 222 0.05 -33.34 -21.90
N ALA D 223 0.67 -33.83 -22.98
CA ALA D 223 2.07 -34.22 -22.90
C ALA D 223 2.97 -33.00 -22.81
N HIS D 224 2.55 -31.87 -23.36
CA HIS D 224 3.38 -30.67 -23.38
C HIS D 224 2.64 -29.46 -22.82
N PRO D 225 2.37 -29.44 -21.52
CA PRO D 225 1.71 -28.27 -20.93
C PRO D 225 2.49 -26.98 -21.11
N GLU D 226 3.80 -27.06 -21.35
CA GLU D 226 4.60 -25.86 -21.53
C GLU D 226 4.16 -25.07 -22.75
N ALA D 227 3.55 -25.73 -23.75
CA ALA D 227 3.01 -24.97 -24.88
C ALA D 227 1.84 -24.10 -24.46
N VAL D 228 1.02 -24.58 -23.52
CA VAL D 228 -0.12 -23.80 -23.02
C VAL D 228 0.37 -22.69 -22.11
N LEU D 229 1.41 -22.95 -21.33
CA LEU D 229 1.97 -21.92 -20.46
C LEU D 229 2.37 -20.68 -21.26
N ILE D 230 3.07 -20.88 -22.38
CA ILE D 230 3.47 -19.72 -23.19
C ILE D 230 2.27 -19.16 -23.95
N ASP D 231 1.38 -20.03 -24.44
CA ASP D 231 0.23 -19.60 -25.24
C ASP D 231 -0.59 -18.53 -24.52
N TYR D 232 -0.92 -18.80 -23.25
CA TYR D 232 -1.79 -17.94 -22.48
C TYR D 232 -1.01 -17.07 -21.50
N ALA D 233 0.31 -16.98 -21.68
CA ALA D 233 1.16 -16.13 -20.87
C ALA D 233 0.93 -16.37 -19.39
N MET D 234 0.98 -17.63 -18.99
CA MET D 234 0.68 -18.02 -17.63
C MET D 234 1.88 -17.74 -16.72
N GLU D 235 1.63 -17.73 -15.42
CA GLU D 235 2.68 -17.60 -14.43
C GLU D 235 2.35 -18.52 -13.28
N ASN D 236 3.37 -19.22 -12.77
CA ASN D 236 3.14 -20.22 -11.73
C ASN D 236 2.11 -21.25 -12.20
N ASN D 237 2.18 -21.61 -13.47
CA ASN D 237 1.37 -22.65 -14.08
C ASN D 237 -0.11 -22.32 -14.10
N ARG D 238 -0.48 -21.05 -14.06
CA ARG D 238 -1.91 -20.74 -14.07
C ARG D 238 -2.17 -19.39 -14.69
N LEU D 239 -3.41 -19.22 -15.14
CA LEU D 239 -3.93 -17.95 -15.61
C LEU D 239 -5.12 -17.60 -14.75
N ARG D 240 -5.07 -16.43 -14.11
CA ARG D 240 -6.21 -15.93 -13.36
C ARG D 240 -7.03 -15.02 -14.27
N VAL D 241 -8.31 -15.33 -14.40
CA VAL D 241 -9.23 -14.54 -15.22
C VAL D 241 -10.41 -14.16 -14.33
N GLU D 242 -10.78 -12.89 -14.33
CA GLU D 242 -11.92 -12.41 -13.58
C GLU D 242 -13.01 -12.04 -14.57
N ILE D 243 -14.18 -12.68 -14.47
CA ILE D 243 -15.28 -12.43 -15.39
C ILE D 243 -16.60 -12.31 -14.65
N ARG D 244 -17.52 -11.53 -15.23
CA ARG D 244 -18.85 -11.44 -14.67
C ARG D 244 -19.52 -12.80 -14.68
N ALA D 245 -20.22 -13.11 -13.59
CA ALA D 245 -20.95 -14.38 -13.53
C ALA D 245 -21.91 -14.49 -14.71
N ALA D 246 -22.49 -13.37 -15.12
CA ALA D 246 -23.39 -13.33 -16.28
C ALA D 246 -22.71 -13.76 -17.59
N PHE D 247 -21.37 -13.75 -17.66
CA PHE D 247 -20.63 -14.19 -18.85
C PHE D 247 -20.09 -15.61 -18.76
N ALA D 248 -20.06 -16.21 -17.55
CA ALA D 248 -19.22 -17.38 -17.30
C ALA D 248 -19.56 -18.54 -18.23
N GLY D 249 -20.85 -18.85 -18.37
CA GLY D 249 -21.32 -19.89 -19.26
C GLY D 249 -20.88 -19.72 -20.71
N TYR D 250 -21.26 -18.59 -21.35
CA TYR D 250 -20.78 -18.25 -22.68
C TYR D 250 -19.29 -18.52 -22.80
N LEU D 251 -18.51 -17.89 -21.93
CA LEU D 251 -17.09 -17.74 -22.16
C LEU D 251 -16.36 -19.06 -21.93
N LEU D 252 -16.74 -19.79 -20.87
CA LEU D 252 -16.05 -21.05 -20.64
C LEU D 252 -16.27 -22.03 -21.80
N ARG D 253 -17.46 -22.00 -22.42
CA ARG D 253 -17.71 -22.86 -23.59
C ARG D 253 -16.93 -22.39 -24.80
N LEU D 254 -17.01 -21.08 -25.07
CA LEU D 254 -16.28 -20.49 -26.18
C LEU D 254 -14.79 -20.76 -26.10
N TRP D 255 -14.21 -20.63 -24.91
CA TRP D 255 -12.78 -20.88 -24.72
C TRP D 255 -12.44 -22.36 -24.66
N ASN D 256 -13.47 -23.22 -24.72
CA ASN D 256 -13.29 -24.70 -24.70
C ASN D 256 -12.49 -25.12 -23.45
N ILE D 257 -12.96 -24.72 -22.26
CA ILE D 257 -12.21 -25.02 -21.01
C ILE D 257 -12.88 -26.20 -20.30
N ASP D 258 -12.12 -27.25 -20.00
CA ASP D 258 -12.68 -28.40 -19.25
C ASP D 258 -12.96 -27.97 -17.81
N CYS D 259 -14.25 -27.88 -17.48
CA CYS D 259 -14.67 -27.46 -16.13
C CYS D 259 -15.15 -28.70 -15.37
N SER D 260 -14.61 -29.86 -15.74
CA SER D 260 -14.92 -31.13 -15.03
C SER D 260 -14.26 -31.10 -13.66
N LYS D 261 -14.88 -31.77 -12.68
CA LYS D 261 -14.35 -31.73 -11.28
C LYS D 261 -12.97 -32.36 -11.27
N ASN D 262 -12.84 -33.54 -11.85
CA ASN D 262 -11.53 -34.24 -11.84
C ASN D 262 -11.18 -34.60 -13.28
N SER D 263 -9.89 -34.58 -13.59
CA SER D 263 -9.42 -35.02 -14.93
C SER D 263 -10.28 -34.42 -16.04
N LYS D 264 -10.87 -35.27 -16.87
CA LYS D 264 -11.68 -34.79 -18.01
C LYS D 264 -12.83 -35.78 -18.25
N SER D 265 -14.06 -35.28 -18.26
CA SER D 265 -15.20 -36.17 -18.61
C SER D 265 -15.89 -35.66 -19.87
N ASN D 266 -15.18 -34.93 -20.72
CA ASN D 266 -15.85 -34.30 -21.90
C ASN D 266 -15.00 -34.55 -23.14
N GLY D 267 -13.95 -35.36 -23.02
CA GLY D 267 -13.10 -35.73 -24.18
C GLY D 267 -12.59 -34.54 -24.97
N ARG D 268 -12.94 -34.47 -26.25
CA ARG D 268 -12.56 -33.32 -27.13
C ARG D 268 -11.08 -33.03 -27.33
N GLU D 269 -10.69 -31.78 -27.17
CA GLU D 269 -9.29 -31.40 -27.44
C GLU D 269 -9.09 -30.18 -26.53
N PHE D 270 -9.21 -30.40 -25.23
CA PHE D 270 -8.96 -29.32 -24.29
C PHE D 270 -7.46 -28.98 -24.20
N HIS D 271 -7.15 -27.68 -24.20
CA HIS D 271 -5.84 -27.18 -23.81
C HIS D 271 -5.80 -26.73 -22.36
N LEU D 272 -6.94 -26.30 -21.88
CA LEU D 272 -7.08 -25.63 -20.61
C LEU D 272 -8.08 -26.40 -19.76
N ALA D 273 -7.84 -26.40 -18.46
CA ALA D 273 -8.78 -26.90 -17.47
C ALA D 273 -9.04 -25.81 -16.45
N LEU D 274 -10.26 -25.80 -15.92
CA LEU D 274 -10.61 -24.91 -14.81
C LEU D 274 -10.23 -25.60 -13.50
N LYS D 275 -9.24 -25.04 -12.81
CA LYS D 275 -8.76 -25.67 -11.58
C LYS D 275 -9.80 -25.63 -10.46
N ASN D 276 -10.63 -24.59 -10.39
CA ASN D 276 -11.52 -24.34 -9.26
C ASN D 276 -12.97 -24.24 -9.73
N PRO D 277 -13.58 -25.36 -10.12
CA PRO D 277 -14.99 -25.31 -10.56
C PRO D 277 -15.96 -24.86 -9.46
N GLU D 278 -15.55 -24.94 -8.19
CA GLU D 278 -16.34 -24.39 -7.09
C GLU D 278 -16.67 -22.92 -7.32
N ALA D 279 -15.87 -22.23 -8.14
CA ALA D 279 -16.11 -20.82 -8.39
C ALA D 279 -17.36 -20.59 -9.20
N LEU D 280 -17.96 -21.64 -9.77
CA LEU D 280 -19.16 -21.53 -10.59
C LEU D 280 -20.46 -21.79 -9.84
N TYR D 281 -20.40 -22.10 -8.55
CA TYR D 281 -21.61 -22.33 -7.78
C TYR D 281 -22.51 -21.11 -7.80
N GLY D 282 -23.79 -21.32 -8.11
CA GLY D 282 -24.74 -20.23 -8.14
C GLY D 282 -24.64 -19.31 -9.33
N VAL D 283 -23.78 -19.62 -10.30
CA VAL D 283 -23.68 -18.83 -11.52
C VAL D 283 -24.76 -19.29 -12.49
N ASP D 284 -25.66 -18.40 -12.85
CA ASP D 284 -26.69 -18.75 -13.81
C ASP D 284 -26.01 -19.19 -15.10
N ASN D 285 -26.41 -20.35 -15.63
CA ASN D 285 -25.90 -20.91 -16.89
C ASN D 285 -24.48 -21.45 -16.80
N ALA D 286 -23.96 -21.67 -15.58
CA ALA D 286 -22.74 -22.44 -15.43
C ALA D 286 -22.80 -23.77 -16.18
N ALA D 287 -23.99 -24.32 -16.39
CA ALA D 287 -24.12 -25.62 -17.08
C ALA D 287 -23.66 -25.54 -18.54
N LEU D 288 -23.68 -24.36 -19.17
CA LEU D 288 -23.03 -24.19 -20.47
C LEU D 288 -21.51 -24.30 -20.41
N ALA D 289 -20.89 -24.64 -19.24
CA ALA D 289 -19.44 -24.81 -19.19
C ALA D 289 -19.10 -26.28 -19.39
N PRO D 290 -18.18 -26.59 -20.29
CA PRO D 290 -17.99 -28.00 -20.67
C PRO D 290 -17.56 -28.83 -19.48
N GLY D 291 -18.24 -29.95 -19.27
CA GLY D 291 -17.97 -30.82 -18.15
C GLY D 291 -18.46 -30.33 -16.80
N TYR D 292 -19.17 -29.22 -16.73
CA TYR D 292 -19.52 -28.69 -15.43
C TYR D 292 -20.73 -29.44 -14.86
N SER D 293 -20.61 -29.90 -13.61
CA SER D 293 -21.75 -30.34 -12.82
C SER D 293 -21.50 -30.01 -11.34
N GLU D 294 -22.58 -29.75 -10.61
CA GLU D 294 -22.46 -29.37 -9.21
C GLU D 294 -22.40 -30.62 -8.33
N SER D 295 -21.33 -30.74 -7.55
CA SER D 295 -21.08 -31.92 -6.72
C SER D 295 -20.19 -31.58 -5.52
N LEU E 10 56.05 -31.24 21.00
CA LEU E 10 55.72 -31.44 19.58
C LEU E 10 54.99 -30.19 19.07
N SER E 11 54.99 -29.98 17.75
CA SER E 11 54.22 -28.85 17.21
C SER E 11 52.73 -29.16 17.22
N GLN E 12 51.92 -28.09 17.18
CA GLN E 12 50.47 -28.27 17.15
C GLN E 12 50.03 -29.07 15.93
N ALA E 13 50.57 -28.74 14.76
CA ALA E 13 50.21 -29.47 13.54
C ALA E 13 50.51 -30.96 13.69
N GLN E 14 51.56 -31.30 14.41
CA GLN E 14 51.92 -32.69 14.63
C GLN E 14 51.00 -33.35 15.65
N ARG E 15 50.56 -32.61 16.66
CA ARG E 15 49.56 -33.15 17.58
C ARG E 15 48.24 -33.39 16.86
N GLU E 16 47.86 -32.49 15.96
CA GLU E 16 46.61 -32.65 15.24
C GLU E 16 46.62 -33.90 14.38
N ARG E 17 47.75 -34.19 13.73
CA ARG E 17 47.80 -35.37 12.89
C ARG E 17 47.85 -36.63 13.73
N LEU E 18 48.50 -36.58 14.91
CA LEU E 18 48.43 -37.69 15.85
C LEU E 18 47.01 -37.89 16.38
N ALA E 19 46.33 -36.80 16.70
CA ALA E 19 44.95 -36.92 17.16
C ALA E 19 44.08 -37.48 16.07
N HIS E 20 44.38 -37.13 14.81
CA HIS E 20 43.61 -37.69 13.72
C HIS E 20 43.83 -39.19 13.59
N ILE E 21 45.04 -39.67 13.90
CA ILE E 21 45.30 -41.11 13.93
C ILE E 21 44.51 -41.76 15.06
N ASP E 22 44.56 -41.15 16.25
CA ASP E 22 43.80 -41.66 17.38
C ASP E 22 42.32 -41.80 17.03
N PHE E 23 41.76 -40.74 16.42
CA PHE E 23 40.35 -40.75 16.03
C PHE E 23 40.07 -41.85 15.02
N THR E 24 40.93 -41.99 14.01
CA THR E 24 40.69 -42.96 12.96
C THR E 24 40.73 -44.39 13.49
N LEU E 25 41.68 -44.69 14.38
CA LEU E 25 41.72 -45.99 15.02
C LEU E 25 40.50 -46.20 15.92
N LEU E 26 40.06 -45.13 16.59
CA LEU E 26 38.93 -45.22 17.50
C LEU E 26 37.61 -45.41 16.75
N PHE E 27 37.40 -44.64 15.69
CA PHE E 27 36.10 -44.61 15.03
C PHE E 27 36.05 -45.51 13.81
N LYS E 28 37.20 -45.91 13.28
CA LYS E 28 37.27 -46.97 12.30
C LYS E 28 38.10 -48.08 12.92
N GLY E 29 38.07 -49.26 12.34
CA GLY E 29 38.86 -50.25 13.04
C GLY E 29 40.36 -50.16 12.82
N GLU E 30 40.80 -49.13 12.13
CA GLU E 30 42.05 -49.19 11.39
C GLU E 30 42.45 -47.79 10.99
N ALA E 31 43.72 -47.64 10.61
CA ALA E 31 44.23 -46.36 10.15
C ALA E 31 45.44 -46.60 9.24
N GLY E 32 45.45 -45.89 8.11
CA GLY E 32 46.57 -45.96 7.18
C GLY E 32 47.05 -44.57 6.83
N ARG E 33 48.19 -44.51 6.15
CA ARG E 33 48.80 -43.21 5.80
C ARG E 33 47.88 -42.40 4.89
N SER E 34 47.07 -43.06 4.07
CA SER E 34 46.21 -42.33 3.15
C SER E 34 45.26 -41.41 3.91
N TYR E 35 44.87 -41.80 5.13
CA TYR E 35 44.07 -40.92 5.95
C TYR E 35 44.81 -39.61 6.21
N LEU E 36 46.12 -39.70 6.47
CA LEU E 36 46.88 -38.51 6.82
C LEU E 36 47.20 -37.64 5.61
N THR E 37 47.58 -38.25 4.49
CA THR E 37 47.85 -37.46 3.29
C THR E 37 46.58 -36.84 2.74
N GLU E 38 45.45 -37.55 2.82
CA GLU E 38 44.18 -36.97 2.36
C GLU E 38 43.70 -35.88 3.31
N ARG E 39 43.72 -36.16 4.61
CA ARG E 39 43.19 -35.19 5.57
C ARG E 39 44.07 -33.95 5.62
N PHE E 40 45.37 -34.11 5.51
CA PHE E 40 46.28 -33.00 5.73
C PHE E 40 47.09 -32.58 4.51
N SER E 41 47.06 -33.36 3.42
CA SER E 41 47.85 -33.09 2.20
C SER E 41 49.33 -32.91 2.54
N VAL E 42 49.81 -33.67 3.52
CA VAL E 42 51.24 -33.72 3.84
C VAL E 42 51.91 -34.72 2.91
N ALA E 43 53.24 -34.64 2.82
CA ALA E 43 53.99 -35.57 2.01
C ALA E 43 53.80 -36.99 2.56
N PRO E 44 53.80 -38.01 1.71
CA PRO E 44 53.67 -39.39 2.23
C PRO E 44 54.65 -39.70 3.34
N SER E 45 55.91 -39.26 3.25
CA SER E 45 56.88 -39.60 4.29
C SER E 45 56.49 -39.02 5.65
N VAL E 46 55.73 -37.93 5.66
CA VAL E 46 55.28 -37.35 6.91
C VAL E 46 54.35 -38.31 7.65
N ALA E 47 53.48 -38.99 6.91
CA ALA E 47 52.55 -39.94 7.53
C ALA E 47 53.27 -41.08 8.25
N THR E 48 54.36 -41.60 7.68
CA THR E 48 55.15 -42.61 8.40
C THR E 48 55.71 -42.05 9.70
N GLN E 49 56.19 -40.80 9.67
CA GLN E 49 56.70 -40.18 10.88
C GLN E 49 55.60 -40.07 11.94
N ASP E 50 54.39 -39.72 11.50
CA ASP E 50 53.26 -39.62 12.41
C ASP E 50 52.92 -40.98 13.02
N PHE E 51 52.75 -42.00 12.17
CA PHE E 51 52.40 -43.33 12.68
C PHE E 51 53.50 -43.91 13.56
N ALA E 52 54.76 -43.58 13.27
CA ALA E 52 55.87 -44.06 14.12
C ALA E 52 55.77 -43.40 15.49
N ARG E 53 55.59 -42.08 15.53
CA ARG E 53 55.48 -41.33 16.81
C ARG E 53 54.31 -41.90 17.62
N TYR E 54 53.19 -42.17 16.96
CA TYR E 54 51.99 -42.67 17.67
C TYR E 54 52.34 -44.01 18.32
N LYS E 55 52.92 -44.93 17.56
CA LYS E 55 53.28 -46.26 18.11
C LYS E 55 54.15 -46.10 19.36
N ALA E 56 55.11 -45.16 19.35
CA ALA E 56 55.91 -44.92 20.56
C ALA E 56 55.04 -44.41 21.70
N LEU E 57 54.28 -43.35 21.46
CA LEU E 57 53.48 -42.72 22.56
C LEU E 57 52.42 -43.67 23.10
N ALA E 58 51.95 -44.62 22.28
CA ALA E 58 50.90 -45.57 22.69
C ALA E 58 51.15 -46.90 21.99
N PRO E 59 52.03 -47.77 22.51
CA PRO E 59 52.36 -49.01 21.83
C PRO E 59 51.21 -50.02 21.84
N ASN E 60 50.34 -49.96 22.83
CA ASN E 60 49.26 -50.96 22.95
C ASN E 60 47.98 -50.42 22.32
N ASN E 61 48.11 -49.63 21.25
CA ASN E 61 46.93 -49.11 20.52
C ASN E 61 47.09 -49.47 19.04
N VAL E 62 48.25 -50.03 18.66
CA VAL E 62 48.54 -50.27 17.23
C VAL E 62 49.05 -51.70 16.97
N MET E 63 48.57 -52.36 15.91
CA MET E 63 49.09 -53.68 15.49
C MET E 63 49.30 -53.50 13.99
N TYR E 64 49.59 -54.56 13.23
CA TYR E 64 49.72 -54.37 11.76
C TYR E 64 49.22 -55.57 10.96
N ASP E 65 48.67 -55.30 9.77
CA ASP E 65 48.27 -56.41 8.86
C ASP E 65 49.06 -56.20 7.57
N GLU E 66 49.98 -57.11 7.26
CA GLU E 66 50.81 -57.01 6.03
C GLU E 66 49.87 -56.92 4.83
N LYS E 67 48.77 -57.67 4.88
CA LYS E 67 47.74 -57.57 3.81
C LYS E 67 46.96 -56.29 4.10
N ARG E 68 46.68 -55.48 3.08
CA ARG E 68 45.97 -54.18 3.23
C ARG E 68 46.90 -53.09 3.77
N ARG E 69 48.10 -53.44 4.26
CA ARG E 69 49.10 -52.44 4.71
C ARG E 69 48.51 -51.27 5.51
N VAL E 70 47.62 -51.60 6.47
CA VAL E 70 47.07 -50.56 7.38
C VAL E 70 47.37 -51.02 8.81
N HIS E 71 47.19 -50.12 9.78
CA HIS E 71 47.38 -50.48 11.20
C HIS E 71 46.04 -50.97 11.74
N LEU E 72 46.06 -51.82 12.75
CA LEU E 72 44.76 -52.24 13.31
C LEU E 72 44.66 -51.81 14.77
N LYS E 73 43.56 -51.14 15.11
CA LYS E 73 43.32 -50.77 16.52
C LYS E 73 43.45 -52.05 17.32
N THR E 74 44.35 -52.06 18.30
CA THR E 74 44.58 -53.30 19.04
C THR E 74 43.52 -53.43 20.13
N SER E 75 43.68 -54.44 20.96
CA SER E 75 42.74 -54.52 22.11
C SER E 75 43.34 -53.69 23.26
N THR E 76 42.64 -53.60 24.39
CA THR E 76 43.09 -52.74 25.52
C THR E 76 43.41 -51.34 24.98
N PHE E 77 42.85 -50.99 23.82
CA PHE E 77 43.06 -49.67 23.24
C PHE E 77 42.50 -48.66 24.21
N GLN E 78 43.26 -47.61 24.48
CA GLN E 78 42.72 -46.50 25.23
C GLN E 78 43.07 -45.23 24.47
N PRO E 79 42.09 -44.35 24.27
CA PRO E 79 42.33 -43.15 23.46
C PRO E 79 43.51 -42.35 24.00
N LEU E 80 44.37 -41.92 23.10
CA LEU E 80 45.55 -41.17 23.49
C LEU E 80 45.21 -39.75 23.92
N PHE E 81 44.08 -39.19 23.49
CA PHE E 81 43.69 -37.82 23.78
C PHE E 81 42.34 -37.76 24.45
N ASP E 82 42.04 -36.61 25.05
CA ASP E 82 40.67 -36.29 25.46
C ASP E 82 39.92 -35.67 24.29
N TYR E 83 38.64 -36.01 24.16
CA TYR E 83 37.83 -35.51 23.07
C TYR E 83 36.74 -34.59 23.59
N ASP E 84 36.55 -33.47 22.92
CA ASP E 84 35.35 -32.67 23.12
C ASP E 84 34.19 -33.39 22.43
N ILE E 85 33.26 -33.93 23.23
CA ILE E 85 32.30 -34.86 22.65
C ILE E 85 31.32 -34.13 21.75
N VAL E 86 30.91 -32.91 22.09
CA VAL E 86 30.02 -32.14 21.22
C VAL E 86 30.70 -31.85 19.90
N ARG E 87 31.94 -31.36 19.95
CA ARG E 87 32.63 -31.00 18.71
C ARG E 87 32.97 -32.24 17.89
N THR E 88 33.29 -33.35 18.56
CA THR E 88 33.61 -34.59 17.88
C THR E 88 32.40 -35.15 17.12
N LEU E 89 31.23 -35.17 17.79
CA LEU E 89 30.00 -35.62 17.16
C LEU E 89 29.61 -34.69 16.02
N ALA E 90 29.88 -33.40 16.19
CA ALA E 90 29.67 -32.47 15.10
C ALA E 90 30.58 -32.80 13.92
N THR E 91 31.86 -33.08 14.20
CA THR E 91 32.80 -33.37 13.11
C THR E 91 32.40 -34.61 12.33
N ILE E 92 32.01 -35.69 13.01
CA ILE E 92 31.65 -36.89 12.26
C ILE E 92 30.34 -36.75 11.50
N SER E 93 29.48 -35.78 11.86
CA SER E 93 28.24 -35.55 11.12
C SER E 93 28.33 -34.36 10.18
N GLN E 94 29.47 -33.66 10.12
CA GLN E 94 29.58 -32.48 9.28
C GLN E 94 30.79 -32.54 8.35
N GLY E 95 31.96 -32.93 8.87
CA GLY E 95 33.17 -32.88 8.06
C GLY E 95 34.36 -32.34 8.84
N PHE E 96 35.54 -32.34 8.22
CA PHE E 96 36.78 -32.11 8.95
C PHE E 96 37.24 -30.66 9.03
N GLY E 97 36.84 -29.77 8.15
CA GLY E 97 37.37 -28.43 8.30
C GLY E 97 36.86 -27.72 9.56
N ASP E 98 37.21 -26.43 9.65
CA ASP E 98 36.41 -25.54 10.47
C ASP E 98 35.23 -24.99 9.68
N GLY E 99 35.19 -25.29 8.40
CA GLY E 99 34.13 -24.88 7.53
C GLY E 99 34.45 -23.66 6.68
N PHE E 100 35.60 -23.01 6.90
CA PHE E 100 35.90 -21.74 6.24
C PHE E 100 36.48 -21.93 4.84
N LEU E 101 36.74 -23.17 4.41
CA LEU E 101 37.34 -23.45 3.11
C LEU E 101 36.38 -24.16 2.17
N GLY E 102 35.08 -23.94 2.32
CA GLY E 102 34.12 -24.52 1.39
C GLY E 102 33.40 -25.71 1.99
N LYS E 103 32.53 -26.28 1.16
CA LYS E 103 31.68 -27.40 1.55
C LYS E 103 32.50 -28.55 2.11
N VAL E 104 32.00 -29.15 3.20
CA VAL E 104 32.58 -30.37 3.75
C VAL E 104 31.48 -31.42 3.81
N ARG E 105 31.90 -32.68 3.94
CA ARG E 105 30.98 -33.80 3.94
C ARG E 105 31.35 -34.73 5.09
N PRO E 106 30.37 -35.41 5.70
CA PRO E 106 30.69 -36.28 6.84
C PRO E 106 31.70 -37.35 6.44
N PRO E 107 32.61 -37.67 7.32
CA PRO E 107 33.65 -38.66 6.98
C PRO E 107 33.23 -40.09 7.15
N MET E 108 31.92 -40.35 7.19
CA MET E 108 31.43 -41.69 7.50
C MET E 108 29.92 -41.73 7.23
N ALA E 109 29.35 -42.92 7.37
CA ALA E 109 27.91 -43.10 7.19
C ALA E 109 27.18 -42.53 8.41
N CYS E 110 27.07 -41.20 8.43
CA CYS E 110 26.46 -40.46 9.53
C CYS E 110 25.66 -39.31 8.95
N GLU E 111 24.39 -39.19 9.38
CA GLU E 111 23.49 -38.16 8.87
C GLU E 111 22.98 -37.29 10.01
N ALA E 112 22.71 -36.04 9.68
CA ALA E 112 22.12 -35.09 10.62
C ALA E 112 20.98 -34.41 9.86
N PRO E 113 19.80 -35.04 9.78
CA PRO E 113 18.76 -34.57 8.87
C PRO E 113 17.89 -33.44 9.41
N PHE E 114 18.19 -32.87 10.57
CA PHE E 114 17.27 -31.93 11.20
C PHE E 114 17.48 -30.47 10.78
N HIS E 115 18.46 -30.15 9.94
CA HIS E 115 18.71 -28.76 9.53
C HIS E 115 17.74 -28.35 8.42
N LEU E 116 17.02 -27.26 8.63
CA LEU E 116 16.31 -26.63 7.52
C LEU E 116 17.24 -25.47 7.16
N ASN E 117 16.75 -24.42 6.50
CA ASN E 117 17.71 -23.45 6.01
C ASN E 117 18.37 -22.71 7.16
N LYS E 118 19.53 -22.14 6.86
CA LYS E 118 20.38 -21.42 7.79
C LYS E 118 20.37 -19.93 7.48
N PRO E 119 20.72 -19.09 8.45
CA PRO E 119 20.82 -17.65 8.16
C PRO E 119 21.87 -17.39 7.08
N LYS E 120 21.70 -16.28 6.36
CA LYS E 120 22.72 -15.92 5.37
C LYS E 120 24.02 -15.56 6.07
N LEU E 121 25.14 -16.07 5.52
CA LEU E 121 26.46 -15.83 6.09
C LEU E 121 26.68 -14.37 6.42
N GLU E 122 26.29 -13.48 5.51
CA GLU E 122 26.54 -12.05 5.71
C GLU E 122 25.73 -11.49 6.86
N VAL E 123 24.50 -12.00 7.05
CA VAL E 123 23.68 -11.50 8.15
C VAL E 123 24.27 -11.91 9.49
N VAL E 124 24.61 -13.19 9.66
CA VAL E 124 25.19 -13.59 10.94
C VAL E 124 26.49 -12.84 11.19
N ALA E 125 27.33 -12.74 10.14
CA ALA E 125 28.62 -12.09 10.31
C ALA E 125 28.45 -10.65 10.75
N ALA E 126 27.49 -9.93 10.13
CA ALA E 126 27.27 -8.55 10.51
C ALA E 126 26.79 -8.45 11.95
N ILE E 127 25.88 -9.36 12.36
CA ILE E 127 25.40 -9.32 13.74
C ILE E 127 26.54 -9.61 14.69
N SER E 128 27.32 -10.65 14.36
CA SER E 128 28.48 -11.04 15.14
C SER E 128 29.48 -9.89 15.26
N GLU E 129 29.71 -9.18 14.15
CA GLU E 129 30.61 -8.03 14.18
C GLU E 129 30.11 -6.96 15.13
N ALA E 130 28.81 -6.66 15.11
CA ALA E 130 28.26 -5.64 15.99
C ALA E 130 28.37 -6.05 17.46
N ILE E 131 28.12 -7.32 17.75
CA ILE E 131 28.29 -7.82 19.11
C ILE E 131 29.73 -7.60 19.56
N HIS E 132 30.68 -7.98 18.70
CA HIS E 132 32.09 -7.84 19.04
C HIS E 132 32.45 -6.39 19.29
N LYS E 133 31.93 -5.48 18.46
CA LYS E 133 32.25 -4.07 18.58
C LYS E 133 31.38 -3.31 19.58
N ARG E 134 30.41 -3.99 20.23
CA ARG E 134 29.52 -3.31 21.17
C ARG E 134 28.77 -2.17 20.50
N ALA E 135 28.28 -2.41 19.29
CA ALA E 135 27.66 -1.36 18.50
C ALA E 135 26.14 -1.50 18.48
N VAL E 136 25.50 -0.41 18.11
CA VAL E 136 24.10 -0.40 17.71
C VAL E 136 24.05 -0.71 16.22
N ILE E 137 23.03 -1.48 15.80
CA ILE E 137 22.78 -1.78 14.39
C ILE E 137 21.34 -1.43 14.06
N ASN E 138 21.14 -0.98 12.82
CA ASN E 138 19.82 -0.85 12.24
C ASN E 138 19.57 -2.12 11.45
N ILE E 139 18.37 -2.69 11.59
CA ILE E 139 18.02 -3.90 10.86
C ILE E 139 16.65 -3.71 10.23
N GLU E 140 16.42 -4.50 9.19
CA GLU E 140 15.07 -4.75 8.72
C GLU E 140 14.64 -6.11 9.23
N TYR E 141 13.41 -6.21 9.70
CA TYR E 141 12.97 -7.40 10.37
C TYR E 141 11.50 -7.61 10.02
N THR E 142 11.16 -8.85 9.70
CA THR E 142 9.78 -9.23 9.43
C THR E 142 9.31 -10.09 10.60
N SER E 143 8.47 -9.51 11.47
CA SER E 143 8.03 -10.21 12.67
C SER E 143 6.71 -10.93 12.43
N LEU E 144 6.46 -11.95 13.25
CA LEU E 144 5.17 -12.62 13.19
C LEU E 144 4.06 -11.73 13.73
N SER E 145 4.39 -10.83 14.66
CA SER E 145 3.38 -10.03 15.33
C SER E 145 2.99 -8.79 14.55
N SER E 146 3.92 -8.22 13.78
CA SER E 146 3.60 -6.99 13.04
C SER E 146 4.08 -6.95 11.60
N GLY E 147 4.72 -7.98 11.09
CA GLY E 147 5.18 -7.92 9.71
C GLY E 147 6.47 -7.14 9.55
N HIS E 148 6.66 -6.63 8.34
CA HIS E 148 7.94 -6.01 7.99
C HIS E 148 8.14 -4.63 8.60
N GLY E 149 9.38 -4.33 8.97
CA GLY E 149 9.71 -3.01 9.48
C GLY E 149 11.19 -2.92 9.70
N SER E 150 11.62 -1.75 10.14
CA SER E 150 13.02 -1.53 10.51
C SER E 150 13.09 -0.98 11.93
N ARG E 151 14.25 -1.22 12.55
CA ARG E 151 14.44 -0.80 13.96
C ARG E 151 15.92 -0.89 14.33
N GLN E 152 16.34 -0.16 15.35
CA GLN E 152 17.69 -0.28 15.88
C GLN E 152 17.70 -1.27 17.04
N ILE E 153 18.70 -2.14 17.08
CA ILE E 153 18.83 -3.10 18.16
C ILE E 153 20.27 -3.08 18.65
N VAL E 154 20.44 -3.48 19.91
CA VAL E 154 21.77 -3.56 20.53
C VAL E 154 22.06 -5.02 20.84
N PRO E 155 22.74 -5.73 19.96
CA PRO E 155 22.89 -7.18 20.15
C PRO E 155 23.94 -7.50 21.20
N HIS E 156 23.73 -8.59 21.93
CA HIS E 156 24.79 -9.02 22.84
C HIS E 156 25.17 -10.48 22.76
N THR E 157 24.30 -11.36 22.24
CA THR E 157 24.64 -12.77 22.19
C THR E 157 23.96 -13.36 20.97
N LEU E 158 24.67 -14.26 20.27
CA LEU E 158 24.11 -15.11 19.23
C LEU E 158 23.74 -16.46 19.83
N ILE E 159 22.59 -16.99 19.39
CA ILE E 159 22.06 -18.22 19.95
C ILE E 159 21.65 -19.17 18.83
N ASP E 160 22.17 -20.38 18.87
CA ASP E 160 21.62 -21.50 18.11
C ASP E 160 20.64 -22.18 19.06
N ASN E 161 19.33 -21.90 18.91
CA ASN E 161 18.36 -22.64 19.69
C ASN E 161 18.23 -23.98 18.97
N GLY E 162 17.30 -24.84 19.31
CA GLY E 162 17.22 -26.08 18.56
C GLY E 162 16.96 -25.89 17.07
N LEU E 163 15.96 -25.09 16.72
CA LEU E 163 15.48 -25.04 15.31
C LEU E 163 16.07 -23.90 14.50
N ARG E 164 16.10 -22.70 15.06
CA ARG E 164 16.56 -21.54 14.27
C ARG E 164 17.72 -20.87 14.98
N TRP E 165 18.23 -19.80 14.39
CA TRP E 165 19.30 -19.01 15.03
C TRP E 165 18.67 -17.67 15.38
N HIS E 166 18.93 -17.14 16.56
CA HIS E 166 18.44 -15.80 16.87
C HIS E 166 19.52 -15.03 17.60
N VAL E 167 19.30 -13.73 17.69
CA VAL E 167 20.19 -12.84 18.44
C VAL E 167 19.39 -12.27 19.62
N ARG E 168 19.98 -12.30 20.80
CA ARG E 168 19.43 -11.63 21.97
C ARG E 168 19.90 -10.18 21.94
N ALA E 169 18.98 -9.23 22.01
CA ALA E 169 19.35 -7.84 21.81
C ALA E 169 18.37 -6.94 22.54
N PHE E 170 18.80 -5.70 22.80
CA PHE E 170 17.88 -4.67 23.24
C PHE E 170 17.23 -4.05 22.01
N ASP E 171 15.90 -4.11 21.94
CA ASP E 171 15.15 -3.57 20.82
C ASP E 171 14.78 -2.13 21.15
N ARG E 172 15.26 -1.18 20.37
CA ARG E 172 14.93 0.20 20.65
C ARG E 172 13.53 0.57 20.21
N LYS E 173 12.88 -0.25 19.38
CA LYS E 173 11.51 0.07 18.97
C LYS E 173 10.56 0.01 20.16
N HIS E 174 10.54 -1.10 20.89
CA HIS E 174 9.66 -1.20 22.04
C HIS E 174 10.42 -1.15 23.35
N ARG E 175 11.72 -0.88 23.28
CA ARG E 175 12.55 -0.65 24.47
C ARG E 175 12.50 -1.82 25.45
N GLU E 176 12.89 -2.98 24.95
CA GLU E 176 12.90 -4.21 25.73
C GLU E 176 13.93 -5.17 25.14
N PHE E 177 14.45 -6.04 25.98
CA PHE E 177 15.27 -7.12 25.45
C PHE E 177 14.37 -8.14 24.77
N ARG E 178 14.88 -8.77 23.72
CA ARG E 178 14.01 -9.50 22.81
C ARG E 178 14.89 -10.42 21.96
N ASP E 179 14.27 -11.47 21.42
CA ASP E 179 14.95 -12.34 20.46
C ASP E 179 14.62 -11.88 19.04
N PHE E 180 15.60 -11.96 18.14
CA PHE E 180 15.33 -11.74 16.72
C PHE E 180 15.87 -12.93 15.96
N VAL E 181 14.98 -13.64 15.25
CA VAL E 181 15.36 -14.78 14.43
C VAL E 181 16.22 -14.32 13.26
N LEU E 182 17.40 -14.91 13.11
CA LEU E 182 18.36 -14.40 12.13
C LEU E 182 17.86 -14.52 10.69
N THR E 183 17.11 -15.57 10.38
CA THR E 183 16.57 -15.75 9.03
C THR E 183 15.44 -14.78 8.69
N ARG E 184 15.01 -13.93 9.63
CA ARG E 184 14.04 -12.89 9.35
C ARG E 184 14.63 -11.50 9.35
N ILE E 185 15.95 -11.38 9.52
CA ILE E 185 16.68 -10.12 9.44
C ILE E 185 17.20 -9.98 8.01
N SER E 186 16.88 -8.85 7.35
CA SER E 186 17.16 -8.70 5.93
C SER E 186 18.36 -7.81 5.64
N GLU E 187 18.52 -6.73 6.41
CA GLU E 187 19.61 -5.79 6.23
C GLU E 187 20.16 -5.48 7.59
N VAL E 188 21.47 -5.33 7.68
CA VAL E 188 22.11 -4.96 8.93
C VAL E 188 23.05 -3.81 8.62
N GLU E 189 22.94 -2.74 9.37
CA GLU E 189 23.80 -1.58 9.18
C GLU E 189 24.38 -1.17 10.52
N LEU E 190 25.71 -1.28 10.63
CA LEU E 190 26.39 -0.80 11.82
C LEU E 190 26.27 0.71 11.87
N LEU E 191 25.87 1.23 13.02
CA LEU E 191 25.69 2.64 13.26
C LEU E 191 26.76 3.13 14.22
N GLU E 192 26.92 4.45 14.30
CA GLU E 192 27.83 5.04 15.26
C GLU E 192 27.12 5.48 16.54
N ASP E 193 25.80 5.33 16.58
CA ASP E 193 25.00 5.76 17.76
C ASP E 193 25.54 5.14 19.05
N LYS E 194 25.59 5.91 20.13
CA LYS E 194 26.18 5.41 21.37
C LYS E 194 25.22 4.46 22.08
N VAL E 195 25.79 3.41 22.69
CA VAL E 195 25.02 2.47 23.50
C VAL E 195 24.86 3.05 24.89
N ASN E 196 23.62 3.06 25.38
CA ASN E 196 23.38 3.48 26.78
C ASN E 196 23.77 2.29 27.67
N ASP E 197 24.87 2.40 28.40
CA ASP E 197 25.38 1.24 29.20
C ASP E 197 24.52 1.01 30.44
N GLU E 198 23.50 1.85 30.65
CA GLU E 198 22.66 1.76 31.87
C GLU E 198 21.29 1.18 31.55
N VAL E 199 20.99 0.92 30.27
CA VAL E 199 19.66 0.46 29.88
C VAL E 199 19.74 -0.74 28.93
N GLU E 200 20.68 -0.70 28.00
CA GLU E 200 20.63 -1.52 26.80
C GLU E 200 21.65 -2.65 26.79
N THR E 201 22.54 -2.71 27.78
CA THR E 201 23.60 -3.71 27.78
C THR E 201 23.14 -4.97 28.50
N LEU E 202 23.96 -6.02 28.36
CA LEU E 202 23.59 -7.36 28.76
C LEU E 202 23.24 -7.44 30.24
N GLN E 203 23.95 -6.70 31.08
CA GLN E 203 23.78 -6.80 32.53
C GLN E 203 22.37 -6.46 32.97
N TRP E 204 21.63 -5.70 32.17
CA TRP E 204 20.27 -5.29 32.48
C TRP E 204 19.20 -6.23 31.91
N ASP E 205 19.60 -7.27 31.17
CA ASP E 205 18.66 -8.21 30.53
C ASP E 205 18.23 -9.25 31.57
N LYS E 206 17.10 -8.98 32.23
CA LYS E 206 16.69 -9.77 33.39
C LYS E 206 16.38 -11.21 33.02
N GLN E 207 15.61 -11.42 31.95
CA GLN E 207 15.28 -12.78 31.53
C GLN E 207 16.52 -13.54 31.07
N TRP E 208 17.52 -12.83 30.55
CA TRP E 208 18.77 -13.46 30.14
C TRP E 208 19.58 -13.91 31.35
N ASN E 209 19.64 -13.06 32.37
CA ASN E 209 20.49 -13.30 33.53
C ASN E 209 19.86 -14.18 34.57
N ARG E 210 18.53 -14.33 34.54
CA ARG E 210 17.86 -15.23 35.47
C ARG E 210 18.12 -16.66 35.03
N ILE E 211 18.71 -17.46 35.89
CA ILE E 211 18.92 -18.87 35.61
C ILE E 211 17.80 -19.65 36.29
N VAL E 212 17.08 -20.47 35.54
CA VAL E 212 16.05 -21.32 36.14
C VAL E 212 16.65 -22.70 36.33
N GLU E 213 16.38 -23.30 37.48
CA GLU E 213 16.94 -24.58 37.86
C GLU E 213 15.81 -25.60 37.75
N LEU E 214 15.82 -26.36 36.65
CA LEU E 214 14.79 -27.32 36.31
C LEU E 214 15.22 -28.70 36.79
N GLU E 215 14.27 -29.46 37.30
CA GLU E 215 14.50 -30.83 37.76
C GLU E 215 13.70 -31.77 36.85
N LEU E 216 14.41 -32.52 36.02
CA LEU E 216 13.78 -33.45 35.08
C LEU E 216 13.82 -34.87 35.64
N ILE E 217 12.71 -35.60 35.47
CA ILE E 217 12.56 -36.97 35.97
C ILE E 217 11.98 -37.84 34.87
N PRO E 218 12.15 -39.16 34.97
CA PRO E 218 11.45 -40.05 34.03
C PRO E 218 9.95 -39.84 34.14
N HIS E 219 9.26 -39.85 33.00
CA HIS E 219 7.84 -39.54 33.04
C HIS E 219 7.13 -40.60 33.87
N PRO E 220 6.22 -40.19 34.76
CA PRO E 220 5.60 -41.17 35.67
C PRO E 220 4.77 -42.23 34.96
N LYS E 221 4.31 -41.98 33.74
CA LYS E 221 3.52 -42.97 33.01
C LYS E 221 4.36 -44.08 32.39
N LEU E 222 5.69 -44.01 32.48
CA LEU E 222 6.52 -44.98 31.77
C LEU E 222 6.59 -46.31 32.49
N ALA E 223 6.49 -47.40 31.72
CA ALA E 223 6.68 -48.73 32.28
C ALA E 223 8.15 -49.01 32.60
N HIS E 224 9.07 -48.41 31.86
CA HIS E 224 10.50 -48.64 32.07
C HIS E 224 11.24 -47.31 32.22
N PRO E 225 11.01 -46.61 33.33
CA PRO E 225 11.74 -45.35 33.56
C PRO E 225 13.22 -45.53 33.57
N GLU E 226 13.69 -46.75 33.85
CA GLU E 226 15.13 -47.01 33.89
C GLU E 226 15.79 -46.77 32.54
N ALA E 227 15.03 -46.84 31.44
CA ALA E 227 15.59 -46.47 30.14
C ALA E 227 15.89 -44.99 30.10
N VAL E 228 15.06 -44.17 30.75
CA VAL E 228 15.30 -42.72 30.73
C VAL E 228 16.45 -42.36 31.66
N LEU E 229 16.61 -43.09 32.77
CA LEU E 229 17.72 -42.86 33.69
C LEU E 229 19.06 -42.99 32.99
N ILE E 230 19.25 -44.03 32.18
CA ILE E 230 20.53 -44.16 31.47
C ILE E 230 20.62 -43.16 30.31
N ASP E 231 19.51 -42.95 29.60
CA ASP E 231 19.51 -42.09 28.42
C ASP E 231 20.04 -40.70 28.76
N TYR E 232 19.58 -40.12 29.87
CA TYR E 232 19.91 -38.76 30.26
C TYR E 232 20.94 -38.70 31.41
N ALA E 233 21.65 -39.80 31.65
CA ALA E 233 22.73 -39.87 32.65
C ALA E 233 22.25 -39.32 33.97
N MET E 234 21.11 -39.82 34.43
CA MET E 234 20.51 -39.28 35.63
C MET E 234 21.16 -39.89 36.88
N GLU E 235 20.94 -39.21 38.01
CA GLU E 235 21.38 -39.68 39.31
C GLU E 235 20.28 -39.36 40.31
N ASN E 236 20.02 -40.31 41.21
CA ASN E 236 18.94 -40.16 42.17
C ASN E 236 17.63 -39.88 41.45
N ASN E 237 17.43 -40.55 40.31
CA ASN E 237 16.18 -40.50 39.56
C ASN E 237 15.85 -39.10 39.03
N ARG E 238 16.85 -38.25 38.83
CA ARG E 238 16.57 -36.91 38.32
C ARG E 238 17.76 -36.39 37.53
N LEU E 239 17.47 -35.42 36.67
CA LEU E 239 18.49 -34.64 35.96
C LEU E 239 18.24 -33.17 36.26
N ARG E 240 19.24 -32.51 36.83
CA ARG E 240 19.19 -31.10 37.11
C ARG E 240 19.72 -30.34 35.90
N VAL E 241 18.91 -29.42 35.37
CA VAL E 241 19.25 -28.64 34.19
C VAL E 241 19.09 -27.17 34.55
N GLU E 242 20.12 -26.38 34.29
CA GLU E 242 20.14 -24.94 34.54
C GLU E 242 20.19 -24.22 33.20
N ILE E 243 19.20 -23.37 32.94
CA ILE E 243 19.09 -22.69 31.66
C ILE E 243 18.67 -21.24 31.89
N ARG E 244 19.03 -20.37 30.96
CA ARG E 244 18.52 -19.01 31.05
C ARG E 244 17.00 -19.04 30.95
N ALA E 245 16.36 -18.19 31.75
CA ALA E 245 14.93 -18.06 31.66
C ALA E 245 14.52 -17.75 30.24
N ALA E 246 15.34 -16.95 29.55
CA ALA E 246 15.06 -16.56 28.18
C ALA E 246 15.01 -17.73 27.21
N PHE E 247 15.56 -18.91 27.58
CA PHE E 247 15.52 -20.08 26.72
C PHE E 247 14.41 -21.07 27.09
N ALA E 248 13.81 -20.94 28.29
CA ALA E 248 13.05 -22.04 28.87
C ALA E 248 11.93 -22.53 27.94
N GLY E 249 11.15 -21.61 27.40
CA GLY E 249 10.09 -21.98 26.49
C GLY E 249 10.55 -22.80 25.31
N TYR E 250 11.43 -22.21 24.48
CA TYR E 250 12.06 -22.92 23.36
C TYR E 250 12.45 -24.33 23.76
N LEU E 251 13.24 -24.43 24.83
CA LEU E 251 13.96 -25.67 25.12
C LEU E 251 13.06 -26.74 25.71
N LEU E 252 12.10 -26.36 26.58
CA LEU E 252 11.21 -27.37 27.15
C LEU E 252 10.33 -27.99 26.06
N ARG E 253 9.97 -27.20 25.05
CA ARG E 253 9.25 -27.72 23.90
C ARG E 253 10.17 -28.57 23.02
N LEU E 254 11.36 -28.03 22.71
CA LEU E 254 12.28 -28.77 21.86
C LEU E 254 12.60 -30.14 22.45
N TRP E 255 12.75 -30.21 23.77
CA TRP E 255 13.10 -31.49 24.44
C TRP E 255 11.86 -32.34 24.76
N ASN E 256 10.67 -31.92 24.34
CA ASN E 256 9.41 -32.71 24.54
C ASN E 256 9.26 -33.09 26.01
N ILE E 257 9.21 -32.10 26.90
CA ILE E 257 9.13 -32.37 28.36
C ILE E 257 7.75 -31.98 28.88
N ASP E 258 7.07 -32.91 29.56
CA ASP E 258 5.75 -32.60 30.16
C ASP E 258 5.95 -31.62 31.31
N CYS E 259 5.40 -30.43 31.21
CA CYS E 259 5.59 -29.40 32.26
C CYS E 259 4.25 -29.12 32.95
N SER E 260 3.39 -30.14 33.03
CA SER E 260 2.10 -29.99 33.73
C SER E 260 2.29 -30.32 35.21
N LYS E 261 1.28 -30.04 36.01
CA LYS E 261 1.43 -30.26 37.47
C LYS E 261 1.20 -31.74 37.77
N ASN E 262 0.22 -32.34 37.11
CA ASN E 262 -0.13 -33.75 37.42
C ASN E 262 0.45 -34.68 36.37
N SER E 263 1.30 -34.17 35.49
CA SER E 263 1.94 -35.02 34.45
C SER E 263 0.88 -35.82 33.72
N LYS E 264 -0.25 -35.19 33.41
CA LYS E 264 -1.37 -35.95 32.78
C LYS E 264 -1.52 -35.52 31.34
N SER E 265 -0.48 -34.90 30.77
CA SER E 265 -0.57 -34.58 29.32
C SER E 265 -0.20 -35.82 28.52
N ASN E 266 -0.64 -35.90 27.27
CA ASN E 266 -0.40 -37.10 26.42
C ASN E 266 -0.14 -36.62 25.00
N GLY E 267 -0.05 -35.30 24.79
CA GLY E 267 0.17 -34.71 23.46
C GLY E 267 1.21 -35.32 22.54
N ARG E 268 2.26 -35.93 23.11
CA ARG E 268 3.24 -36.64 22.24
C ARG E 268 3.73 -37.74 23.16
N GLU E 269 4.78 -38.45 22.75
CA GLU E 269 5.32 -39.56 23.57
C GLU E 269 6.24 -38.97 24.63
N PHE E 270 5.66 -38.58 25.76
CA PHE E 270 6.44 -37.94 26.84
C PHE E 270 7.21 -39.02 27.58
N HIS E 271 8.51 -38.86 27.60
CA HIS E 271 9.44 -39.74 28.36
C HIS E 271 10.12 -38.91 29.45
N LEU E 272 9.78 -37.62 29.53
CA LEU E 272 10.44 -36.72 30.51
C LEU E 272 9.38 -35.79 31.11
N ALA E 273 9.38 -35.59 32.43
CA ALA E 273 8.48 -34.62 33.00
C ALA E 273 9.28 -33.62 33.84
N LEU E 274 8.78 -32.40 33.88
CA LEU E 274 9.35 -31.38 34.75
C LEU E 274 8.74 -31.54 36.15
N LYS E 275 9.56 -31.94 37.11
CA LYS E 275 9.06 -32.16 38.45
C LYS E 275 8.64 -30.87 39.11
N ASN E 276 9.29 -29.75 38.79
CA ASN E 276 9.07 -28.49 39.50
C ASN E 276 8.69 -27.36 38.54
N PRO E 277 7.49 -27.42 37.96
CA PRO E 277 7.04 -26.29 37.10
C PRO E 277 6.91 -24.97 37.85
N GLU E 278 6.89 -24.96 39.19
CA GLU E 278 6.94 -23.70 39.93
C GLU E 278 8.16 -22.86 39.56
N ALA E 279 9.23 -23.49 39.05
CA ALA E 279 10.45 -22.79 38.65
C ALA E 279 10.25 -21.94 37.40
N LEU E 280 9.13 -22.09 36.70
CA LEU E 280 8.85 -21.34 35.49
C LEU E 280 8.00 -20.11 35.74
N TYR E 281 7.69 -19.81 37.00
CA TYR E 281 6.86 -18.65 37.27
C TYR E 281 7.59 -17.38 36.86
N GLY E 282 6.92 -16.55 36.08
CA GLY E 282 7.48 -15.30 35.60
C GLY E 282 8.47 -15.46 34.49
N VAL E 283 8.65 -16.66 33.96
CA VAL E 283 9.52 -16.90 32.82
C VAL E 283 8.75 -16.55 31.56
N ASP E 284 9.18 -15.49 30.86
CA ASP E 284 8.52 -15.12 29.61
C ASP E 284 8.57 -16.28 28.63
N ASN E 285 7.46 -16.48 27.92
CA ASN E 285 7.33 -17.59 26.97
C ASN E 285 7.31 -18.96 27.66
N ALA E 286 7.03 -19.01 28.97
CA ALA E 286 6.86 -20.33 29.61
C ALA E 286 5.65 -21.08 29.06
N ALA E 287 4.61 -20.35 28.63
CA ALA E 287 3.50 -20.97 27.92
C ALA E 287 3.98 -21.91 26.80
N LEU E 288 5.18 -21.66 26.23
CA LEU E 288 5.70 -22.55 25.23
C LEU E 288 6.12 -23.94 25.77
N ALA E 289 6.17 -24.16 27.07
CA ALA E 289 6.53 -25.46 27.65
C ALA E 289 5.31 -26.38 27.59
N PRO E 290 5.47 -27.62 27.10
CA PRO E 290 4.30 -28.48 26.90
C PRO E 290 3.53 -28.66 28.20
N GLY E 291 2.25 -28.33 28.15
CA GLY E 291 1.40 -28.56 29.28
C GLY E 291 1.57 -27.60 30.43
N TYR E 292 2.33 -26.53 30.26
CA TYR E 292 2.50 -25.56 31.33
C TYR E 292 1.29 -24.64 31.41
N SER E 293 0.73 -24.55 32.62
CA SER E 293 -0.25 -23.53 32.95
C SER E 293 0.07 -22.98 34.35
N GLU E 294 -0.07 -21.67 34.52
CA GLU E 294 0.16 -21.10 35.85
C GLU E 294 -1.01 -21.37 36.79
N SER E 295 -2.21 -21.52 36.23
CA SER E 295 -3.45 -21.68 37.00
C SER E 295 -3.37 -22.83 38.01
N GLU F 8 45.97 -22.29 -4.51
CA GLU F 8 46.26 -23.70 -4.74
C GLU F 8 47.76 -23.99 -4.71
N GLU F 9 48.53 -23.01 -5.20
CA GLU F 9 49.98 -23.05 -5.11
C GLU F 9 50.48 -22.92 -3.68
N LEU F 10 49.61 -22.55 -2.73
CA LEU F 10 49.99 -22.50 -1.34
C LEU F 10 49.67 -23.84 -0.67
N SER F 11 50.29 -24.07 0.47
CA SER F 11 50.02 -25.31 1.22
C SER F 11 48.66 -25.25 1.90
N GLN F 12 48.16 -26.43 2.27
CA GLN F 12 46.89 -26.49 2.98
C GLN F 12 46.95 -25.69 4.28
N ALA F 13 48.04 -25.85 5.04
CA ALA F 13 48.18 -25.14 6.30
C ALA F 13 48.14 -23.62 6.10
N GLN F 14 48.68 -23.16 4.98
CA GLN F 14 48.69 -21.74 4.69
C GLN F 14 47.33 -21.26 4.20
N ARG F 15 46.61 -22.09 3.44
CA ARG F 15 45.23 -21.75 3.08
C ARG F 15 44.33 -21.75 4.32
N GLU F 16 44.53 -22.71 5.22
CA GLU F 16 43.71 -22.75 6.42
C GLU F 16 43.92 -21.49 7.26
N ARG F 17 45.15 -20.99 7.32
CA ARG F 17 45.40 -19.75 8.05
C ARG F 17 44.88 -18.53 7.30
N LEU F 18 44.90 -18.54 5.97
CA LEU F 18 44.28 -17.46 5.22
C LEU F 18 42.78 -17.40 5.47
N ALA F 19 42.12 -18.57 5.46
CA ALA F 19 40.69 -18.63 5.69
C ALA F 19 40.34 -18.14 7.09
N HIS F 20 41.21 -18.42 8.06
CA HIS F 20 40.98 -17.91 9.40
C HIS F 20 41.07 -16.39 9.42
N ILE F 21 41.93 -15.80 8.58
CA ILE F 21 41.97 -14.35 8.46
C ILE F 21 40.66 -13.84 7.86
N ASP F 22 40.23 -14.46 6.77
CA ASP F 22 38.96 -14.09 6.13
C ASP F 22 37.81 -14.17 7.14
N PHE F 23 37.74 -15.25 7.90
CA PHE F 23 36.67 -15.44 8.87
C PHE F 23 36.69 -14.34 9.94
N THR F 24 37.89 -14.06 10.49
CA THR F 24 38.01 -13.08 11.56
C THR F 24 37.65 -11.67 11.06
N LEU F 25 38.06 -11.33 9.84
CA LEU F 25 37.62 -10.05 9.28
C LEU F 25 36.11 -10.03 9.07
N LEU F 26 35.56 -11.15 8.63
CA LEU F 26 34.13 -11.18 8.36
C LEU F 26 33.30 -11.12 9.63
N PHE F 27 33.69 -11.87 10.67
CA PHE F 27 32.84 -12.04 11.85
C PHE F 27 33.21 -11.11 13.00
N LYS F 28 34.41 -10.56 13.00
CA LYS F 28 34.77 -9.45 13.86
C LYS F 28 35.07 -8.29 12.92
N GLY F 29 35.18 -7.08 13.44
CA GLY F 29 35.40 -6.13 12.36
C GLY F 29 36.81 -6.07 11.79
N GLU F 30 37.71 -6.97 12.24
CA GLU F 30 39.13 -6.65 12.24
C GLU F 30 39.91 -7.93 12.49
N ALA F 31 41.22 -7.86 12.20
CA ALA F 31 42.08 -9.03 12.43
C ALA F 31 43.52 -8.59 12.67
N GLY F 32 44.14 -9.21 13.67
CA GLY F 32 45.54 -9.01 13.94
C GLY F 32 46.24 -10.34 14.07
N ARG F 33 47.57 -10.26 14.16
CA ARG F 33 48.40 -11.46 14.23
C ARG F 33 48.10 -12.30 15.45
N SER F 34 47.58 -11.68 16.51
CA SER F 34 47.29 -12.43 17.72
C SER F 34 46.24 -13.51 17.49
N TYR F 35 45.28 -13.28 16.58
CA TYR F 35 44.30 -14.31 16.26
C TYR F 35 44.98 -15.53 15.64
N LEU F 36 45.98 -15.30 14.77
CA LEU F 36 46.65 -16.40 14.08
C LEU F 36 47.62 -17.13 15.00
N THR F 37 48.36 -16.41 15.85
CA THR F 37 49.27 -17.08 16.77
C THR F 37 48.50 -17.86 17.83
N GLU F 38 47.36 -17.34 18.28
CA GLU F 38 46.55 -18.10 19.24
C GLU F 38 45.89 -19.31 18.57
N ARG F 39 45.26 -19.10 17.42
CA ARG F 39 44.52 -20.18 16.77
C ARG F 39 45.44 -21.28 16.27
N PHE F 40 46.60 -20.91 15.71
CA PHE F 40 47.44 -21.90 15.07
C PHE F 40 48.78 -22.08 15.77
N SER F 41 49.10 -21.21 16.75
CA SER F 41 50.35 -21.27 17.49
C SER F 41 51.54 -21.25 16.52
N VAL F 42 51.37 -20.50 15.43
CA VAL F 42 52.49 -20.24 14.54
C VAL F 42 53.30 -19.07 15.09
N ALA F 43 54.54 -18.98 14.63
CA ALA F 43 55.40 -17.89 15.08
C ALA F 43 54.80 -16.57 14.64
N PRO F 44 55.00 -15.50 15.42
CA PRO F 44 54.46 -14.20 14.99
C PRO F 44 54.90 -13.80 13.59
N SER F 45 56.15 -14.06 13.22
CA SER F 45 56.62 -13.69 11.90
C SER F 45 55.86 -14.44 10.79
N VAL F 46 55.39 -15.65 11.11
CA VAL F 46 54.57 -16.41 10.17
C VAL F 46 53.25 -15.70 9.93
N ALA F 47 52.67 -15.15 10.99
CA ALA F 47 51.42 -14.41 10.86
C ALA F 47 51.58 -13.23 9.91
N THR F 48 52.75 -12.57 9.94
CA THR F 48 52.96 -11.44 9.01
C THR F 48 52.85 -11.89 7.56
N GLN F 49 53.50 -13.01 7.22
CA GLN F 49 53.37 -13.52 5.85
C GLN F 49 51.98 -14.06 5.56
N ASP F 50 51.32 -14.68 6.55
CA ASP F 50 49.93 -15.08 6.33
C ASP F 50 49.12 -13.85 5.96
N PHE F 51 49.25 -12.77 6.76
CA PHE F 51 48.54 -11.53 6.45
C PHE F 51 49.02 -10.93 5.14
N ALA F 52 50.33 -10.97 4.88
CA ALA F 52 50.85 -10.47 3.60
C ALA F 52 50.25 -11.24 2.44
N ARG F 53 50.21 -12.57 2.54
CA ARG F 53 49.59 -13.37 1.49
C ARG F 53 48.10 -13.01 1.33
N TYR F 54 47.41 -12.77 2.44
CA TYR F 54 45.98 -12.42 2.34
C TYR F 54 45.81 -11.07 1.63
N LYS F 55 46.57 -10.05 2.05
CA LYS F 55 46.50 -8.75 1.41
C LYS F 55 46.80 -8.85 -0.08
N ALA F 56 47.76 -9.71 -0.45
CA ALA F 56 48.07 -9.92 -1.86
C ALA F 56 46.88 -10.50 -2.61
N LEU F 57 46.15 -11.44 -2.01
CA LEU F 57 45.06 -12.09 -2.73
C LEU F 57 43.78 -11.27 -2.71
N ALA F 58 43.58 -10.46 -1.67
CA ALA F 58 42.35 -9.67 -1.52
C ALA F 58 42.71 -8.32 -0.95
N PRO F 59 43.33 -7.45 -1.76
CA PRO F 59 43.75 -6.14 -1.24
C PRO F 59 42.57 -5.26 -0.88
N ASN F 60 41.44 -5.44 -1.54
CA ASN F 60 40.26 -4.60 -1.27
C ASN F 60 39.41 -5.13 -0.14
N ASN F 61 39.85 -6.18 0.55
CA ASN F 61 39.17 -6.67 1.73
C ASN F 61 39.67 -6.02 3.01
N VAL F 62 40.88 -5.49 3.01
CA VAL F 62 41.54 -5.09 4.25
C VAL F 62 42.25 -3.76 4.06
N MET F 63 42.24 -2.95 5.11
CA MET F 63 43.04 -1.76 5.23
C MET F 63 43.75 -1.84 6.57
N TYR F 64 45.00 -1.38 6.61
CA TYR F 64 45.78 -1.47 7.83
C TYR F 64 45.64 -0.19 8.63
N ASP F 65 45.57 -0.34 9.95
CA ASP F 65 45.51 0.82 10.89
C ASP F 65 46.70 0.66 11.83
N GLU F 66 47.56 1.67 11.92
CA GLU F 66 48.80 1.53 12.74
C GLU F 66 48.49 1.82 14.21
N LYS F 67 47.40 2.56 14.48
CA LYS F 67 47.07 2.96 15.88
C LYS F 67 46.98 1.72 16.77
N ARG F 68 46.17 0.73 16.38
CA ARG F 68 45.98 -0.48 17.23
C ARG F 68 46.67 -1.69 16.58
N ARG F 69 47.48 -1.46 15.55
CA ARG F 69 48.18 -2.57 14.83
C ARG F 69 47.15 -3.61 14.40
N VAL F 70 46.03 -3.17 13.82
CA VAL F 70 44.94 -4.05 13.39
C VAL F 70 44.66 -3.86 11.92
N HIS F 71 44.35 -4.97 11.25
CA HIS F 71 43.86 -4.99 9.88
C HIS F 71 42.34 -4.93 9.90
N LEU F 72 41.77 -3.84 9.40
CA LEU F 72 40.34 -3.60 9.50
C LEU F 72 39.63 -4.02 8.21
N LYS F 73 38.43 -4.57 8.37
CA LYS F 73 37.54 -4.88 7.27
C LYS F 73 37.09 -3.61 6.57
N THR F 74 37.19 -3.60 5.24
CA THR F 74 36.83 -2.44 4.43
C THR F 74 35.32 -2.43 4.12
N SER F 75 34.85 -1.31 3.56
CA SER F 75 33.43 -1.22 3.16
C SER F 75 33.24 -2.03 1.88
N THR F 76 34.36 -2.38 1.22
CA THR F 76 34.29 -3.13 -0.07
C THR F 76 34.64 -4.60 0.17
N PHE F 77 34.37 -5.10 1.39
CA PHE F 77 34.73 -6.49 1.68
C PHE F 77 33.78 -7.49 1.01
N GLN F 78 34.38 -8.49 0.36
CA GLN F 78 33.66 -9.68 -0.11
C GLN F 78 34.50 -10.89 0.27
N PRO F 79 33.89 -11.93 0.84
CA PRO F 79 34.67 -13.05 1.40
C PRO F 79 35.59 -13.69 0.37
N LEU F 80 36.82 -13.96 0.81
CA LEU F 80 37.80 -14.58 -0.09
C LEU F 80 37.48 -16.04 -0.36
N PHE F 81 36.77 -16.70 0.54
CA PHE F 81 36.50 -18.13 0.43
C PHE F 81 34.99 -18.35 0.47
N ASP F 82 34.57 -19.52 0.00
CA ASP F 82 33.22 -20.00 0.25
C ASP F 82 33.18 -20.72 1.58
N TYR F 83 32.08 -20.57 2.30
CA TYR F 83 31.93 -21.15 3.63
C TYR F 83 30.87 -22.25 3.61
N ASP F 84 31.18 -23.38 4.24
CA ASP F 84 30.14 -24.35 4.59
C ASP F 84 29.33 -23.76 5.73
N ILE F 85 28.08 -23.36 5.45
CA ILE F 85 27.35 -22.57 6.42
C ILE F 85 27.03 -23.40 7.67
N VAL F 86 26.70 -24.67 7.50
CA VAL F 86 26.39 -25.52 8.65
C VAL F 86 27.62 -25.67 9.55
N ARG F 87 28.78 -25.99 8.95
CA ARG F 87 29.98 -26.21 9.76
C ARG F 87 30.49 -24.89 10.34
N THR F 88 30.37 -23.79 9.59
CA THR F 88 30.80 -22.50 10.11
C THR F 88 30.00 -22.13 11.35
N LEU F 89 28.67 -22.26 11.27
CA LEU F 89 27.82 -21.99 12.42
C LEU F 89 28.11 -22.96 13.55
N ALA F 90 28.49 -24.21 13.24
CA ALA F 90 28.91 -25.11 14.31
C ALA F 90 30.18 -24.58 14.98
N THR F 91 31.16 -24.14 14.18
CA THR F 91 32.42 -23.67 14.74
C THR F 91 32.23 -22.47 15.66
N ILE F 92 31.44 -21.48 15.24
CA ILE F 92 31.30 -20.31 16.10
C ILE F 92 30.49 -20.59 17.36
N SER F 93 29.69 -21.66 17.40
CA SER F 93 28.96 -22.02 18.60
C SER F 93 29.63 -23.16 19.37
N GLN F 94 30.74 -23.70 18.88
CA GLN F 94 31.40 -24.81 19.55
C GLN F 94 32.89 -24.57 19.82
N GLY F 95 33.63 -24.04 18.84
CA GLY F 95 35.08 -23.90 18.95
C GLY F 95 35.85 -24.29 17.70
N PHE F 96 37.17 -24.11 17.70
CA PHE F 96 37.96 -24.18 16.49
C PHE F 96 38.55 -25.54 16.16
N GLY F 97 38.74 -26.43 17.12
CA GLY F 97 39.35 -27.67 16.66
C GLY F 97 38.40 -28.54 15.82
N ASP F 98 38.88 -29.74 15.50
CA ASP F 98 37.93 -30.76 15.12
C ASP F 98 37.36 -31.44 16.37
N GLY F 99 37.89 -31.12 17.55
CA GLY F 99 37.43 -31.69 18.79
C GLY F 99 38.27 -32.82 19.34
N PHE F 100 39.30 -33.26 18.62
CA PHE F 100 40.07 -34.45 18.99
C PHE F 100 41.19 -34.18 19.99
N LEU F 101 41.47 -32.93 20.33
CA LEU F 101 42.55 -32.58 21.23
C LEU F 101 42.03 -31.97 22.53
N GLY F 102 40.82 -32.32 22.94
CA GLY F 102 40.28 -31.85 24.20
C GLY F 102 39.23 -30.77 24.02
N LYS F 103 38.72 -30.31 25.16
CA LYS F 103 37.64 -29.33 25.21
C LYS F 103 37.97 -28.08 24.38
N VAL F 104 36.95 -27.58 23.66
CA VAL F 104 37.02 -26.30 22.97
C VAL F 104 35.85 -25.44 23.46
N ARG F 105 35.98 -24.12 23.26
CA ARG F 105 35.00 -23.14 23.69
C ARG F 105 34.73 -22.13 22.58
N PRO F 106 33.52 -21.57 22.53
CA PRO F 106 33.15 -20.67 21.44
C PRO F 106 34.08 -19.46 21.35
N PRO F 107 34.43 -19.05 20.13
CA PRO F 107 35.34 -17.89 19.98
C PRO F 107 34.63 -16.56 20.08
N MET F 108 33.42 -16.57 20.63
CA MET F 108 32.61 -15.35 20.64
C MET F 108 31.40 -15.58 21.53
N ALA F 109 30.64 -14.50 21.72
CA ALA F 109 29.43 -14.49 22.54
C ALA F 109 28.34 -15.24 21.77
N CYS F 110 28.43 -16.56 21.81
CA CYS F 110 27.52 -17.40 21.06
C CYS F 110 27.20 -18.64 21.87
N GLU F 111 25.90 -18.94 22.04
CA GLU F 111 25.48 -20.07 22.85
C GLU F 111 24.63 -21.04 22.05
N ALA F 112 24.72 -22.32 22.41
CA ALA F 112 23.93 -23.39 21.82
C ALA F 112 23.42 -24.22 22.99
N PRO F 113 22.37 -23.75 23.66
CA PRO F 113 21.96 -24.34 24.94
C PRO F 113 21.08 -25.59 24.84
N PHE F 114 20.86 -26.16 23.66
CA PHE F 114 19.87 -27.23 23.51
C PHE F 114 20.44 -28.62 23.75
N HIS F 115 21.74 -28.75 23.99
CA HIS F 115 22.35 -30.06 24.20
C HIS F 115 22.06 -30.57 25.60
N LEU F 116 21.54 -31.78 25.72
CA LEU F 116 21.63 -32.48 27.00
C LEU F 116 22.82 -33.41 26.85
N ASN F 117 22.91 -34.43 27.69
CA ASN F 117 24.05 -35.29 27.50
C ASN F 117 24.19 -35.98 26.14
N LYS F 118 25.42 -36.35 25.82
CA LYS F 118 25.82 -36.98 24.57
C LYS F 118 26.18 -38.45 24.77
N PRO F 119 26.17 -39.25 23.71
CA PRO F 119 26.59 -40.65 23.85
C PRO F 119 28.01 -40.75 24.40
N LYS F 120 28.31 -41.90 25.01
CA LYS F 120 29.68 -42.17 25.43
C LYS F 120 30.57 -42.30 24.21
N LEU F 121 31.73 -41.62 24.26
CA LEU F 121 32.69 -41.66 23.17
C LEU F 121 32.99 -43.08 22.71
N GLU F 122 33.22 -43.99 23.67
CA GLU F 122 33.55 -45.36 23.30
C GLU F 122 32.36 -46.07 22.66
N VAL F 123 31.15 -45.75 23.11
CA VAL F 123 29.96 -46.39 22.54
C VAL F 123 29.76 -45.93 21.10
N VAL F 124 29.78 -44.62 20.85
CA VAL F 124 29.60 -44.15 19.48
C VAL F 124 30.75 -44.65 18.59
N ALA F 125 31.98 -44.65 19.11
CA ALA F 125 33.11 -45.12 18.31
C ALA F 125 32.97 -46.59 17.94
N ALA F 126 32.55 -47.42 18.90
CA ALA F 126 32.40 -48.85 18.63
C ALA F 126 31.34 -49.11 17.57
N ILE F 127 30.22 -48.38 17.63
CA ILE F 127 29.18 -48.56 16.60
C ILE F 127 29.70 -48.06 15.26
N SER F 128 30.38 -46.92 15.25
CA SER F 128 30.98 -46.40 14.02
C SER F 128 31.97 -47.41 13.42
N GLU F 129 32.78 -48.05 14.27
CA GLU F 129 33.71 -49.07 13.80
C GLU F 129 32.97 -50.23 13.17
N ALA F 130 31.88 -50.68 13.78
CA ALA F 130 31.13 -51.80 13.23
C ALA F 130 30.53 -51.45 11.88
N ILE F 131 30.01 -50.23 11.72
CA ILE F 131 29.48 -49.79 10.44
C ILE F 131 30.56 -49.82 9.38
N HIS F 132 31.72 -49.23 9.71
CA HIS F 132 32.83 -49.20 8.76
C HIS F 132 33.23 -50.61 8.34
N LYS F 133 33.30 -51.53 9.31
CA LYS F 133 33.71 -52.90 9.05
C LYS F 133 32.58 -53.79 8.56
N ARG F 134 31.35 -53.26 8.44
CA ARG F 134 30.22 -54.08 7.97
C ARG F 134 30.00 -55.30 8.85
N ALA F 135 30.15 -55.11 10.17
CA ALA F 135 30.12 -56.22 11.09
C ALA F 135 28.82 -56.28 11.87
N VAL F 136 28.55 -57.47 12.42
CA VAL F 136 27.52 -57.65 13.44
C VAL F 136 28.12 -57.29 14.78
N ILE F 137 27.33 -56.63 15.64
CA ILE F 137 27.75 -56.33 17.01
C ILE F 137 26.70 -56.84 17.96
N ASN F 138 27.15 -57.32 19.11
CA ASN F 138 26.27 -57.59 20.22
C ASN F 138 26.24 -56.34 21.09
N ILE F 139 25.04 -55.95 21.53
CA ILE F 139 24.90 -54.78 22.38
C ILE F 139 24.04 -55.16 23.59
N GLU F 140 24.21 -54.38 24.65
CA GLU F 140 23.22 -54.30 25.71
C GLU F 140 22.43 -53.01 25.53
N TYR F 141 21.12 -53.10 25.69
CA TYR F 141 20.23 -52.00 25.37
C TYR F 141 19.10 -51.99 26.39
N THR F 142 18.74 -50.80 26.83
CA THR F 142 17.61 -50.62 27.72
C THR F 142 16.52 -49.91 26.93
N SER F 143 15.48 -50.62 26.56
CA SER F 143 14.43 -49.99 25.75
C SER F 143 13.32 -49.47 26.65
N LEU F 144 12.58 -48.50 26.13
CA LEU F 144 11.40 -48.06 26.83
C LEU F 144 10.33 -49.15 26.82
N SER F 145 10.33 -50.01 25.82
CA SER F 145 9.24 -50.97 25.66
C SER F 145 9.43 -52.24 26.47
N SER F 146 10.66 -52.68 26.69
CA SER F 146 10.90 -53.92 27.41
C SER F 146 12.02 -53.85 28.45
N GLY F 147 12.62 -52.70 28.67
CA GLY F 147 13.69 -52.58 29.63
C GLY F 147 15.01 -53.12 29.14
N HIS F 148 15.84 -53.51 30.11
CA HIS F 148 17.21 -53.93 29.80
C HIS F 148 17.26 -55.30 29.15
N GLY F 149 18.21 -55.46 28.23
CA GLY F 149 18.46 -56.75 27.61
C GLY F 149 19.64 -56.61 26.70
N SER F 150 20.02 -57.71 26.08
CA SER F 150 21.10 -57.72 25.09
C SER F 150 20.58 -58.33 23.79
N ARG F 151 21.25 -58.02 22.68
CA ARG F 151 20.83 -58.50 21.38
C ARG F 151 21.96 -58.24 20.38
N GLN F 152 21.88 -58.91 19.23
CA GLN F 152 22.79 -58.66 18.11
C GLN F 152 22.11 -57.71 17.11
N ILE F 153 22.88 -56.74 16.59
CA ILE F 153 22.35 -55.83 15.59
C ILE F 153 23.39 -55.67 14.48
N VAL F 154 22.90 -55.29 13.31
CA VAL F 154 23.73 -55.03 12.13
C VAL F 154 23.62 -53.55 11.79
N PRO F 155 24.50 -52.70 12.30
CA PRO F 155 24.35 -51.26 12.09
C PRO F 155 24.77 -50.83 10.69
N HIS F 156 24.06 -49.83 10.15
CA HIS F 156 24.49 -49.26 8.89
C HIS F 156 24.61 -47.74 8.87
N THR F 157 23.97 -46.99 9.77
CA THR F 157 24.10 -45.54 9.72
C THR F 157 23.99 -44.96 11.13
N LEU F 158 24.82 -43.95 11.42
CA LEU F 158 24.68 -43.14 12.62
C LEU F 158 23.86 -41.90 12.31
N ILE F 159 22.97 -41.52 13.24
CA ILE F 159 22.08 -40.38 13.02
C ILE F 159 22.11 -39.46 14.23
N ASP F 160 22.37 -38.18 13.98
CA ASP F 160 22.08 -37.12 14.94
C ASP F 160 20.66 -36.65 14.61
N ASN F 161 19.66 -37.13 15.35
CA ASN F 161 18.35 -36.54 15.12
C ASN F 161 18.34 -35.23 15.90
N GLY F 162 17.25 -34.50 15.89
CA GLY F 162 17.28 -33.24 16.66
C GLY F 162 17.76 -33.39 18.10
N LEU F 163 17.32 -34.44 18.78
CA LEU F 163 17.37 -34.55 20.24
C LEU F 163 18.45 -35.49 20.76
N ARG F 164 18.52 -36.70 20.21
CA ARG F 164 19.48 -37.70 20.65
C ARG F 164 20.24 -38.19 19.42
N TRP F 165 21.22 -39.05 19.67
CA TRP F 165 21.92 -39.81 18.64
C TRP F 165 21.35 -41.22 18.59
N HIS F 166 21.16 -41.73 17.38
CA HIS F 166 20.77 -43.11 17.29
C HIS F 166 21.48 -43.76 16.11
N VAL F 167 21.44 -45.09 16.08
CA VAL F 167 22.00 -45.85 14.98
C VAL F 167 20.85 -46.58 14.30
N ARG F 168 20.86 -46.54 12.97
CA ARG F 168 19.92 -47.32 12.18
C ARG F 168 20.54 -48.70 11.95
N ALA F 169 19.79 -49.75 12.29
CA ALA F 169 20.37 -51.08 12.28
C ALA F 169 19.28 -52.12 12.09
N PHE F 170 19.69 -53.30 11.63
CA PHE F 170 18.82 -54.47 11.65
C PHE F 170 18.94 -55.13 13.01
N ASP F 171 17.82 -55.25 13.71
CA ASP F 171 17.76 -55.87 15.02
C ASP F 171 17.54 -57.36 14.84
N ARG F 172 18.49 -58.19 15.27
CA ARG F 172 18.29 -59.63 15.15
C ARG F 172 17.32 -60.19 16.18
N LYS F 173 17.03 -59.43 17.25
CA LYS F 173 16.07 -59.92 18.24
C LYS F 173 14.67 -60.05 17.63
N HIS F 174 14.19 -59.00 16.97
CA HIS F 174 12.87 -59.07 16.33
C HIS F 174 12.93 -59.08 14.80
N ARG F 175 14.14 -59.16 14.23
CA ARG F 175 14.35 -59.29 12.79
C ARG F 175 13.63 -58.20 12.00
N GLU F 176 14.03 -56.96 12.30
CA GLU F 176 13.46 -55.79 11.66
C GLU F 176 14.49 -54.68 11.73
N PHE F 177 14.42 -53.76 10.77
CA PHE F 177 15.21 -52.53 10.86
C PHE F 177 14.60 -51.59 11.89
N ARG F 178 15.46 -50.84 12.58
CA ARG F 178 15.05 -50.21 13.83
C ARG F 178 16.08 -49.16 14.22
N ASP F 179 15.64 -48.23 15.05
CA ASP F 179 16.53 -47.24 15.63
C ASP F 179 16.92 -47.68 17.03
N PHE F 180 18.17 -47.43 17.40
CA PHE F 180 18.65 -47.66 18.76
C PHE F 180 19.27 -46.37 19.27
N VAL F 181 18.73 -45.83 20.37
CA VAL F 181 19.28 -44.61 20.96
C VAL F 181 20.65 -44.90 21.56
N LEU F 182 21.67 -44.12 21.16
CA LEU F 182 23.05 -44.41 21.52
C LEU F 182 23.29 -44.32 23.03
N THR F 183 22.60 -43.40 23.69
CA THR F 183 22.77 -43.27 25.14
C THR F 183 22.08 -44.38 25.92
N ARG F 184 21.36 -45.28 25.26
CA ARG F 184 20.78 -46.44 25.93
C ARG F 184 21.53 -47.71 25.60
N ILE F 185 22.61 -47.61 24.84
CA ILE F 185 23.50 -48.74 24.55
C ILE F 185 24.64 -48.70 25.55
N SER F 186 24.82 -49.78 26.31
CA SER F 186 25.78 -49.80 27.41
C SER F 186 27.05 -50.57 27.11
N GLU F 187 27.00 -51.63 26.32
CA GLU F 187 28.18 -52.38 25.94
C GLU F 187 28.08 -52.64 24.45
N VAL F 188 29.22 -52.60 23.77
CA VAL F 188 29.29 -52.92 22.36
C VAL F 188 30.45 -53.90 22.16
N GLU F 189 30.17 -55.03 21.52
CA GLU F 189 31.16 -56.07 21.27
C GLU F 189 31.10 -56.43 19.80
N LEU F 190 32.18 -56.15 19.07
CA LEU F 190 32.27 -56.55 17.67
C LEU F 190 32.36 -58.06 17.56
N LEU F 191 31.54 -58.64 16.70
CA LEU F 191 31.48 -60.07 16.49
C LEU F 191 32.03 -60.40 15.11
N GLU F 192 32.33 -61.68 14.90
CA GLU F 192 32.73 -62.20 13.61
C GLU F 192 31.59 -62.81 12.83
N ASP F 193 30.40 -62.83 13.42
CA ASP F 193 29.23 -63.45 12.76
C ASP F 193 29.00 -62.84 11.38
N LYS F 194 28.67 -63.66 10.39
CA LYS F 194 28.49 -63.15 9.02
C LYS F 194 27.15 -62.44 8.88
N VAL F 195 27.16 -61.36 8.11
CA VAL F 195 25.96 -60.61 7.77
C VAL F 195 25.26 -61.30 6.61
N ASN F 196 23.94 -61.43 6.72
CA ASN F 196 23.12 -61.92 5.61
C ASN F 196 22.82 -60.75 4.68
N ASP F 197 23.61 -60.62 3.60
CA ASP F 197 23.36 -59.45 2.74
C ASP F 197 22.06 -59.58 1.92
N GLU F 198 21.21 -60.57 2.15
CA GLU F 198 19.90 -60.64 1.51
C GLU F 198 18.77 -60.21 2.44
N VAL F 199 19.06 -59.92 3.71
CA VAL F 199 18.02 -59.56 4.67
C VAL F 199 18.41 -58.33 5.48
N GLU F 200 19.69 -58.23 5.85
CA GLU F 200 20.12 -57.38 6.95
C GLU F 200 20.84 -56.11 6.54
N THR F 201 21.18 -55.93 5.27
CA THR F 201 21.93 -54.75 4.88
C THR F 201 21.00 -53.61 4.47
N LEU F 202 21.59 -52.44 4.26
CA LEU F 202 20.84 -51.21 4.06
C LEU F 202 19.82 -51.33 2.93
N GLN F 203 20.18 -51.97 1.81
CA GLN F 203 19.29 -52.02 0.62
C GLN F 203 17.90 -52.58 0.94
N TRP F 204 17.77 -53.34 2.01
CA TRP F 204 16.48 -53.92 2.39
C TRP F 204 15.69 -53.08 3.39
N ASP F 205 16.24 -51.96 3.86
CA ASP F 205 15.60 -51.11 4.88
C ASP F 205 14.60 -50.19 4.18
N LYS F 206 13.34 -50.63 4.11
CA LYS F 206 12.34 -49.95 3.30
C LYS F 206 12.02 -48.56 3.82
N GLN F 207 11.84 -48.42 5.13
CA GLN F 207 11.55 -47.10 5.69
C GLN F 207 12.73 -46.16 5.54
N TRP F 208 13.95 -46.72 5.50
CA TRP F 208 15.15 -45.92 5.29
C TRP F 208 15.24 -45.43 3.85
N ASN F 209 14.94 -46.29 2.89
CA ASN F 209 15.11 -45.96 1.50
C ASN F 209 13.93 -45.22 0.90
N ARG F 210 12.76 -45.26 1.54
CA ARG F 210 11.59 -44.52 1.09
C ARG F 210 11.77 -43.04 1.42
N ILE F 211 11.74 -42.19 0.40
CA ILE F 211 11.85 -40.74 0.58
C ILE F 211 10.47 -40.14 0.53
N VAL F 212 10.11 -39.39 1.57
CA VAL F 212 8.83 -38.70 1.66
C VAL F 212 9.04 -37.25 1.27
N GLU F 213 8.17 -36.74 0.40
CA GLU F 213 8.31 -35.38 -0.12
C GLU F 213 7.27 -34.53 0.59
N LEU F 214 7.74 -33.75 1.56
CA LEU F 214 6.85 -32.94 2.39
C LEU F 214 6.72 -31.56 1.78
N GLU F 215 5.49 -31.06 1.79
CA GLU F 215 5.20 -29.72 1.32
C GLU F 215 4.78 -28.91 2.53
N LEU F 216 5.65 -28.00 2.97
CA LEU F 216 5.42 -27.17 4.15
C LEU F 216 4.98 -25.79 3.73
N ILE F 217 3.98 -25.26 4.44
CA ILE F 217 3.44 -23.93 4.14
C ILE F 217 3.35 -23.13 5.43
N PRO F 218 3.31 -21.80 5.32
CA PRO F 218 3.01 -20.98 6.51
C PRO F 218 1.68 -21.38 7.10
N HIS F 219 1.61 -21.41 8.42
CA HIS F 219 0.39 -21.88 9.04
C HIS F 219 -0.76 -20.94 8.66
N PRO F 220 -1.93 -21.49 8.28
CA PRO F 220 -3.03 -20.62 7.84
C PRO F 220 -3.55 -19.69 8.93
N LYS F 221 -3.32 -19.98 10.20
CA LYS F 221 -3.80 -19.09 11.26
C LYS F 221 -2.92 -17.87 11.47
N LEU F 222 -1.79 -17.76 10.79
CA LEU F 222 -0.87 -16.66 11.05
C LEU F 222 -1.37 -15.37 10.43
N ALA F 223 -1.28 -14.27 11.17
CA ALA F 223 -1.60 -12.96 10.62
C ALA F 223 -0.52 -12.46 9.68
N HIS F 224 0.73 -12.90 9.85
CA HIS F 224 1.82 -12.46 8.98
C HIS F 224 2.58 -13.65 8.43
N PRO F 225 1.96 -14.41 7.52
CA PRO F 225 2.67 -15.55 6.92
C PRO F 225 3.93 -15.14 6.17
N GLU F 226 4.02 -13.88 5.75
CA GLU F 226 5.22 -13.40 5.07
C GLU F 226 6.44 -13.47 5.98
N ALA F 227 6.25 -13.48 7.30
CA ALA F 227 7.38 -13.69 8.20
C ALA F 227 7.94 -15.11 8.04
N VAL F 228 7.07 -16.09 7.83
CA VAL F 228 7.49 -17.47 7.65
C VAL F 228 8.09 -17.68 6.26
N LEU F 229 7.58 -16.97 5.25
CA LEU F 229 8.14 -17.07 3.90
C LEU F 229 9.62 -16.71 3.87
N ILE F 230 10.00 -15.61 4.54
CA ILE F 230 11.42 -15.24 4.57
C ILE F 230 12.21 -16.16 5.49
N ASP F 231 11.64 -16.53 6.64
CA ASP F 231 12.32 -17.36 7.63
C ASP F 231 12.87 -18.64 7.01
N TYR F 232 12.03 -19.32 6.25
CA TYR F 232 12.39 -20.62 5.69
C TYR F 232 12.74 -20.54 4.21
N ALA F 233 12.98 -19.34 3.68
CA ALA F 233 13.42 -19.16 2.30
C ALA F 233 12.49 -19.91 1.34
N MET F 234 11.20 -19.63 1.47
CA MET F 234 10.21 -20.38 0.71
C MET F 234 10.09 -19.81 -0.71
N GLU F 235 9.45 -20.58 -1.58
CA GLU F 235 9.15 -20.16 -2.95
C GLU F 235 7.76 -20.67 -3.32
N ASN F 236 6.99 -19.84 -4.02
CA ASN F 236 5.62 -20.20 -4.36
C ASN F 236 4.85 -20.55 -3.09
N ASN F 237 5.16 -19.82 -2.01
CA ASN F 237 4.46 -19.96 -0.73
C ASN F 237 4.64 -21.34 -0.11
N ARG F 238 5.70 -22.07 -0.43
CA ARG F 238 5.90 -23.39 0.17
C ARG F 238 7.38 -23.73 0.26
N LEU F 239 7.68 -24.68 1.14
CA LEU F 239 9.01 -25.27 1.25
C LEU F 239 8.85 -26.75 1.00
N ARG F 240 9.54 -27.26 0.00
CA ARG F 240 9.58 -28.69 -0.25
C ARG F 240 10.78 -29.28 0.49
N VAL F 241 10.49 -30.27 1.33
CA VAL F 241 11.53 -30.96 2.14
C VAL F 241 11.45 -32.45 1.85
N GLU F 242 12.55 -33.08 1.49
CA GLU F 242 12.61 -34.52 1.24
C GLU F 242 13.38 -35.18 2.37
N ILE F 243 12.73 -36.14 3.03
CA ILE F 243 13.34 -36.81 4.17
C ILE F 243 13.05 -38.30 4.09
N ARG F 244 13.94 -39.08 4.68
CA ARG F 244 13.66 -40.50 4.82
C ARG F 244 12.40 -40.70 5.65
N ALA F 245 11.58 -41.67 5.25
CA ALA F 245 10.42 -42.05 6.04
C ALA F 245 10.79 -42.38 7.47
N ALA F 246 11.95 -43.03 7.67
CA ALA F 246 12.39 -43.37 9.02
C ALA F 246 12.64 -42.15 9.91
N PHE F 247 12.78 -40.94 9.33
CA PHE F 247 12.97 -39.71 10.09
C PHE F 247 11.70 -38.91 10.29
N ALA F 248 10.65 -39.20 9.54
CA ALA F 248 9.54 -38.25 9.41
C ALA F 248 8.92 -37.92 10.76
N GLY F 249 8.66 -38.93 11.57
CA GLY F 249 8.07 -38.67 12.89
C GLY F 249 8.88 -37.71 13.75
N TYR F 250 10.12 -38.11 14.07
CA TYR F 250 11.10 -37.29 14.79
C TYR F 250 11.06 -35.85 14.31
N LEU F 251 11.27 -35.68 13.00
CA LEU F 251 11.59 -34.37 12.47
C LEU F 251 10.37 -33.47 12.42
N LEU F 252 9.20 -34.04 12.11
CA LEU F 252 8.00 -33.22 12.11
C LEU F 252 7.67 -32.75 13.53
N ARG F 253 7.94 -33.57 14.55
CA ARG F 253 7.77 -33.12 15.93
C ARG F 253 8.85 -32.12 16.31
N LEU F 254 10.11 -32.42 16.02
CA LEU F 254 11.19 -31.51 16.33
C LEU F 254 10.95 -30.15 15.68
N TRP F 255 10.55 -30.13 14.42
CA TRP F 255 10.31 -28.88 13.73
C TRP F 255 9.01 -28.20 14.12
N ASN F 256 8.19 -28.83 14.97
CA ASN F 256 6.95 -28.24 15.44
C ASN F 256 6.00 -27.88 14.28
N ILE F 257 5.77 -28.85 13.41
CA ILE F 257 4.93 -28.67 12.21
C ILE F 257 3.54 -29.23 12.47
N ASP F 258 2.53 -28.43 12.19
CA ASP F 258 1.14 -28.86 12.33
C ASP F 258 0.81 -29.81 11.19
N CYS F 259 0.62 -31.10 11.50
CA CYS F 259 0.34 -32.10 10.49
C CYS F 259 -1.11 -32.60 10.53
N SER F 260 -1.99 -31.84 11.17
CA SER F 260 -3.41 -32.18 11.20
C SER F 260 -4.06 -31.85 9.87
N LYS F 261 -5.16 -32.56 9.60
CA LYS F 261 -5.86 -32.46 8.32
C LYS F 261 -6.27 -31.02 8.04
N ASN F 262 -7.08 -30.43 8.92
CA ASN F 262 -7.59 -29.08 8.75
C ASN F 262 -6.77 -28.01 9.46
N SER F 263 -5.57 -28.30 9.94
CA SER F 263 -4.78 -27.30 10.65
C SER F 263 -5.56 -26.69 11.81
N LYS F 264 -6.57 -27.38 12.31
CA LYS F 264 -7.38 -26.79 13.36
C LYS F 264 -6.98 -27.27 14.73
N SER F 265 -5.77 -27.81 14.82
CA SER F 265 -5.18 -28.20 16.09
C SER F 265 -4.09 -27.19 16.41
N ASN F 266 -4.23 -26.49 17.53
CA ASN F 266 -3.24 -25.51 17.98
C ASN F 266 -2.69 -26.01 19.32
N GLY F 267 -1.95 -27.13 19.29
CA GLY F 267 -1.25 -27.70 20.44
C GLY F 267 -0.12 -26.88 20.99
N ARG F 268 0.23 -25.85 20.25
CA ARG F 268 1.49 -25.15 20.35
C ARG F 268 1.36 -23.98 19.38
N GLU F 269 2.33 -23.08 19.32
CA GLU F 269 2.21 -21.95 18.40
C GLU F 269 2.99 -22.31 17.14
N PHE F 270 2.28 -22.99 16.24
CA PHE F 270 2.81 -23.41 14.95
C PHE F 270 3.09 -22.22 14.04
N HIS F 271 4.24 -22.24 13.37
CA HIS F 271 4.52 -21.38 12.24
C HIS F 271 4.28 -22.07 10.91
N LEU F 272 4.35 -23.39 10.92
CA LEU F 272 4.35 -24.19 9.70
C LEU F 272 3.27 -25.25 9.81
N ALA F 273 2.63 -25.53 8.68
CA ALA F 273 1.70 -26.64 8.56
C ALA F 273 2.17 -27.57 7.44
N LEU F 274 1.89 -28.85 7.60
CA LEU F 274 2.14 -29.83 6.55
C LEU F 274 0.96 -29.80 5.59
N LYS F 275 1.19 -29.31 4.37
CA LYS F 275 0.12 -29.20 3.39
C LYS F 275 -0.40 -30.55 2.92
N ASN F 276 0.45 -31.57 2.87
CA ASN F 276 0.08 -32.85 2.28
C ASN F 276 0.31 -33.99 3.27
N PRO F 277 -0.48 -34.06 4.35
CA PRO F 277 -0.31 -35.17 5.30
C PRO F 277 -0.53 -36.53 4.69
N GLU F 278 -1.16 -36.61 3.50
CA GLU F 278 -1.23 -37.87 2.78
C GLU F 278 0.15 -38.45 2.53
N ALA F 279 1.19 -37.60 2.52
CA ALA F 279 2.54 -38.10 2.24
C ALA F 279 3.09 -38.99 3.35
N LEU F 280 2.44 -39.04 4.52
CA LEU F 280 2.89 -39.85 5.65
C LEU F 280 2.23 -41.20 5.76
N TYR F 281 1.34 -41.56 4.82
CA TYR F 281 0.68 -42.85 4.93
C TYR F 281 1.71 -43.95 4.84
N GLY F 282 1.58 -44.94 5.71
CA GLY F 282 2.51 -46.04 5.75
C GLY F 282 3.88 -45.72 6.33
N VAL F 283 4.08 -44.49 6.80
CA VAL F 283 5.34 -44.11 7.43
C VAL F 283 5.29 -44.54 8.88
N ASP F 284 6.15 -45.46 9.26
CA ASP F 284 6.24 -45.87 10.65
C ASP F 284 6.62 -44.66 11.50
N ASN F 285 5.96 -44.53 12.65
CA ASN F 285 6.15 -43.43 13.60
C ASN F 285 5.54 -42.11 13.14
N ALA F 286 4.66 -42.13 12.13
CA ALA F 286 4.00 -40.90 11.71
C ALA F 286 3.15 -40.28 12.82
N ALA F 287 2.73 -41.09 13.80
CA ALA F 287 1.93 -40.58 14.91
C ALA F 287 2.70 -39.58 15.80
N LEU F 288 4.03 -39.58 15.73
CA LEU F 288 4.83 -38.55 16.41
C LEU F 288 4.65 -37.16 15.80
N ALA F 289 4.14 -37.06 14.59
CA ALA F 289 4.05 -35.74 13.97
C ALA F 289 2.86 -34.97 14.54
N PRO F 290 3.05 -33.71 14.98
CA PRO F 290 1.96 -32.99 15.66
C PRO F 290 0.65 -32.97 14.90
N GLY F 291 -0.40 -33.52 15.50
CA GLY F 291 -1.71 -33.49 14.91
C GLY F 291 -1.97 -34.52 13.83
N TYR F 292 -1.05 -35.45 13.61
CA TYR F 292 -1.23 -36.39 12.52
C TYR F 292 -2.23 -37.46 12.94
N SER F 293 -3.25 -37.65 12.12
CA SER F 293 -4.26 -38.69 12.33
C SER F 293 -4.34 -39.53 11.06
N GLU F 294 -4.11 -40.85 11.22
CA GLU F 294 -3.99 -41.79 10.10
C GLU F 294 -5.16 -41.72 9.10
N SER F 295 -6.31 -41.21 9.53
CA SER F 295 -7.52 -41.20 8.70
C SER F 295 -7.44 -40.19 7.55
N GLU G 8 47.35 39.46 9.88
CA GLU G 8 48.65 38.85 9.58
C GLU G 8 49.44 39.64 8.53
N GLU G 9 50.66 39.19 8.27
CA GLU G 9 51.61 39.95 7.45
C GLU G 9 51.30 39.88 5.95
N LEU G 10 50.23 39.20 5.54
CA LEU G 10 49.89 39.17 4.13
C LEU G 10 49.14 40.45 3.74
N SER G 11 49.14 40.75 2.45
CA SER G 11 48.36 41.88 1.97
C SER G 11 46.87 41.54 1.98
N GLN G 12 46.04 42.59 1.96
CA GLN G 12 44.60 42.38 1.95
C GLN G 12 44.18 41.50 0.78
N ALA G 13 44.77 41.72 -0.41
CA ALA G 13 44.42 40.92 -1.58
C ALA G 13 44.71 39.44 -1.36
N GLN G 14 45.78 39.12 -0.63
CA GLN G 14 46.11 37.71 -0.42
C GLN G 14 45.20 37.05 0.62
N ARG G 15 44.81 37.78 1.66
CA ARG G 15 43.83 37.24 2.61
C ARG G 15 42.48 37.05 1.93
N GLU G 16 42.09 37.97 1.03
CA GLU G 16 40.85 37.80 0.30
C GLU G 16 40.87 36.56 -0.58
N ARG G 17 42.03 36.26 -1.18
CA ARG G 17 42.11 35.06 -1.98
C ARG G 17 42.18 33.80 -1.11
N LEU G 18 42.77 33.90 0.08
CA LEU G 18 42.72 32.77 1.02
C LEU G 18 41.29 32.49 1.47
N ALA G 19 40.52 33.53 1.75
CA ALA G 19 39.14 33.33 2.19
C ALA G 19 38.27 32.74 1.09
N HIS G 20 38.54 33.06 -0.16
CA HIS G 20 37.79 32.43 -1.25
C HIS G 20 38.11 30.93 -1.34
N ILE G 21 39.33 30.52 -0.97
CA ILE G 21 39.64 29.10 -0.85
C ILE G 21 38.84 28.47 0.28
N ASP G 22 38.87 29.10 1.45
CA ASP G 22 38.09 28.64 2.59
C ASP G 22 36.63 28.48 2.20
N PHE G 23 36.08 29.49 1.54
CA PHE G 23 34.67 29.48 1.17
C PHE G 23 34.35 28.33 0.20
N THR G 24 35.18 28.16 -0.83
CA THR G 24 34.88 27.12 -1.82
C THR G 24 34.97 25.73 -1.21
N LEU G 25 35.93 25.50 -0.31
CA LEU G 25 35.98 24.23 0.40
C LEU G 25 34.76 24.04 1.29
N LEU G 26 34.29 25.11 1.93
CA LEU G 26 33.14 25.00 2.83
C LEU G 26 31.84 24.79 2.07
N PHE G 27 31.62 25.53 0.98
CA PHE G 27 30.33 25.53 0.30
C PHE G 27 30.28 24.62 -0.93
N LYS G 28 31.43 24.23 -1.47
CA LYS G 28 31.54 23.17 -2.45
C LYS G 28 32.40 22.10 -1.80
N GLY G 29 32.51 20.94 -2.43
CA GLY G 29 33.33 20.05 -1.65
C GLY G 29 34.83 20.25 -1.75
N GLU G 30 35.27 21.24 -2.52
CA GLU G 30 36.60 21.18 -3.12
C GLU G 30 36.95 22.56 -3.66
N ALA G 31 38.23 22.74 -3.98
CA ALA G 31 38.70 24.00 -4.54
C ALA G 31 39.95 23.73 -5.37
N GLY G 32 39.99 24.31 -6.57
CA GLY G 32 41.13 24.17 -7.45
C GLY G 32 41.61 25.53 -7.94
N ARG G 33 42.72 25.49 -8.68
CA ARG G 33 43.34 26.73 -9.16
C ARG G 33 42.42 27.54 -10.05
N SER G 34 41.53 26.88 -10.79
CA SER G 34 40.66 27.61 -11.70
C SER G 34 39.70 28.53 -10.96
N TYR G 35 39.29 28.16 -9.74
CA TYR G 35 38.42 29.04 -8.96
C TYR G 35 39.09 30.38 -8.68
N LEU G 36 40.39 30.37 -8.38
CA LEU G 36 41.07 31.61 -8.02
C LEU G 36 41.35 32.48 -9.23
N THR G 37 41.72 31.87 -10.36
CA THR G 37 41.98 32.66 -11.56
C THR G 37 40.70 33.30 -12.10
N GLU G 38 39.57 32.62 -12.03
CA GLU G 38 38.32 33.25 -12.48
C GLU G 38 37.86 34.34 -11.52
N ARG G 39 37.88 34.05 -10.21
CA ARG G 39 37.37 35.01 -9.24
C ARG G 39 38.24 36.27 -9.18
N PHE G 40 39.56 36.11 -9.25
CA PHE G 40 40.49 37.20 -8.99
C PHE G 40 41.33 37.62 -10.21
N SER G 41 41.27 36.87 -11.31
CA SER G 41 42.09 37.14 -12.51
C SER G 41 43.58 37.19 -12.18
N VAL G 42 43.99 36.36 -11.23
CA VAL G 42 45.41 36.19 -10.94
C VAL G 42 46.00 35.16 -11.90
N ALA G 43 47.33 35.18 -12.02
CA ALA G 43 48.00 34.18 -12.82
C ALA G 43 47.82 32.80 -12.16
N PRO G 44 47.75 31.74 -12.97
CA PRO G 44 47.67 30.39 -12.38
C PRO G 44 48.76 30.10 -11.36
N SER G 45 49.98 30.59 -11.61
CA SER G 45 51.07 30.37 -10.66
C SER G 45 50.80 31.07 -9.34
N VAL G 46 50.05 32.18 -9.38
CA VAL G 46 49.69 32.87 -8.15
C VAL G 46 48.73 32.02 -7.33
N ALA G 47 47.72 31.42 -8.00
CA ALA G 47 46.76 30.55 -7.31
C ALA G 47 47.46 29.38 -6.64
N THR G 48 48.50 28.83 -7.29
CA THR G 48 49.27 27.75 -6.70
C THR G 48 49.92 28.20 -5.39
N GLN G 49 50.47 29.42 -5.37
CA GLN G 49 51.04 29.96 -4.13
C GLN G 49 49.96 30.21 -3.08
N ASP G 50 48.78 30.67 -3.51
CA ASP G 50 47.69 30.88 -2.55
C ASP G 50 47.33 29.58 -1.86
N PHE G 51 47.16 28.50 -2.64
CA PHE G 51 46.85 27.20 -2.04
C PHE G 51 47.99 26.75 -1.14
N ALA G 52 49.22 27.05 -1.51
CA ALA G 52 50.35 26.73 -0.65
C ALA G 52 50.25 27.47 0.67
N ARG G 53 49.93 28.77 0.62
CA ARG G 53 49.74 29.54 1.86
C ARG G 53 48.56 29.00 2.68
N TYR G 54 47.48 28.60 2.00
CA TYR G 54 46.30 28.10 2.72
C TYR G 54 46.61 26.81 3.46
N LYS G 55 47.30 25.88 2.79
CA LYS G 55 47.68 24.62 3.41
C LYS G 55 48.55 24.85 4.65
N ALA G 56 49.47 25.81 4.59
CA ALA G 56 50.33 26.10 5.73
C ALA G 56 49.51 26.57 6.93
N LEU G 57 48.48 27.37 6.68
CA LEU G 57 47.71 27.96 7.77
C LEU G 57 46.65 26.98 8.29
N ALA G 58 46.19 26.07 7.44
CA ALA G 58 45.16 25.09 7.82
C ALA G 58 45.46 23.73 7.18
N PRO G 59 46.45 23.00 7.71
CA PRO G 59 46.80 21.71 7.07
C PRO G 59 45.70 20.65 7.19
N ASN G 60 44.89 20.68 8.25
CA ASN G 60 43.82 19.72 8.45
C ASN G 60 42.51 20.10 7.79
N ASN G 61 42.49 21.19 7.03
CA ASN G 61 41.27 21.55 6.30
C ASN G 61 41.21 20.92 4.91
N VAL G 62 42.36 20.55 4.35
CA VAL G 62 42.44 20.21 2.94
C VAL G 62 43.37 19.03 2.78
N MET G 63 43.05 18.18 1.81
CA MET G 63 43.95 17.14 1.33
C MET G 63 44.00 17.30 -0.18
N TYR G 64 45.16 17.09 -0.79
CA TYR G 64 45.26 17.38 -2.25
C TYR G 64 45.05 16.12 -3.08
N ASP G 65 43.95 16.07 -3.85
CA ASP G 65 43.76 14.95 -4.80
C ASP G 65 44.33 15.42 -6.13
N GLU G 66 45.63 15.21 -6.35
CA GLU G 66 46.30 15.67 -7.61
C GLU G 66 45.83 14.80 -8.77
N LYS G 67 45.22 13.64 -8.47
CA LYS G 67 44.67 12.75 -9.52
C LYS G 67 43.69 13.55 -10.39
N ARG G 68 42.80 14.31 -9.78
CA ARG G 68 41.86 15.17 -10.56
C ARG G 68 42.21 16.64 -10.32
N ARG G 69 43.41 16.92 -9.79
CA ARG G 69 43.87 18.32 -9.54
C ARG G 69 42.82 19.08 -8.73
N VAL G 70 42.39 18.54 -7.58
CA VAL G 70 41.34 19.21 -6.75
C VAL G 70 41.70 19.11 -5.27
N HIS G 71 41.85 20.25 -4.60
CA HIS G 71 42.06 20.23 -3.16
C HIS G 71 40.72 19.89 -2.49
N LEU G 72 40.65 18.76 -1.80
CA LEU G 72 39.38 18.26 -1.27
C LEU G 72 39.22 18.64 0.19
N LYS G 73 37.97 18.97 0.57
CA LYS G 73 37.65 19.21 1.97
C LYS G 73 37.76 17.93 2.79
N THR G 74 38.50 17.98 3.89
CA THR G 74 38.68 16.78 4.76
C THR G 74 37.46 16.61 5.68
N SER G 75 37.43 15.52 6.45
CA SER G 75 36.33 15.30 7.42
C SER G 75 36.58 16.18 8.66
N THR G 76 37.85 16.56 8.89
CA THR G 76 38.19 17.42 10.05
C THR G 76 38.24 18.88 9.59
N PHE G 77 37.40 19.27 8.64
CA PHE G 77 37.45 20.64 8.10
C PHE G 77 36.81 21.63 9.06
N GLN G 78 37.57 22.64 9.50
CA GLN G 78 37.00 23.73 10.28
C GLN G 78 37.37 25.04 9.61
N PRO G 79 36.40 25.94 9.39
CA PRO G 79 36.68 27.15 8.60
C PRO G 79 37.80 27.98 9.19
N LEU G 80 38.72 28.41 8.33
CA LEU G 80 39.86 29.23 8.78
C LEU G 80 39.44 30.64 9.16
N PHE G 81 38.32 31.13 8.63
CA PHE G 81 37.90 32.50 8.86
C PHE G 81 36.51 32.50 9.50
N ASP G 82 36.17 33.63 10.09
CA ASP G 82 34.81 33.91 10.53
C ASP G 82 34.01 34.50 9.38
N TYR G 83 32.73 34.16 9.30
CA TYR G 83 31.89 34.60 8.21
C TYR G 83 30.79 35.54 8.72
N ASP G 84 30.57 36.64 8.02
CA ASP G 84 29.34 37.43 8.20
C ASP G 84 28.20 36.67 7.55
N ILE G 85 27.26 36.19 8.35
CA ILE G 85 26.27 35.26 7.80
C ILE G 85 25.28 35.99 6.90
N VAL G 86 24.87 37.19 7.25
CA VAL G 86 23.97 37.91 6.37
C VAL G 86 24.66 38.21 5.05
N ARG G 87 25.92 38.67 5.12
CA ARG G 87 26.62 39.02 3.89
C ARG G 87 27.01 37.78 3.10
N THR G 88 27.41 36.71 3.78
CA THR G 88 27.76 35.48 3.05
C THR G 88 26.54 34.93 2.32
N LEU G 89 25.39 34.91 2.99
CA LEU G 89 24.16 34.44 2.35
C LEU G 89 23.77 35.35 1.18
N ALA G 90 24.06 36.64 1.27
CA ALA G 90 23.83 37.52 0.13
C ALA G 90 24.71 37.14 -1.05
N THR G 91 25.99 36.89 -0.77
CA THR G 91 26.94 36.58 -1.85
C THR G 91 26.53 35.33 -2.61
N ILE G 92 26.14 34.27 -1.89
CA ILE G 92 25.80 33.01 -2.55
C ILE G 92 24.51 33.12 -3.34
N SER G 93 23.66 34.11 -3.04
CA SER G 93 22.42 34.36 -3.78
C SER G 93 22.51 35.55 -4.75
N GLN G 94 23.66 36.23 -4.83
CA GLN G 94 23.75 37.42 -5.68
C GLN G 94 24.95 37.42 -6.62
N GLY G 95 26.13 37.07 -6.11
CA GLY G 95 27.36 37.16 -6.89
C GLY G 95 28.51 37.72 -6.05
N PHE G 96 29.71 37.77 -6.60
CA PHE G 96 30.90 38.05 -5.80
C PHE G 96 31.31 39.52 -5.73
N GLY G 97 30.89 40.37 -6.65
CA GLY G 97 31.40 41.72 -6.51
C GLY G 97 30.82 42.48 -5.32
N ASP G 98 31.16 43.76 -5.26
CA ASP G 98 30.38 44.67 -4.45
C ASP G 98 29.16 45.16 -5.22
N GLY G 99 29.10 44.83 -6.51
CA GLY G 99 28.03 45.19 -7.41
C GLY G 99 28.34 46.37 -8.31
N PHE G 100 29.50 47.02 -8.12
CA PHE G 100 29.80 48.28 -8.79
C PHE G 100 30.41 48.09 -10.18
N LEU G 101 30.71 46.87 -10.61
CA LEU G 101 31.29 46.62 -11.92
C LEU G 101 30.35 45.89 -12.87
N GLY G 102 29.05 46.01 -12.66
CA GLY G 102 28.10 45.40 -13.56
C GLY G 102 27.44 44.18 -12.94
N LYS G 103 26.52 43.61 -13.72
CA LYS G 103 25.75 42.45 -13.29
C LYS G 103 26.66 41.32 -12.85
N VAL G 104 26.29 40.70 -11.75
CA VAL G 104 26.92 39.48 -11.26
C VAL G 104 25.84 38.43 -11.10
N ARG G 105 26.26 37.19 -11.00
CA ARG G 105 25.33 36.09 -10.88
C ARG G 105 25.79 35.16 -9.76
N PRO G 106 24.85 34.47 -9.12
CA PRO G 106 25.21 33.56 -8.01
C PRO G 106 26.24 32.53 -8.43
N PRO G 107 27.17 32.21 -7.54
CA PRO G 107 28.21 31.23 -7.87
C PRO G 107 27.76 29.79 -7.72
N MET G 108 26.44 29.58 -7.70
CA MET G 108 25.88 28.27 -7.42
C MET G 108 24.39 28.32 -7.71
N ALA G 109 23.74 27.16 -7.56
CA ALA G 109 22.31 27.01 -7.75
C ALA G 109 21.58 27.61 -6.55
N CYS G 110 21.46 28.94 -6.55
CA CYS G 110 20.81 29.64 -5.45
C CYS G 110 20.00 30.80 -6.01
N GLU G 111 18.73 30.88 -5.62
CA GLU G 111 17.82 31.87 -6.15
C GLU G 111 17.19 32.70 -5.03
N ALA G 112 16.86 33.95 -5.36
CA ALA G 112 16.14 34.87 -4.47
C ALA G 112 15.05 35.54 -5.29
N PRO G 113 13.91 34.85 -5.47
CA PRO G 113 12.90 35.31 -6.42
C PRO G 113 11.94 36.37 -5.89
N PHE G 114 12.18 36.94 -4.71
CA PHE G 114 11.23 37.86 -4.12
C PHE G 114 11.48 39.31 -4.52
N HIS G 115 12.63 39.55 -5.13
CA HIS G 115 12.97 40.94 -5.53
C HIS G 115 12.10 41.30 -6.71
N LEU G 116 11.39 42.41 -6.63
CA LEU G 116 10.66 42.86 -7.83
C LEU G 116 11.19 44.01 -8.70
N ASN G 117 11.19 45.23 -8.15
CA ASN G 117 11.71 46.38 -8.91
C ASN G 117 12.48 47.08 -7.79
N LYS G 118 13.64 47.63 -8.12
CA LYS G 118 14.47 48.34 -7.14
C LYS G 118 14.44 49.83 -7.43
N PRO G 119 14.76 50.68 -6.47
CA PRO G 119 14.85 52.11 -6.76
C PRO G 119 15.89 52.37 -7.84
N LYS G 120 15.72 53.49 -8.54
CA LYS G 120 16.71 53.90 -9.52
C LYS G 120 18.03 54.23 -8.84
N LEU G 121 19.13 53.79 -9.46
CA LEU G 121 20.46 54.02 -8.88
C LEU G 121 20.67 55.48 -8.53
N GLU G 122 20.32 56.39 -9.46
CA GLU G 122 20.54 57.81 -9.24
C GLU G 122 19.67 58.35 -8.11
N VAL G 123 18.46 57.80 -7.95
CA VAL G 123 17.58 58.28 -6.88
C VAL G 123 18.12 57.88 -5.52
N VAL G 124 18.47 56.60 -5.34
CA VAL G 124 19.00 56.16 -4.06
C VAL G 124 20.34 56.85 -3.78
N ALA G 125 21.18 57.01 -4.81
CA ALA G 125 22.47 57.67 -4.62
C ALA G 125 22.30 59.12 -4.18
N ALA G 126 21.35 59.85 -4.80
CA ALA G 126 21.14 61.25 -4.45
C ALA G 126 20.67 61.39 -3.01
N ILE G 127 19.76 60.50 -2.58
CA ILE G 127 19.31 60.53 -1.20
C ILE G 127 20.44 60.18 -0.26
N SER G 128 21.23 59.15 -0.62
CA SER G 128 22.39 58.78 0.18
C SER G 128 23.34 59.97 0.31
N GLU G 129 23.60 60.68 -0.79
CA GLU G 129 24.48 61.84 -0.75
C GLU G 129 23.93 62.92 0.17
N ALA G 130 22.62 63.20 0.08
CA ALA G 130 22.00 64.20 0.94
C ALA G 130 22.08 63.81 2.41
N ILE G 131 21.85 62.53 2.71
CA ILE G 131 22.01 62.06 4.09
C ILE G 131 23.44 62.29 4.56
N HIS G 132 24.41 61.91 3.75
CA HIS G 132 25.80 62.05 4.15
C HIS G 132 26.16 63.50 4.45
N LYS G 133 25.67 64.43 3.62
CA LYS G 133 25.96 65.85 3.77
C LYS G 133 25.02 66.58 4.72
N ARG G 134 24.04 65.90 5.31
CA ARG G 134 23.07 66.56 6.20
C ARG G 134 22.34 67.69 5.47
N ALA G 135 21.94 67.42 4.23
CA ALA G 135 21.41 68.45 3.36
C ALA G 135 19.89 68.35 3.22
N VAL G 136 19.27 69.45 2.72
CA VAL G 136 17.88 69.43 2.28
C VAL G 136 17.86 69.03 0.81
N ILE G 137 16.87 68.22 0.42
CA ILE G 137 16.65 67.87 -0.98
C ILE G 137 15.21 68.20 -1.35
N ASN G 138 15.01 68.64 -2.58
CA ASN G 138 13.68 68.70 -3.15
C ASN G 138 13.45 67.43 -3.93
N ILE G 139 12.28 66.82 -3.71
CA ILE G 139 11.92 65.59 -4.39
C ILE G 139 10.54 65.79 -5.02
N GLU G 140 10.30 65.01 -6.06
CA GLU G 140 8.95 64.76 -6.53
C GLU G 140 8.53 63.40 -6.01
N TYR G 141 7.30 63.32 -5.50
CA TYR G 141 6.83 62.12 -4.83
C TYR G 141 5.36 61.93 -5.18
N THR G 142 5.00 60.70 -5.53
CA THR G 142 3.61 60.33 -5.81
C THR G 142 3.18 59.44 -4.66
N SER G 143 2.37 59.99 -3.76
CA SER G 143 1.96 59.28 -2.56
C SER G 143 0.65 58.54 -2.83
N LEU G 144 0.36 57.57 -1.96
CA LEU G 144 -0.93 56.87 -2.03
C LEU G 144 -2.07 57.76 -1.54
N SER G 145 -1.80 58.69 -0.62
CA SER G 145 -2.86 59.49 -0.02
C SER G 145 -3.25 60.68 -0.88
N SER G 146 -2.31 61.21 -1.66
CA SER G 146 -2.55 62.30 -2.60
C SER G 146 -1.94 61.87 -3.93
N GLY G 147 -1.81 62.77 -4.88
CA GLY G 147 -1.24 62.43 -6.17
C GLY G 147 0.24 62.74 -6.25
N HIS G 148 0.69 63.04 -7.46
CA HIS G 148 2.07 63.45 -7.66
C HIS G 148 2.27 64.84 -7.04
N GLY G 149 3.48 65.09 -6.55
CA GLY G 149 3.71 66.42 -5.99
C GLY G 149 5.17 66.66 -5.68
N SER G 150 5.44 67.87 -5.19
CA SER G 150 6.78 68.29 -4.82
C SER G 150 6.82 68.70 -3.35
N ARG G 151 7.98 68.54 -2.74
CA ARG G 151 8.17 68.89 -1.35
C ARG G 151 9.66 68.82 -1.02
N GLN G 152 10.05 69.54 0.02
CA GLN G 152 11.39 69.49 0.56
C GLN G 152 11.43 68.55 1.77
N ILE G 153 12.49 67.73 1.84
CA ILE G 153 12.69 66.83 2.96
C ILE G 153 14.14 66.90 3.44
N VAL G 154 14.34 66.57 4.70
CA VAL G 154 15.66 66.50 5.32
C VAL G 154 15.88 65.04 5.68
N PRO G 155 16.53 64.25 4.82
CA PRO G 155 16.64 62.82 5.07
C PRO G 155 17.73 62.50 6.09
N HIS G 156 17.53 61.41 6.85
CA HIS G 156 18.58 60.98 7.76
C HIS G 156 18.94 59.48 7.71
N THR G 157 18.08 58.58 7.23
CA THR G 157 18.42 57.16 7.18
C THR G 157 17.77 56.49 5.98
N LEU G 158 18.49 55.58 5.32
CA LEU G 158 17.89 54.72 4.31
C LEU G 158 17.52 53.39 4.93
N ILE G 159 16.37 52.84 4.53
CA ILE G 159 15.87 51.61 5.11
C ILE G 159 15.49 50.64 4.01
N ASP G 160 16.04 49.43 4.09
CA ASP G 160 15.51 48.26 3.39
C ASP G 160 14.56 47.58 4.36
N ASN G 161 13.24 47.77 4.17
CA ASN G 161 12.28 47.10 5.05
C ASN G 161 12.02 45.64 4.68
N GLY G 162 12.46 45.19 3.51
CA GLY G 162 12.27 43.81 3.11
C GLY G 162 11.61 43.74 1.75
N LEU G 163 10.62 44.61 1.56
CA LEU G 163 9.71 44.63 0.42
C LEU G 163 10.07 45.74 -0.54
N ARG G 164 10.19 46.95 -0.01
CA ARG G 164 10.55 48.17 -0.71
C ARG G 164 11.69 48.82 0.06
N TRP G 165 12.21 49.89 -0.52
CA TRP G 165 13.15 50.77 0.16
C TRP G 165 12.44 52.06 0.53
N HIS G 166 12.73 52.60 1.72
CA HIS G 166 12.22 53.93 2.02
C HIS G 166 13.32 54.74 2.69
N VAL G 167 13.11 56.05 2.75
CA VAL G 167 14.02 56.96 3.44
C VAL G 167 13.24 57.59 4.59
N ARG G 168 13.86 57.61 5.77
CA ARG G 168 13.28 58.29 6.92
C ARG G 168 13.73 59.74 6.86
N ALA G 169 12.78 60.66 6.90
CA ALA G 169 13.11 62.06 6.66
C ALA G 169 12.12 62.96 7.37
N PHE G 170 12.54 64.19 7.60
CA PHE G 170 11.62 65.24 8.01
C PHE G 170 10.97 65.83 6.76
N ASP G 171 9.64 65.76 6.68
CA ASP G 171 8.91 66.30 5.53
C ASP G 171 8.57 67.76 5.81
N ARG G 172 9.08 68.67 4.98
CA ARG G 172 8.78 70.08 5.21
C ARG G 172 7.36 70.44 4.77
N LYS G 173 6.70 69.58 3.97
CA LYS G 173 5.34 69.85 3.56
C LYS G 173 4.39 69.93 4.76
N HIS G 174 4.40 68.89 5.60
CA HIS G 174 3.54 68.82 6.78
C HIS G 174 4.28 68.98 8.10
N ARG G 175 5.58 69.29 8.05
CA ARG G 175 6.42 69.49 9.23
C ARG G 175 6.33 68.28 10.18
N GLU G 176 6.73 67.12 9.67
CA GLU G 176 6.72 65.91 10.48
C GLU G 176 7.74 64.92 9.94
N PHE G 177 8.24 64.07 10.83
CA PHE G 177 9.03 62.91 10.41
C PHE G 177 8.10 61.88 9.79
N ARG G 178 8.61 61.19 8.76
CA ARG G 178 7.81 60.41 7.82
C ARG G 178 8.73 59.53 6.98
N ASP G 179 8.16 58.49 6.40
CA ASP G 179 8.82 57.62 5.43
C ASP G 179 8.44 58.05 4.01
N PHE G 180 9.38 57.92 3.07
CA PHE G 180 9.12 58.10 1.64
C PHE G 180 9.63 56.89 0.88
N VAL G 181 8.73 56.20 0.17
CA VAL G 181 9.12 55.00 -0.58
C VAL G 181 10.00 55.39 -1.76
N LEU G 182 11.21 54.84 -1.81
CA LEU G 182 12.21 55.28 -2.82
C LEU G 182 11.72 55.11 -4.26
N THR G 183 11.04 54.00 -4.56
CA THR G 183 10.56 53.78 -5.92
C THR G 183 9.41 54.71 -6.31
N ARG G 184 8.92 55.54 -5.39
CA ARG G 184 7.94 56.57 -5.72
C ARG G 184 8.57 57.96 -5.76
N ILE G 185 9.88 58.07 -5.59
CA ILE G 185 10.59 59.33 -5.73
C ILE G 185 11.10 59.43 -7.16
N SER G 186 10.74 60.50 -7.85
CA SER G 186 11.04 60.59 -9.27
C SER G 186 12.18 61.54 -9.60
N GLU G 187 12.31 62.62 -8.83
CA GLU G 187 13.38 63.62 -9.10
C GLU G 187 13.98 64.04 -7.77
N VAL G 188 15.31 64.08 -7.66
CA VAL G 188 15.96 64.48 -6.42
C VAL G 188 16.92 65.61 -6.74
N GLU G 189 16.88 66.67 -5.96
CA GLU G 189 17.75 67.83 -6.15
C GLU G 189 18.39 68.21 -4.83
N LEU G 190 19.72 68.12 -4.78
CA LEU G 190 20.43 68.57 -3.60
C LEU G 190 20.31 70.08 -3.48
N LEU G 191 19.95 70.56 -2.29
CA LEU G 191 19.77 71.98 -2.06
C LEU G 191 20.82 72.50 -1.08
N GLU G 192 21.02 73.81 -1.09
CA GLU G 192 21.94 74.45 -0.15
C GLU G 192 21.22 74.98 1.08
N ASP G 193 19.89 74.90 1.11
CA ASP G 193 19.10 75.42 2.21
C ASP G 193 19.56 74.87 3.55
N LYS G 194 19.46 75.73 4.56
CA LYS G 194 19.96 75.43 5.89
C LYS G 194 18.98 74.49 6.58
N VAL G 195 19.52 73.52 7.33
CA VAL G 195 18.73 72.60 8.14
C VAL G 195 18.49 73.22 9.51
N ASN G 196 17.26 73.12 10.00
CA ASN G 196 16.95 73.54 11.36
C ASN G 196 17.33 72.41 12.31
N ASP G 197 18.53 72.49 12.91
CA ASP G 197 18.98 71.39 13.76
C ASP G 197 18.24 71.33 15.10
N GLU G 198 17.21 72.15 15.31
CA GLU G 198 16.37 72.05 16.49
C GLU G 198 15.03 71.40 16.21
N VAL G 199 14.74 71.08 14.94
CA VAL G 199 13.43 70.56 14.55
C VAL G 199 13.55 69.37 13.60
N GLU G 200 14.48 69.44 12.66
CA GLU G 200 14.43 68.60 11.48
C GLU G 200 15.44 67.45 11.48
N THR G 201 16.35 67.41 12.46
CA THR G 201 17.40 66.40 12.45
C THR G 201 16.99 65.17 13.25
N LEU G 202 17.83 64.13 13.14
CA LEU G 202 17.49 62.78 13.60
C LEU G 202 17.12 62.74 15.07
N GLN G 203 17.77 63.54 15.91
CA GLN G 203 17.52 63.45 17.35
C GLN G 203 16.08 63.78 17.74
N TRP G 204 15.35 64.51 16.90
CA TRP G 204 13.98 64.90 17.23
C TRP G 204 12.94 63.92 16.74
N ASP G 205 13.36 62.88 16.02
CA ASP G 205 12.45 61.89 15.43
C ASP G 205 12.07 60.88 16.51
N LYS G 206 10.96 61.16 17.21
CA LYS G 206 10.60 60.38 18.39
C LYS G 206 10.28 58.93 18.03
N GLN G 207 9.49 58.72 16.97
CA GLN G 207 9.15 57.35 16.60
C GLN G 207 10.39 56.60 16.14
N TRP G 208 11.38 57.31 15.60
CA TRP G 208 12.62 56.66 15.21
C TRP G 208 13.42 56.22 16.42
N ASN G 209 13.50 57.07 17.45
CA ASN G 209 14.40 56.80 18.57
C ASN G 209 13.77 55.92 19.64
N ARG G 210 12.44 55.81 19.69
CA ARG G 210 11.78 54.93 20.64
C ARG G 210 11.96 53.49 20.20
N ILE G 211 12.58 52.67 21.05
CA ILE G 211 12.78 51.25 20.78
C ILE G 211 11.67 50.49 21.50
N VAL G 212 10.87 49.71 20.76
CA VAL G 212 9.83 48.90 21.35
C VAL G 212 10.35 47.48 21.47
N GLU G 213 10.17 46.89 22.65
CA GLU G 213 10.75 45.58 22.97
C GLU G 213 9.61 44.58 22.88
N LEU G 214 9.59 43.83 21.77
CA LEU G 214 8.57 42.87 21.46
C LEU G 214 8.99 41.47 21.90
N GLU G 215 8.01 40.70 22.36
CA GLU G 215 8.21 39.33 22.83
C GLU G 215 7.47 38.41 21.87
N LEU G 216 8.21 37.63 21.10
CA LEU G 216 7.60 36.70 20.14
C LEU G 216 7.52 35.31 20.77
N ILE G 217 6.39 34.65 20.59
CA ILE G 217 6.16 33.31 21.11
C ILE G 217 5.62 32.46 19.97
N PRO G 218 5.80 31.15 19.98
CA PRO G 218 5.12 30.30 19.00
C PRO G 218 3.61 30.47 19.15
N HIS G 219 2.92 30.51 18.02
CA HIS G 219 1.49 30.78 18.05
C HIS G 219 0.76 29.70 18.86
N PRO G 220 -0.18 30.07 19.72
CA PRO G 220 -0.81 29.05 20.59
C PRO G 220 -1.59 27.99 19.83
N LYS G 221 -2.03 28.27 18.59
CA LYS G 221 -2.79 27.35 17.75
C LYS G 221 -1.93 26.29 17.07
N LEU G 222 -0.61 26.32 17.25
CA LEU G 222 0.27 25.41 16.53
C LEU G 222 0.22 23.99 17.08
N ALA G 223 0.15 23.01 16.19
CA ALA G 223 0.22 21.63 16.63
C ALA G 223 1.63 21.27 17.08
N HIS G 224 2.65 21.88 16.49
CA HIS G 224 4.05 21.60 16.82
C HIS G 224 4.83 22.89 17.04
N PRO G 225 4.60 23.58 18.16
CA PRO G 225 5.39 24.78 18.45
C PRO G 225 6.89 24.52 18.56
N GLU G 226 7.31 23.27 18.79
CA GLU G 226 8.74 22.97 18.87
C GLU G 226 9.44 23.23 17.54
N ALA G 227 8.71 23.18 16.43
CA ALA G 227 9.29 23.54 15.13
C ALA G 227 9.57 25.04 15.07
N VAL G 228 8.65 25.85 15.60
CA VAL G 228 8.84 27.29 15.60
C VAL G 228 9.91 27.70 16.61
N LEU G 229 10.06 26.95 17.70
CA LEU G 229 11.12 27.23 18.65
C LEU G 229 12.50 27.12 17.99
N ILE G 230 12.73 26.05 17.24
CA ILE G 230 14.00 25.83 16.56
C ILE G 230 14.14 26.73 15.34
N ASP G 231 13.02 26.98 14.62
CA ASP G 231 13.05 27.82 13.42
C ASP G 231 13.67 29.18 13.71
N TYR G 232 13.25 29.82 14.80
CA TYR G 232 13.65 31.18 15.17
C TYR G 232 14.68 31.21 16.30
N ALA G 233 15.33 30.07 16.57
CA ALA G 233 16.41 29.99 17.57
C ALA G 233 15.97 30.59 18.90
N MET G 234 14.82 30.15 19.38
CA MET G 234 14.22 30.69 20.59
C MET G 234 14.82 30.06 21.84
N GLU G 235 14.59 30.71 22.97
CA GLU G 235 14.96 30.18 24.27
C GLU G 235 13.87 30.54 25.27
N ASN G 236 13.53 29.58 26.13
CA ASN G 236 12.48 29.77 27.13
C ASN G 236 11.16 30.21 26.49
N ASN G 237 10.79 29.55 25.38
CA ASN G 237 9.53 29.74 24.68
C ASN G 237 9.41 31.13 24.05
N ARG G 238 10.53 31.81 23.78
CA ARG G 238 10.40 33.19 23.33
C ARG G 238 11.51 33.63 22.41
N LEU G 239 11.18 34.66 21.63
CA LEU G 239 12.15 35.44 20.89
C LEU G 239 11.96 36.89 21.32
N ARG G 240 13.00 37.48 21.91
CA ARG G 240 12.95 38.90 22.22
C ARG G 240 13.50 39.68 21.02
N VAL G 241 12.71 40.64 20.56
CA VAL G 241 13.08 41.45 19.41
C VAL G 241 12.94 42.93 19.80
N GLU G 242 13.98 43.70 19.54
CA GLU G 242 13.97 45.14 19.75
C GLU G 242 14.02 45.83 18.40
N ILE G 243 13.01 46.65 18.11
CA ILE G 243 12.91 47.35 16.84
C ILE G 243 12.44 48.75 17.11
N ARG G 244 12.78 49.67 16.22
CA ARG G 244 12.26 51.03 16.28
C ARG G 244 10.75 51.04 16.10
N ALA G 245 10.08 51.91 16.86
CA ALA G 245 8.64 52.07 16.70
C ALA G 245 8.29 52.40 15.25
N ALA G 246 9.12 53.20 14.59
CA ALA G 246 8.90 53.53 13.18
C ALA G 246 8.95 52.32 12.26
N PHE G 247 9.47 51.17 12.74
CA PHE G 247 9.52 49.94 11.96
C PHE G 247 8.42 48.95 12.31
N ALA G 248 7.76 49.11 13.47
CA ALA G 248 6.99 48.01 14.05
C ALA G 248 5.89 47.52 13.10
N GLY G 249 5.12 48.43 12.53
CA GLY G 249 4.07 48.07 11.59
C GLY G 249 4.56 47.26 10.41
N TYR G 250 5.49 47.81 9.61
CA TYR G 250 6.12 47.09 8.51
C TYR G 250 6.49 45.67 8.92
N LEU G 251 7.27 45.57 10.01
CA LEU G 251 7.94 44.32 10.35
C LEU G 251 6.97 43.29 10.92
N LEU G 252 6.02 43.75 11.75
CA LEU G 252 5.04 42.81 12.27
C LEU G 252 4.16 42.25 11.16
N ARG G 253 3.86 43.07 10.15
CA ARG G 253 3.09 42.60 9.00
C ARG G 253 3.95 41.67 8.15
N LEU G 254 5.18 42.09 7.84
CA LEU G 254 6.10 41.29 7.02
C LEU G 254 6.38 39.92 7.65
N TRP G 255 6.61 39.89 8.96
CA TRP G 255 6.92 38.65 9.66
C TRP G 255 5.70 37.77 9.91
N ASN G 256 4.50 38.23 9.53
CA ASN G 256 3.26 37.46 9.68
C ASN G 256 3.04 37.13 11.16
N ILE G 257 3.09 38.16 12.00
CA ILE G 257 2.99 38.02 13.44
C ILE G 257 1.55 38.24 13.86
N ASP G 258 1.01 37.30 14.63
CA ASP G 258 -0.34 37.44 15.17
C ASP G 258 -0.28 38.44 16.31
N CYS G 259 -0.85 39.63 16.10
CA CYS G 259 -0.81 40.70 17.10
C CYS G 259 -2.17 40.99 17.72
N SER G 260 -3.14 40.08 17.57
CA SER G 260 -4.42 40.28 18.23
C SER G 260 -4.33 39.91 19.70
N LYS G 261 -5.17 40.56 20.52
CA LYS G 261 -5.13 40.39 21.97
C LYS G 261 -5.35 38.94 22.37
N ASN G 262 -6.46 38.35 21.92
CA ASN G 262 -6.85 37.00 22.30
C ASN G 262 -6.24 35.93 21.41
N SER G 263 -5.47 36.36 20.39
CA SER G 263 -4.82 35.44 19.42
C SER G 263 -5.85 34.73 18.56
N LYS G 264 -7.05 35.30 18.47
CA LYS G 264 -8.13 34.65 17.71
C LYS G 264 -8.13 35.22 16.28
N ARG G 268 -4.19 33.09 7.27
CA ARG G 268 -3.40 31.91 6.85
C ARG G 268 -2.95 31.15 8.10
N GLU G 269 -1.64 30.90 8.22
CA GLU G 269 -1.14 30.13 9.38
C GLU G 269 -0.12 30.99 10.12
N PHE G 270 -0.58 31.74 11.11
CA PHE G 270 0.39 32.50 11.94
C PHE G 270 1.25 31.47 12.66
N HIS G 271 2.57 31.63 12.61
CA HIS G 271 3.47 30.70 13.33
C HIS G 271 3.92 31.38 14.63
N LEU G 272 3.61 32.67 14.77
CA LEU G 272 4.11 33.41 15.95
C LEU G 272 3.04 34.35 16.48
N ALA G 273 3.04 34.61 17.79
CA ALA G 273 2.12 35.57 18.39
C ALA G 273 2.93 36.60 19.17
N LEU G 274 2.43 37.83 19.18
CA LEU G 274 3.01 38.87 20.00
C LEU G 274 2.41 38.79 21.39
N LYS G 275 3.22 38.37 22.37
CA LYS G 275 2.70 38.19 23.72
C LYS G 275 2.30 39.51 24.36
N ASN G 276 2.97 40.60 24.01
CA ASN G 276 2.74 41.89 24.66
C ASN G 276 2.35 42.96 23.63
N PRO G 277 1.15 42.88 23.06
CA PRO G 277 0.67 43.96 22.19
C PRO G 277 0.58 45.32 22.88
N GLU G 278 0.64 45.35 24.22
CA GLU G 278 0.73 46.62 24.93
C GLU G 278 1.95 47.44 24.50
N ALA G 279 3.01 46.78 24.02
CA ALA G 279 4.21 47.49 23.62
C ALA G 279 4.02 48.34 22.37
N LEU G 280 2.90 48.19 21.66
CA LEU G 280 2.61 48.96 20.45
C LEU G 280 1.74 50.18 20.71
N TYR G 281 1.45 50.49 21.97
CA TYR G 281 0.70 51.70 22.26
C TYR G 281 1.48 52.92 21.77
N GLY G 282 0.78 53.85 21.11
CA GLY G 282 1.38 55.08 20.61
C GLY G 282 2.37 54.91 19.48
N VAL G 283 2.53 53.70 18.97
CA VAL G 283 3.46 53.40 17.88
C VAL G 283 2.73 53.65 16.57
N ASP G 284 3.12 54.73 15.88
CA ASP G 284 2.48 55.07 14.62
C ASP G 284 2.54 53.90 13.64
N ASN G 285 1.46 53.73 12.88
CA ASN G 285 1.29 52.61 11.94
C ASN G 285 1.36 51.25 12.63
N ALA G 286 0.95 51.18 13.89
CA ALA G 286 0.75 49.88 14.53
C ALA G 286 -0.46 49.15 13.96
N ALA G 287 -1.36 49.87 13.28
CA ALA G 287 -2.55 49.25 12.69
C ALA G 287 -2.18 48.22 11.64
N LEU G 288 -1.02 48.36 11.00
CA LEU G 288 -0.56 47.38 10.03
C LEU G 288 -0.14 46.07 10.69
N ALA G 289 0.01 46.04 12.00
CA ALA G 289 0.31 44.80 12.69
C ALA G 289 -0.93 43.89 12.63
N PRO G 290 -0.79 42.64 12.14
CA PRO G 290 -1.98 41.80 11.94
C PRO G 290 -2.76 41.53 13.22
N GLY G 291 -3.93 42.15 13.32
CA GLY G 291 -4.82 41.92 14.44
C GLY G 291 -4.68 42.87 15.62
N TYR G 292 -3.89 43.92 15.49
CA TYR G 292 -3.63 44.80 16.63
C TYR G 292 -4.89 45.55 17.10
N LEU H 7 40.43 51.29 -20.47
CA LEU H 7 39.76 50.77 -19.28
C LEU H 7 39.76 49.23 -19.27
N GLU H 8 39.50 48.66 -20.44
CA GLU H 8 39.45 47.20 -20.58
C GLU H 8 40.80 46.55 -20.34
N GLU H 9 41.90 47.30 -20.51
CA GLU H 9 43.26 46.77 -20.39
C GLU H 9 43.83 46.89 -18.98
N LEU H 10 43.11 47.50 -18.04
CA LEU H 10 43.59 47.54 -16.66
C LEU H 10 43.37 46.20 -15.98
N SER H 11 44.10 45.99 -14.88
CA SER H 11 43.91 44.78 -14.10
C SER H 11 42.56 44.82 -13.40
N GLN H 12 42.08 43.64 -13.02
CA GLN H 12 40.82 43.55 -12.30
C GLN H 12 40.88 44.36 -11.01
N ALA H 13 41.98 44.26 -10.26
CA ALA H 13 42.08 45.01 -9.01
C ALA H 13 41.97 46.50 -9.24
N GLN H 14 42.55 47.00 -10.34
CA GLN H 14 42.52 48.44 -10.59
C GLN H 14 41.14 48.90 -11.04
N ARG H 15 40.43 48.08 -11.83
CA ARG H 15 39.05 48.41 -12.17
C ARG H 15 38.16 48.39 -10.93
N GLU H 16 38.42 47.47 -9.99
CA GLU H 16 37.64 47.46 -8.76
C GLU H 16 37.83 48.77 -8.01
N ARG H 17 39.05 49.27 -7.98
CA ARG H 17 39.28 50.53 -7.26
C ARG H 17 38.66 51.71 -8.01
N LEU H 18 38.66 51.68 -9.35
CA LEU H 18 37.96 52.71 -10.12
C LEU H 18 36.45 52.68 -9.83
N ALA H 19 35.87 51.49 -9.75
CA ALA H 19 34.44 51.38 -9.46
C ALA H 19 34.12 51.87 -8.05
N HIS H 20 35.02 51.66 -7.10
CA HIS H 20 34.79 52.16 -5.75
C HIS H 20 34.85 53.69 -5.70
N ILE H 21 35.70 54.30 -6.52
CA ILE H 21 35.70 55.77 -6.65
C ILE H 21 34.38 56.25 -7.24
N ASP H 22 33.92 55.60 -8.32
CA ASP H 22 32.64 55.95 -8.93
C ASP H 22 31.52 55.90 -7.90
N PHE H 23 31.47 54.80 -7.14
CA PHE H 23 30.45 54.59 -6.13
C PHE H 23 30.49 55.65 -5.04
N THR H 24 31.70 55.96 -4.55
CA THR H 24 31.80 56.93 -3.46
C THR H 24 31.40 58.33 -3.93
N LEU H 25 31.78 58.69 -5.15
CA LEU H 25 31.33 59.95 -5.73
C LEU H 25 29.81 59.95 -5.87
N LEU H 26 29.26 58.81 -6.29
CA LEU H 26 27.83 58.75 -6.52
C LEU H 26 27.04 58.81 -5.22
N PHE H 27 27.50 58.10 -4.18
CA PHE H 27 26.72 57.94 -2.96
C PHE H 27 27.11 58.88 -1.83
N LYS H 28 28.31 59.43 -1.87
CA LYS H 28 28.71 60.55 -1.02
C LYS H 28 29.04 61.72 -1.93
N GLY H 29 29.24 62.89 -1.38
CA GLY H 29 29.47 63.83 -2.47
C GLY H 29 30.85 63.87 -3.10
N GLU H 30 31.75 62.96 -2.72
CA GLU H 30 33.17 63.26 -2.79
C GLU H 30 33.94 61.94 -2.67
N ALA H 31 35.23 61.99 -3.02
CA ALA H 31 36.09 60.81 -2.86
C ALA H 31 37.53 61.27 -2.71
N GLY H 32 38.21 60.73 -1.69
CA GLY H 32 39.60 61.02 -1.42
C GLY H 32 40.39 59.75 -1.21
N ARG H 33 41.70 59.92 -1.03
CA ARG H 33 42.57 58.75 -0.90
C ARG H 33 42.19 57.87 0.28
N SER H 34 41.64 58.45 1.36
CA SER H 34 41.34 57.67 2.56
C SER H 34 40.28 56.60 2.31
N TYR H 35 39.31 56.85 1.42
CA TYR H 35 38.35 55.80 1.07
C TYR H 35 39.05 54.60 0.46
N LEU H 36 40.07 54.83 -0.38
CA LEU H 36 40.73 53.72 -1.05
C LEU H 36 41.67 52.98 -0.10
N THR H 37 42.40 53.71 0.75
CA THR H 37 43.27 53.01 1.67
C THR H 37 42.45 52.20 2.69
N GLU H 38 41.29 52.70 3.10
CA GLU H 38 40.44 51.94 4.01
C GLU H 38 39.86 50.71 3.32
N ARG H 39 39.29 50.89 2.13
CA ARG H 39 38.60 49.77 1.48
C ARG H 39 39.58 48.71 0.99
N PHE H 40 40.75 49.11 0.46
CA PHE H 40 41.67 48.21 -0.24
C PHE H 40 43.05 48.04 0.39
N SER H 41 43.40 48.82 1.41
CA SER H 41 44.75 48.79 2.02
C SER H 41 45.86 49.06 0.98
N VAL H 42 45.60 49.92 -0.01
CA VAL H 42 46.64 50.27 -0.97
C VAL H 42 47.52 51.39 -0.41
N ALA H 43 48.74 51.48 -0.94
CA ALA H 43 49.62 52.56 -0.57
C ALA H 43 49.07 53.88 -1.11
N PRO H 44 49.34 54.99 -0.41
CA PRO H 44 48.93 56.30 -0.93
C PRO H 44 49.34 56.55 -2.37
N SER H 45 50.52 56.09 -2.79
CA SER H 45 50.94 56.30 -4.17
C SER H 45 50.06 55.55 -5.15
N VAL H 46 49.50 54.41 -4.74
CA VAL H 46 48.57 53.69 -5.62
C VAL H 46 47.23 54.42 -5.71
N ALA H 47 46.73 54.89 -4.57
CA ALA H 47 45.48 55.65 -4.55
C ALA H 47 45.58 56.90 -5.41
N THR H 48 46.74 57.57 -5.40
CA THR H 48 46.96 58.73 -6.26
C THR H 48 46.89 58.35 -7.73
N GLN H 49 47.48 57.21 -8.11
CA GLN H 49 47.36 56.71 -9.47
C GLN H 49 45.90 56.39 -9.80
N ASP H 50 45.17 55.82 -8.83
CA ASP H 50 43.77 55.47 -9.07
C ASP H 50 42.94 56.70 -9.43
N PHE H 51 43.07 57.78 -8.66
CA PHE H 51 42.32 58.99 -8.95
C PHE H 51 42.75 59.60 -10.28
N ALA H 52 44.05 59.54 -10.59
CA ALA H 52 44.50 60.01 -11.90
C ALA H 52 43.87 59.21 -13.04
N ARG H 53 43.81 57.89 -12.89
CA ARG H 53 43.16 57.08 -13.91
C ARG H 53 41.67 57.44 -14.02
N TYR H 54 41.03 57.72 -12.88
CA TYR H 54 39.60 58.02 -12.91
C TYR H 54 39.35 59.34 -13.63
N LYS H 55 40.14 60.37 -13.31
CA LYS H 55 40.01 61.65 -13.99
C LYS H 55 40.22 61.50 -15.49
N ALA H 56 41.16 60.64 -15.89
CA ALA H 56 41.39 60.40 -17.31
C ALA H 56 40.16 59.78 -17.97
N LEU H 57 39.50 58.84 -17.28
CA LEU H 57 38.39 58.14 -17.93
C LEU H 57 37.10 58.93 -17.88
N ALA H 58 36.89 59.74 -16.84
CA ALA H 58 35.64 60.51 -16.68
C ALA H 58 35.97 61.87 -16.12
N PRO H 59 36.59 62.74 -16.93
CA PRO H 59 37.07 64.03 -16.40
C PRO H 59 35.97 64.97 -15.95
N ASN H 60 34.78 64.91 -16.55
CA ASN H 60 33.67 65.78 -16.17
C ASN H 60 32.82 65.22 -15.05
N ASN H 61 33.24 64.11 -14.44
CA ASN H 61 32.54 63.59 -13.28
C ASN H 61 33.02 64.26 -12.00
N VAL H 62 34.19 64.91 -12.02
CA VAL H 62 34.87 65.34 -10.81
C VAL H 62 35.46 66.74 -10.99
N MET H 63 35.45 67.47 -9.88
CA MET H 63 36.14 68.73 -9.71
C MET H 63 36.93 68.57 -8.42
N TYR H 64 38.02 69.29 -8.28
CA TYR H 64 38.91 69.06 -7.15
C TYR H 64 38.86 70.14 -6.09
N ASP H 65 38.82 69.71 -4.82
CA ASP H 65 38.89 70.62 -3.70
C ASP H 65 40.34 70.68 -3.25
N GLU H 66 40.95 71.85 -3.43
CA GLU H 66 42.37 72.01 -3.13
C GLU H 66 42.61 71.95 -1.62
N LYS H 67 41.71 72.55 -0.83
CA LYS H 67 41.87 72.59 0.62
C LYS H 67 41.97 71.18 1.21
N ARG H 68 40.93 70.35 1.02
CA ARG H 68 40.92 69.04 1.66
C ARG H 68 41.49 67.93 0.78
N ARG H 69 41.95 68.25 -0.42
CA ARG H 69 42.45 67.27 -1.40
C ARG H 69 41.49 66.11 -1.62
N VAL H 70 40.23 66.42 -1.90
CA VAL H 70 39.26 65.41 -2.27
C VAL H 70 38.66 65.82 -3.59
N HIS H 71 38.26 64.85 -4.39
CA HIS H 71 37.54 65.15 -5.62
C HIS H 71 36.05 65.23 -5.31
N LEU H 72 35.40 66.21 -5.90
CA LEU H 72 34.00 66.51 -5.66
C LEU H 72 33.19 66.04 -6.85
N LYS H 73 31.99 65.52 -6.57
CA LYS H 73 31.07 65.18 -7.64
C LYS H 73 30.60 66.44 -8.37
N THR H 74 30.64 66.39 -9.70
CA THR H 74 30.15 67.51 -10.49
C THR H 74 28.63 67.39 -10.67
N SER H 75 28.02 68.45 -11.18
CA SER H 75 26.56 68.39 -11.49
C SER H 75 26.37 67.57 -12.76
N THR H 76 27.45 67.41 -13.54
CA THR H 76 27.39 66.62 -14.80
C THR H 76 27.83 65.18 -14.59
N PHE H 77 27.70 64.65 -13.37
CA PHE H 77 28.19 63.28 -13.08
C PHE H 77 27.42 62.13 -13.72
N GLN H 78 28.07 61.36 -14.60
CA GLN H 78 27.45 60.15 -15.11
C GLN H 78 28.30 58.95 -14.72
N PRO H 79 27.72 57.92 -14.10
CA PRO H 79 28.51 56.79 -13.58
C PRO H 79 29.37 56.15 -14.66
N LEU H 80 30.63 55.88 -14.29
CA LEU H 80 31.57 55.25 -15.21
C LEU H 80 31.26 53.78 -15.45
N PHE H 81 30.53 53.14 -14.53
CA PHE H 81 30.22 51.72 -14.65
C PHE H 81 28.72 51.52 -14.58
N ASP H 82 28.28 50.35 -15.07
CA ASP H 82 26.94 49.88 -14.82
C ASP H 82 26.96 49.14 -13.50
N TYR H 83 25.89 49.31 -12.72
CA TYR H 83 25.82 48.75 -11.40
C TYR H 83 24.78 47.63 -11.35
N ASP H 84 25.14 46.54 -10.69
CA ASP H 84 24.15 45.55 -10.30
C ASP H 84 23.34 46.14 -9.16
N ILE H 85 22.07 46.49 -9.42
CA ILE H 85 21.33 47.28 -8.44
C ILE H 85 21.01 46.45 -7.20
N VAL H 86 20.74 45.15 -7.37
CA VAL H 86 20.47 44.32 -6.21
C VAL H 86 21.70 44.22 -5.32
N ARG H 87 22.86 43.92 -5.92
CA ARG H 87 24.09 43.74 -5.12
C ARG H 87 24.56 45.06 -4.52
N THR H 88 24.40 46.17 -5.26
CA THR H 88 24.77 47.48 -4.74
C THR H 88 23.92 47.84 -3.53
N LEU H 89 22.60 47.63 -3.62
CA LEU H 89 21.75 47.89 -2.46
C LEU H 89 22.09 46.97 -1.30
N ALA H 90 22.54 45.75 -1.58
CA ALA H 90 23.01 44.90 -0.50
C ALA H 90 24.29 45.47 0.12
N THR H 91 25.21 45.91 -0.71
CA THR H 91 26.49 46.39 -0.19
C THR H 91 26.29 47.59 0.74
N ILE H 92 25.45 48.55 0.34
CA ILE H 92 25.31 49.73 1.17
C ILE H 92 24.55 49.42 2.46
N SER H 93 23.80 48.32 2.51
CA SER H 93 23.10 47.91 3.72
C SER H 93 23.78 46.77 4.47
N GLN H 94 24.88 46.25 3.97
CA GLN H 94 25.53 45.13 4.65
C GLN H 94 27.00 45.37 4.93
N GLY H 95 27.75 45.92 3.98
CA GLY H 95 29.18 46.10 4.12
C GLY H 95 29.91 45.75 2.84
N PHE H 96 31.22 46.00 2.79
CA PHE H 96 31.96 45.98 1.54
C PHE H 96 32.56 44.62 1.18
N GLY H 97 32.73 43.68 2.09
CA GLY H 97 33.34 42.42 1.69
C GLY H 97 32.40 41.50 0.89
N ASP H 98 32.88 40.28 0.66
CA ASP H 98 32.01 39.18 0.30
C ASP H 98 31.42 38.50 1.53
N GLY H 99 31.90 38.88 2.72
CA GLY H 99 31.45 38.32 3.97
C GLY H 99 32.37 37.26 4.54
N PHE H 100 33.39 36.85 3.78
CA PHE H 100 34.22 35.71 4.16
C PHE H 100 35.38 36.06 5.09
N LEU H 101 35.61 37.33 5.41
CA LEU H 101 36.70 37.70 6.30
C LEU H 101 36.19 38.30 7.61
N GLY H 102 34.98 37.93 8.01
CA GLY H 102 34.41 38.38 9.27
C GLY H 102 33.31 39.42 9.07
N LYS H 103 32.76 39.82 10.22
CA LYS H 103 31.65 40.75 10.27
C LYS H 103 31.94 42.04 9.52
N VAL H 104 30.95 42.52 8.77
CA VAL H 104 31.03 43.80 8.08
C VAL H 104 29.89 44.69 8.56
N ARG H 105 30.03 45.99 8.32
CA ARG H 105 29.04 46.98 8.74
C ARG H 105 28.69 47.92 7.59
N PRO H 106 27.47 48.43 7.55
CA PRO H 106 27.06 49.33 6.45
C PRO H 106 27.95 50.55 6.36
N PRO H 107 28.31 50.99 5.14
CA PRO H 107 29.20 52.16 5.00
C PRO H 107 28.48 53.49 5.04
N MET H 108 27.26 53.53 5.58
CA MET H 108 26.46 54.75 5.56
C MET H 108 25.25 54.53 6.48
N ALA H 109 24.48 55.60 6.69
CA ALA H 109 23.30 55.52 7.55
C ALA H 109 22.21 54.80 6.77
N CYS H 110 22.32 53.47 6.75
CA CYS H 110 21.39 52.60 6.06
C CYS H 110 21.17 51.36 6.92
N GLU H 111 19.89 51.04 7.19
CA GLU H 111 19.50 49.95 8.07
C GLU H 111 18.63 48.94 7.30
N ALA H 112 18.72 47.69 7.71
CA ALA H 112 17.90 46.61 7.16
C ALA H 112 17.38 45.77 8.32
N PRO H 113 16.33 46.23 9.00
CA PRO H 113 15.92 45.63 10.28
C PRO H 113 15.02 44.40 10.18
N PHE H 114 14.77 43.87 8.98
CA PHE H 114 13.80 42.78 8.80
C PHE H 114 14.40 41.40 8.98
N HIS H 115 15.71 41.29 9.21
CA HIS H 115 16.33 39.99 9.39
C HIS H 115 16.07 39.49 10.81
N LEU H 116 15.53 38.28 10.92
CA LEU H 116 15.56 37.55 12.19
C LEU H 116 16.63 36.51 11.89
N ASN H 117 16.72 35.47 12.72
CA ASN H 117 17.89 34.63 12.71
C ASN H 117 18.07 34.03 11.32
N LYS H 118 19.30 33.63 11.03
CA LYS H 118 19.67 33.05 9.75
C LYS H 118 20.04 31.58 9.89
N PRO H 119 20.02 30.82 8.79
CA PRO H 119 20.50 29.44 8.86
C PRO H 119 21.93 29.39 9.37
N LYS H 120 22.27 28.30 10.02
CA LYS H 120 23.63 28.07 10.48
C LYS H 120 24.56 27.94 9.29
N LEU H 121 25.75 28.52 9.41
CA LEU H 121 26.73 28.46 8.32
C LEU H 121 26.96 27.02 7.86
N GLU H 122 27.12 26.10 8.81
CA GLU H 122 27.43 24.71 8.46
C GLU H 122 26.26 24.03 7.75
N VAL H 123 25.03 24.36 8.12
CA VAL H 123 23.87 23.71 7.52
C VAL H 123 23.72 24.13 6.06
N VAL H 124 23.74 25.44 5.80
CA VAL H 124 23.63 25.93 4.42
C VAL H 124 24.84 25.48 3.60
N ALA H 125 26.02 25.47 4.20
CA ALA H 125 27.21 25.02 3.49
C ALA H 125 27.10 23.55 3.12
N ALA H 126 26.61 22.72 4.04
CA ALA H 126 26.49 21.28 3.78
C ALA H 126 25.46 21.00 2.68
N ILE H 127 24.32 21.69 2.72
CA ILE H 127 23.32 21.52 1.68
C ILE H 127 23.87 22.00 0.34
N SER H 128 24.59 23.12 0.36
CA SER H 128 25.24 23.61 -0.85
C SER H 128 26.23 22.59 -1.40
N GLU H 129 27.03 21.97 -0.53
CA GLU H 129 27.98 20.95 -0.98
C GLU H 129 27.26 19.77 -1.64
N ALA H 130 26.14 19.35 -1.04
CA ALA H 130 25.38 18.24 -1.61
C ALA H 130 24.81 18.59 -2.96
N ILE H 131 24.29 19.82 -3.11
CA ILE H 131 23.78 20.27 -4.40
C ILE H 131 24.90 20.22 -5.44
N HIS H 132 26.07 20.75 -5.07
CA HIS H 132 27.19 20.76 -6.01
C HIS H 132 27.59 19.35 -6.40
N LYS H 133 27.64 18.43 -5.44
CA LYS H 133 28.06 17.06 -5.71
C LYS H 133 26.95 16.15 -6.21
N ARG H 134 25.71 16.66 -6.32
CA ARG H 134 24.59 15.84 -6.79
C ARG H 134 24.43 14.60 -5.92
N ALA H 135 24.54 14.80 -4.61
CA ALA H 135 24.54 13.71 -3.64
C ALA H 135 23.22 13.65 -2.89
N VAL H 136 22.98 12.49 -2.25
CA VAL H 136 21.94 12.32 -1.26
C VAL H 136 22.49 12.70 0.10
N ILE H 137 21.68 13.36 0.91
CA ILE H 137 22.02 13.68 2.29
C ILE H 137 20.89 13.19 3.18
N ASN H 138 21.26 12.71 4.36
CA ASN H 138 20.30 12.49 5.42
C ASN H 138 20.26 13.75 6.27
N ILE H 139 19.06 14.23 6.58
CA ILE H 139 18.90 15.43 7.38
C ILE H 139 17.95 15.11 8.53
N GLU H 140 18.09 15.86 9.61
CA GLU H 140 17.05 15.92 10.64
C GLU H 140 16.25 17.20 10.45
N TYR H 141 14.93 17.07 10.56
CA TYR H 141 14.03 18.17 10.25
C TYR H 141 12.85 18.12 11.20
N THR H 142 12.45 19.28 11.71
CA THR H 142 11.29 19.43 12.57
C THR H 142 10.22 20.18 11.79
N SER H 143 9.19 19.47 11.37
CA SER H 143 8.16 20.05 10.51
C SER H 143 7.01 20.61 11.35
N LEU H 144 6.23 21.51 10.74
CA LEU H 144 5.03 22.02 11.39
C LEU H 144 3.92 20.97 11.47
N SER H 145 3.89 20.04 10.52
CA SER H 145 2.81 19.06 10.42
C SER H 145 3.05 17.87 11.32
N SER H 146 4.31 17.54 11.58
CA SER H 146 4.67 16.40 12.41
C SER H 146 5.70 16.92 13.42
N GLY H 147 6.42 16.02 14.06
CA GLY H 147 7.42 16.42 15.02
C GLY H 147 8.81 16.35 14.44
N HIS H 148 9.78 16.10 15.31
CA HIS H 148 11.16 15.93 14.89
C HIS H 148 11.27 14.62 14.11
N GLY H 149 12.19 14.58 13.16
CA GLY H 149 12.36 13.34 12.44
C GLY H 149 13.56 13.39 11.51
N SER H 150 13.78 12.26 10.83
CA SER H 150 14.85 12.13 9.85
C SER H 150 14.26 11.72 8.51
N ARG H 151 15.02 12.01 7.46
CA ARG H 151 14.69 11.61 6.10
C ARG H 151 15.91 11.91 5.24
N GLN H 152 15.98 11.22 4.11
CA GLN H 152 16.97 11.47 3.07
C GLN H 152 16.35 12.34 2.00
N ILE H 153 17.10 13.33 1.51
CA ILE H 153 16.62 14.19 0.46
C ILE H 153 17.72 14.36 -0.58
N VAL H 154 17.30 14.68 -1.80
CA VAL H 154 18.24 14.94 -2.89
C VAL H 154 18.10 16.41 -3.28
N PRO H 155 18.93 17.29 -2.72
CA PRO H 155 18.76 18.72 -2.96
C PRO H 155 19.32 19.13 -4.32
N HIS H 156 18.67 20.12 -4.93
CA HIS H 156 19.17 20.70 -6.17
C HIS H 156 19.23 22.23 -6.20
N THR H 157 18.51 22.94 -5.34
CA THR H 157 18.55 24.40 -5.33
C THR H 157 18.35 24.92 -3.91
N LEU H 158 19.15 25.93 -3.56
CA LEU H 158 18.94 26.73 -2.36
C LEU H 158 18.14 27.97 -2.73
N ILE H 159 17.19 28.36 -1.90
CA ILE H 159 16.28 29.46 -2.21
C ILE H 159 16.18 30.39 -1.01
N ASP H 160 16.46 31.67 -1.24
CA ASP H 160 16.13 32.74 -0.29
C ASP H 160 14.74 33.24 -0.64
N ASN H 161 13.73 32.84 0.14
CA ASN H 161 12.42 33.45 -0.07
C ASN H 161 12.42 34.72 0.77
N GLY H 162 11.33 35.47 0.79
CA GLY H 162 11.32 36.67 1.61
C GLY H 162 11.76 36.54 3.06
N LEU H 163 11.26 35.52 3.75
CA LEU H 163 11.28 35.46 5.21
C LEU H 163 12.33 34.49 5.74
N ARG H 164 12.40 33.28 5.19
CA ARG H 164 13.38 32.30 5.64
C ARG H 164 14.14 31.78 4.42
N TRP H 165 15.10 30.91 4.68
CA TRP H 165 15.78 30.15 3.64
C TRP H 165 15.26 28.73 3.59
N HIS H 166 15.09 28.19 2.38
CA HIS H 166 14.77 26.77 2.23
C HIS H 166 15.56 26.17 1.07
N VAL H 167 15.56 24.84 1.01
CA VAL H 167 16.18 24.08 -0.06
C VAL H 167 15.11 23.29 -0.81
N ARG H 168 15.18 23.33 -2.14
CA ARG H 168 14.31 22.50 -2.97
C ARG H 168 14.98 21.15 -3.17
N ALA H 169 14.27 20.08 -2.85
CA ALA H 169 14.89 18.76 -2.85
C ALA H 169 13.82 17.70 -3.09
N PHE H 170 14.28 16.54 -3.55
CA PHE H 170 13.45 15.35 -3.58
C PHE H 170 13.47 14.70 -2.20
N ASP H 171 12.30 14.60 -1.58
CA ASP H 171 12.15 14.02 -0.25
C ASP H 171 11.95 12.52 -0.37
N ARG H 172 12.90 11.72 0.13
CA ARG H 172 12.78 10.27 0.07
C ARG H 172 11.80 9.70 1.09
N LYS H 173 11.41 10.47 2.10
CA LYS H 173 10.41 9.97 3.03
C LYS H 173 9.07 9.73 2.33
N HIS H 174 8.58 10.73 1.58
CA HIS H 174 7.34 10.62 0.84
C HIS H 174 7.53 10.62 -0.68
N ARG H 175 8.78 10.59 -1.15
CA ARG H 175 9.16 10.52 -2.57
C ARG H 175 8.44 11.57 -3.40
N GLU H 176 8.72 12.83 -3.08
CA GLU H 176 8.15 13.99 -3.74
C GLU H 176 9.14 15.13 -3.65
N PHE H 177 9.08 16.04 -4.64
CA PHE H 177 9.82 17.28 -4.56
C PHE H 177 9.12 18.24 -3.60
N ARG H 178 9.90 19.00 -2.83
CA ARG H 178 9.37 19.66 -1.64
C ARG H 178 10.39 20.68 -1.14
N ASP H 179 9.90 21.64 -0.38
CA ASP H 179 10.75 22.64 0.27
C ASP H 179 11.06 22.21 1.70
N PHE H 180 12.29 22.46 2.14
CA PHE H 180 12.70 22.25 3.54
C PHE H 180 13.31 23.54 4.07
N VAL H 181 12.72 24.10 5.13
CA VAL H 181 13.23 25.34 5.72
C VAL H 181 14.58 25.08 6.36
N LEU H 182 15.61 25.84 5.96
CA LEU H 182 16.97 25.58 6.42
C LEU H 182 17.12 25.77 7.92
N THR H 183 16.41 26.72 8.51
CA THR H 183 16.55 26.92 9.95
C THR H 183 15.89 25.83 10.77
N ARG H 184 15.20 24.88 10.14
CA ARG H 184 14.64 23.72 10.84
C ARG H 184 15.42 22.44 10.57
N ILE H 185 16.54 22.51 9.85
CA ILE H 185 17.40 21.36 9.64
C ILE H 185 18.49 21.37 10.71
N SER H 186 18.62 20.27 11.45
CA SER H 186 19.49 20.20 12.62
C SER H 186 20.79 19.46 12.36
N GLU H 187 20.77 18.43 11.54
CA GLU H 187 21.98 17.71 11.17
C GLU H 187 21.92 17.45 9.67
N VAL H 188 23.08 17.52 9.02
CA VAL H 188 23.20 17.21 7.60
C VAL H 188 24.36 16.25 7.46
N GLU H 189 24.12 15.15 6.76
CA GLU H 189 25.12 14.11 6.56
C GLU H 189 25.17 13.76 5.07
N LEU H 190 26.31 14.00 4.44
CA LEU H 190 26.48 13.61 3.04
C LEU H 190 26.51 12.09 2.93
N LEU H 191 25.70 11.54 2.03
CA LEU H 191 25.64 10.10 1.86
C LEU H 191 26.22 9.71 0.50
N GLU H 192 26.60 8.44 0.42
CA GLU H 192 27.12 7.83 -0.79
C GLU H 192 26.04 7.11 -1.58
N ASP H 193 24.82 7.06 -1.04
CA ASP H 193 23.72 6.42 -1.75
C ASP H 193 23.57 7.06 -3.13
N LYS H 194 23.23 6.24 -4.11
CA LYS H 194 23.13 6.72 -5.48
C LYS H 194 21.82 7.48 -5.66
N VAL H 195 21.89 8.53 -6.48
CA VAL H 195 20.70 9.28 -6.87
C VAL H 195 20.05 8.56 -8.04
N ASN H 196 18.74 8.38 -7.97
CA ASN H 196 17.98 7.84 -9.11
C ASN H 196 17.66 9.00 -10.06
N ASP H 197 18.51 9.17 -11.06
CA ASP H 197 18.43 10.29 -11.99
C ASP H 197 17.24 10.18 -12.98
N GLU H 198 16.32 9.24 -12.81
CA GLU H 198 15.09 9.21 -13.59
C GLU H 198 13.88 9.69 -12.79
N VAL H 199 14.05 9.97 -11.49
CA VAL H 199 12.93 10.38 -10.65
C VAL H 199 13.32 11.57 -9.78
N GLU H 200 14.58 11.59 -9.31
CA GLU H 200 14.98 12.44 -8.19
C GLU H 200 15.74 13.71 -8.57
N THR H 201 16.11 13.88 -9.84
CA THR H 201 16.91 15.04 -10.24
C THR H 201 16.02 16.20 -10.66
N LEU H 202 16.67 17.35 -10.91
CA LEU H 202 15.93 18.60 -11.12
C LEU H 202 14.98 18.52 -12.31
N GLN H 203 15.38 17.84 -13.38
CA GLN H 203 14.56 17.84 -14.60
C GLN H 203 13.17 17.26 -14.38
N TRP H 204 12.98 16.45 -13.34
CA TRP H 204 11.68 15.83 -13.08
C TRP H 204 10.81 16.65 -12.15
N ASP H 205 11.32 17.76 -11.61
CA ASP H 205 10.56 18.55 -10.63
C ASP H 205 9.57 19.42 -11.40
N LYS H 206 8.34 18.93 -11.53
CA LYS H 206 7.33 19.55 -12.37
C LYS H 206 6.88 20.91 -11.83
N GLN H 207 6.63 21.02 -10.52
CA GLN H 207 6.22 22.30 -9.93
C GLN H 207 7.33 23.35 -10.01
N TRP H 208 8.59 22.91 -9.95
CA TRP H 208 9.73 23.81 -10.05
C TRP H 208 9.92 24.33 -11.48
N ASN H 209 9.80 23.45 -12.47
CA ASN H 209 10.13 23.80 -13.86
C ASN H 209 8.99 24.50 -14.59
N ARG H 210 7.77 24.41 -14.10
CA ARG H 210 6.67 25.13 -14.73
C ARG H 210 6.78 26.62 -14.39
N ILE H 211 6.92 27.45 -15.41
CA ILE H 211 6.93 28.89 -15.23
C ILE H 211 5.52 29.40 -15.49
N VAL H 212 4.89 29.93 -14.44
CA VAL H 212 3.57 30.52 -14.52
C VAL H 212 3.73 32.03 -14.56
N GLU H 213 3.00 32.69 -15.45
CA GLU H 213 3.17 34.12 -15.67
C GLU H 213 1.98 34.89 -15.08
N LEU H 214 2.22 35.49 -13.92
CA LEU H 214 1.19 36.23 -13.18
C LEU H 214 1.25 37.68 -13.59
N GLU H 215 0.07 38.31 -13.70
CA GLU H 215 -0.06 39.70 -14.11
C GLU H 215 -0.65 40.53 -12.97
N LEU H 216 0.16 41.45 -12.43
CA LEU H 216 -0.20 42.26 -11.27
C LEU H 216 -0.72 43.63 -11.71
N ILE H 217 -1.73 44.11 -11.01
CA ILE H 217 -2.40 45.36 -11.39
C ILE H 217 -2.52 46.22 -10.15
N PRO H 218 -2.61 47.54 -10.32
CA PRO H 218 -2.95 48.39 -9.16
C PRO H 218 -4.31 47.98 -8.63
N HIS H 219 -4.43 47.91 -7.31
CA HIS H 219 -5.68 47.47 -6.72
C HIS H 219 -6.79 48.48 -7.03
N PRO H 220 -8.02 48.08 -7.46
CA PRO H 220 -9.04 49.05 -7.85
C PRO H 220 -9.54 49.95 -6.72
N LYS H 221 -9.22 49.63 -5.48
CA LYS H 221 -9.75 50.42 -4.35
C LYS H 221 -8.84 51.60 -4.05
N LEU H 222 -7.82 51.84 -4.88
CA LEU H 222 -6.85 52.91 -4.57
C LEU H 222 -7.31 54.24 -5.17
N ALA H 223 -7.32 55.29 -4.36
CA ALA H 223 -7.73 56.62 -4.83
C ALA H 223 -6.69 57.20 -5.80
N HIS H 224 -5.40 56.99 -5.54
CA HIS H 224 -4.36 57.44 -6.49
C HIS H 224 -3.54 56.24 -6.96
N PRO H 225 -3.98 55.50 -8.00
CA PRO H 225 -3.26 54.31 -8.47
C PRO H 225 -1.96 54.63 -9.22
N GLU H 226 -1.68 55.90 -9.49
CA GLU H 226 -0.46 56.32 -10.20
C GLU H 226 0.76 56.05 -9.32
N ALA H 227 0.55 56.06 -8.00
CA ALA H 227 1.65 55.80 -7.04
C ALA H 227 2.14 54.37 -7.20
N VAL H 228 1.22 53.46 -7.46
CA VAL H 228 1.59 52.02 -7.58
C VAL H 228 2.22 51.80 -8.96
N LEU H 229 1.80 52.60 -9.93
CA LEU H 229 2.37 52.47 -11.29
C LEU H 229 3.87 52.81 -11.24
N ILE H 230 4.25 53.86 -10.52
CA ILE H 230 5.68 54.25 -10.44
C ILE H 230 6.39 53.31 -9.45
N ASP H 231 5.76 52.99 -8.32
CA ASP H 231 6.34 52.09 -7.29
C ASP H 231 6.83 50.80 -7.94
N TYR H 232 6.04 50.22 -8.85
CA TYR H 232 6.42 48.90 -9.40
C TYR H 232 6.85 49.02 -10.85
N ALA H 233 7.13 50.23 -11.33
CA ALA H 233 7.61 50.45 -12.72
C ALA H 233 6.68 49.73 -13.68
N MET H 234 5.38 50.02 -13.59
CA MET H 234 4.39 49.27 -14.41
C MET H 234 4.24 49.89 -15.79
N GLU H 235 4.22 49.07 -16.83
CA GLU H 235 3.94 49.58 -18.20
C GLU H 235 2.58 49.00 -18.58
N ASN H 236 1.79 49.73 -19.38
CA ASN H 236 0.43 49.27 -19.75
C ASN H 236 -0.39 49.02 -18.46
N ASN H 237 -0.19 49.85 -17.44
CA ASN H 237 -0.94 49.74 -16.15
C ASN H 237 -0.89 48.31 -15.59
N ARG H 238 0.23 47.60 -15.78
CA ARG H 238 0.31 46.19 -15.33
C ARG H 238 1.78 45.77 -15.14
N LEU H 239 2.05 44.85 -14.22
CA LEU H 239 3.44 44.32 -14.08
C LEU H 239 3.44 42.82 -14.36
N ARG H 240 4.18 42.40 -15.39
CA ARG H 240 4.23 40.97 -15.75
C ARG H 240 5.37 40.31 -14.99
N VAL H 241 5.06 39.25 -14.24
CA VAL H 241 6.09 38.56 -13.41
C VAL H 241 6.13 37.08 -13.80
N GLU H 242 7.30 36.57 -14.16
CA GLU H 242 7.44 35.16 -14.50
C GLU H 242 8.11 34.48 -13.32
N ILE H 243 7.41 33.54 -12.68
CA ILE H 243 7.93 32.86 -11.50
C ILE H 243 7.63 31.37 -11.57
N ARG H 244 8.50 30.59 -10.91
CA ARG H 244 8.24 29.18 -10.74
C ARG H 244 6.97 28.97 -9.94
N ALA H 245 6.20 27.93 -10.32
CA ALA H 245 5.00 27.57 -9.56
C ALA H 245 5.30 27.33 -8.08
N ALA H 246 6.44 26.69 -7.79
CA ALA H 246 6.82 26.42 -6.40
C ALA H 246 7.02 27.68 -5.56
N PHE H 247 7.15 28.85 -6.20
CA PHE H 247 7.28 30.12 -5.51
C PHE H 247 5.97 30.88 -5.39
N ALA H 248 4.95 30.50 -6.16
CA ALA H 248 3.77 31.34 -6.34
C ALA H 248 3.09 31.63 -5.01
N GLY H 249 2.91 30.60 -4.19
CA GLY H 249 2.31 30.78 -2.87
C GLY H 249 3.02 31.77 -1.99
N TYR H 250 4.30 31.51 -1.67
CA TYR H 250 5.14 32.45 -0.93
C TYR H 250 4.97 33.88 -1.42
N LEU H 251 5.22 34.08 -2.72
CA LEU H 251 5.45 35.43 -3.23
C LEU H 251 4.17 36.23 -3.26
N LEU H 252 3.05 35.62 -3.64
CA LEU H 252 1.79 36.34 -3.64
C LEU H 252 1.41 36.77 -2.23
N ARG H 253 1.75 35.95 -1.23
CA ARG H 253 1.51 36.32 0.16
C ARG H 253 2.48 37.41 0.61
N LEU H 254 3.78 37.22 0.34
CA LEU H 254 4.78 38.20 0.74
C LEU H 254 4.50 39.57 0.12
N TRP H 255 4.20 39.59 -1.18
CA TRP H 255 3.94 40.84 -1.91
C TRP H 255 2.56 41.42 -1.62
N ASN H 256 1.73 40.75 -0.81
CA ASN H 256 0.40 41.23 -0.47
C ASN H 256 -0.43 41.41 -1.74
N ILE H 257 -0.50 40.36 -2.55
CA ILE H 257 -1.33 40.44 -3.78
C ILE H 257 -2.75 39.96 -3.47
N ASP H 258 -3.76 40.78 -3.77
CA ASP H 258 -5.17 40.35 -3.58
C ASP H 258 -5.53 39.46 -4.76
N CYS H 259 -5.53 38.14 -4.55
CA CYS H 259 -5.80 37.22 -5.68
C CYS H 259 -7.27 36.84 -5.67
N SER H 260 -8.15 37.81 -5.44
CA SER H 260 -9.61 37.57 -5.42
C SER H 260 -10.13 37.51 -6.85
N GLU H 269 -5.16 47.83 2.97
CA GLU H 269 -3.71 48.04 2.72
C GLU H 269 -3.25 47.18 1.54
N PHE H 270 -4.17 46.77 0.66
CA PHE H 270 -3.80 45.98 -0.54
C PHE H 270 -3.49 46.96 -1.67
N HIS H 271 -2.26 46.93 -2.18
CA HIS H 271 -1.87 47.91 -3.23
C HIS H 271 -1.80 47.21 -4.59
N LEU H 272 -1.77 45.88 -4.60
CA LEU H 272 -1.79 45.17 -5.87
C LEU H 272 -2.85 44.08 -5.86
N ALA H 273 -3.41 43.83 -7.04
CA ALA H 273 -4.31 42.70 -7.25
C ALA H 273 -3.77 41.82 -8.38
N LEU H 274 -4.00 40.51 -8.28
CA LEU H 274 -3.64 39.57 -9.33
C LEU H 274 -4.78 39.54 -10.35
N LYS H 275 -4.52 40.04 -11.57
CA LYS H 275 -5.60 40.12 -12.56
C LYS H 275 -6.03 38.76 -13.07
N ASN H 276 -5.10 37.81 -13.19
CA ASN H 276 -5.37 36.55 -13.88
C ASN H 276 -5.08 35.38 -12.96
N PRO H 277 -5.91 35.19 -11.91
CA PRO H 277 -5.73 34.03 -11.04
C PRO H 277 -5.86 32.69 -11.75
N GLU H 278 -6.38 32.68 -12.99
CA GLU H 278 -6.46 31.46 -13.79
C GLU H 278 -5.11 30.76 -13.97
N ALA H 279 -4.00 31.49 -13.86
CA ALA H 279 -2.69 30.88 -14.04
C ALA H 279 -2.35 29.91 -12.92
N LEU H 280 -3.17 29.85 -11.87
CA LEU H 280 -2.93 29.03 -10.70
C LEU H 280 -3.60 27.65 -10.83
#